data_5X3Z
#
_entry.id   5X3Z
#
loop_
_entity.id
_entity.type
_entity.pdbx_description
1 polymer 'RNA-binding protein Musashi homolog 1'
2 polymer "RNA (5'-R(*GP*UP*AP*GP*U)-3')"
#
loop_
_entity_poly.entity_id
_entity_poly.type
_entity_poly.pdbx_seq_one_letter_code
_entity_poly.pdbx_strand_id
1 'polypeptide(L)'
;GSHMKKIFVGGLSVNTTVEDVKHYFEQFGKVDDAMLMFDKTTNRHRGFGFVTFESEDIVEKVCEIHFHEINNKMVECKKA
QPKEVMSPTGSARGRS
;
A
2 'polyribonucleotide' GUAGU B
#
loop_
_chem_comp.id
_chem_comp.type
_chem_comp.name
_chem_comp.formula
A RNA linking ADENOSINE-5'-MONOPHOSPHATE 'C10 H14 N5 O7 P'
G RNA linking GUANOSINE-5'-MONOPHOSPHATE 'C10 H14 N5 O8 P'
U RNA linking URIDINE-5'-MONOPHOSPHATE 'C9 H13 N2 O9 P'
#
# COMPACT_ATOMS: atom_id res chain seq x y z
N GLY A 1 13.21 6.69 -11.90
CA GLY A 1 13.33 5.43 -12.66
C GLY A 1 11.99 4.72 -12.80
N SER A 2 12.01 3.42 -13.14
CA SER A 2 10.83 2.60 -13.44
C SER A 2 9.89 2.35 -12.25
N HIS A 3 10.42 2.44 -11.02
CA HIS A 3 9.68 2.23 -9.76
C HIS A 3 10.26 3.09 -8.62
N MET A 4 9.42 3.42 -7.64
CA MET A 4 9.84 4.02 -6.37
C MET A 4 10.24 2.93 -5.36
N LYS A 5 11.07 3.25 -4.35
CA LYS A 5 11.44 2.37 -3.23
C LYS A 5 10.31 2.23 -2.19
N LYS A 6 9.09 1.98 -2.69
CA LYS A 6 7.81 2.03 -2.00
C LYS A 6 6.82 1.05 -2.65
N ILE A 7 5.92 0.46 -1.89
CA ILE A 7 4.83 -0.39 -2.41
C ILE A 7 3.47 0.31 -2.27
N PHE A 8 2.57 -0.07 -3.18
CA PHE A 8 1.13 0.17 -3.13
C PHE A 8 0.57 -1.00 -2.30
N VAL A 9 -0.47 -0.76 -1.50
CA VAL A 9 -1.25 -1.77 -0.77
C VAL A 9 -2.74 -1.51 -0.97
N GLY A 10 -3.43 -2.38 -1.71
CA GLY A 10 -4.85 -2.22 -2.06
C GLY A 10 -5.74 -3.33 -1.50
N GLY A 11 -7.01 -3.00 -1.22
CA GLY A 11 -8.00 -3.93 -0.65
C GLY A 11 -8.08 -3.90 0.88
N LEU A 12 -7.52 -2.87 1.53
CA LEU A 12 -7.47 -2.72 2.99
C LEU A 12 -8.87 -2.59 3.60
N SER A 13 -9.13 -3.33 4.69
CA SER A 13 -10.35 -3.20 5.49
C SER A 13 -10.48 -1.80 6.10
N VAL A 14 -11.73 -1.33 6.28
CA VAL A 14 -12.06 -0.10 7.00
C VAL A 14 -11.59 -0.09 8.47
N ASN A 15 -11.44 -1.28 9.07
CA ASN A 15 -10.92 -1.46 10.41
C ASN A 15 -9.39 -1.25 10.50
N THR A 16 -8.67 -1.50 9.40
CA THR A 16 -7.20 -1.37 9.31
C THR A 16 -6.68 0.05 9.29
N THR A 17 -5.73 0.33 10.18
CA THR A 17 -5.01 1.62 10.29
C THR A 17 -3.68 1.71 9.56
N VAL A 18 -3.16 2.93 9.40
CA VAL A 18 -1.79 3.16 8.93
C VAL A 18 -0.72 2.51 9.82
N GLU A 19 -0.95 2.48 11.14
CA GLU A 19 -0.05 1.85 12.10
C GLU A 19 -0.14 0.31 12.04
N ASP A 20 -1.35 -0.25 11.82
CA ASP A 20 -1.50 -1.69 11.53
C ASP A 20 -0.64 -2.15 10.35
N VAL A 21 -0.67 -1.37 9.26
CA VAL A 21 0.09 -1.63 8.02
C VAL A 21 1.60 -1.45 8.30
N LYS A 22 2.01 -0.35 8.95
CA LYS A 22 3.42 -0.05 9.24
C LYS A 22 4.07 -1.10 10.14
N HIS A 23 3.39 -1.56 11.18
CA HIS A 23 3.85 -2.64 12.06
C HIS A 23 3.78 -4.03 11.40
N TYR A 24 2.86 -4.26 10.47
CA TYR A 24 2.79 -5.52 9.72
C TYR A 24 3.95 -5.75 8.74
N PHE A 25 4.24 -4.77 7.88
CA PHE A 25 5.31 -4.88 6.88
C PHE A 25 6.76 -4.99 7.39
N GLU A 26 6.99 -4.56 8.63
CA GLU A 26 8.24 -4.75 9.39
C GLU A 26 8.69 -6.23 9.53
N GLN A 27 7.80 -7.21 9.33
CA GLN A 27 8.16 -8.64 9.38
C GLN A 27 9.12 -9.05 8.26
N PHE A 28 9.07 -8.38 7.09
CA PHE A 28 9.88 -8.70 5.92
C PHE A 28 11.24 -8.00 5.94
N GLY A 29 11.27 -6.78 6.48
CA GLY A 29 12.43 -5.89 6.59
C GLY A 29 12.00 -4.49 7.04
N LYS A 30 12.95 -3.62 7.36
CA LYS A 30 12.68 -2.33 8.02
C LYS A 30 11.89 -1.38 7.11
N VAL A 31 10.87 -0.77 7.70
CA VAL A 31 9.90 0.13 7.05
C VAL A 31 10.28 1.58 7.35
N ASP A 32 10.43 2.41 6.32
CA ASP A 32 10.68 3.84 6.48
C ASP A 32 9.45 4.63 6.99
N ASP A 33 8.30 4.48 6.33
CA ASP A 33 7.02 5.07 6.76
C ASP A 33 5.85 4.39 6.01
N ALA A 34 4.62 4.72 6.39
CA ALA A 34 3.38 4.32 5.72
C ALA A 34 2.36 5.47 5.63
N MET A 35 1.44 5.39 4.68
CA MET A 35 0.33 6.35 4.49
C MET A 35 -0.90 5.65 3.86
N LEU A 36 -2.10 5.88 4.40
CA LEU A 36 -3.36 5.45 3.77
C LEU A 36 -4.09 6.66 3.16
N MET A 37 -4.86 6.43 2.09
CA MET A 37 -5.50 7.51 1.33
C MET A 37 -6.78 8.02 2.01
N PHE A 38 -6.64 8.75 3.11
CA PHE A 38 -7.75 9.38 3.85
C PHE A 38 -8.59 10.43 3.11
N ASP A 39 -9.92 10.37 3.29
CA ASP A 39 -10.89 11.34 2.75
C ASP A 39 -11.69 12.06 3.86
N LYS A 40 -11.47 13.37 4.02
CA LYS A 40 -12.09 14.16 5.10
C LYS A 40 -13.62 14.25 5.00
N THR A 41 -14.21 13.97 3.84
CA THR A 41 -15.66 13.80 3.65
C THR A 41 -16.33 12.69 4.48
N THR A 42 -15.56 11.67 4.87
CA THR A 42 -16.00 10.56 5.74
C THR A 42 -15.11 10.21 6.93
N ASN A 43 -13.87 10.72 6.96
CA ASN A 43 -12.79 10.39 7.90
C ASN A 43 -12.27 8.93 7.80
N ARG A 44 -12.64 8.18 6.76
CA ARG A 44 -12.08 6.85 6.41
C ARG A 44 -11.09 6.95 5.23
N HIS A 45 -10.33 5.88 4.98
CA HIS A 45 -9.44 5.76 3.81
C HIS A 45 -10.12 5.10 2.60
N ARG A 46 -9.59 5.37 1.41
CA ARG A 46 -10.07 4.93 0.09
C ARG A 46 -9.80 3.42 -0.19
N GLY A 47 -9.59 2.60 0.84
CA GLY A 47 -9.33 1.16 0.70
C GLY A 47 -7.93 0.80 0.17
N PHE A 48 -7.03 1.77 0.01
CA PHE A 48 -5.63 1.52 -0.38
C PHE A 48 -4.71 2.57 0.28
N GLY A 49 -3.41 2.29 0.21
CA GLY A 49 -2.34 3.17 0.68
C GLY A 49 -0.96 2.76 0.17
N PHE A 50 0.09 3.31 0.78
CA PHE A 50 1.50 3.08 0.45
C PHE A 50 2.39 2.76 1.66
N VAL A 51 3.48 2.01 1.43
CA VAL A 51 4.52 1.71 2.43
C VAL A 51 5.93 1.89 1.84
N THR A 52 6.71 2.80 2.43
CA THR A 52 8.11 3.10 2.09
C THR A 52 9.12 2.25 2.86
N PHE A 53 10.25 1.87 2.23
CA PHE A 53 11.20 0.89 2.77
C PHE A 53 12.61 1.39 3.09
N GLU A 54 13.34 0.61 3.89
CA GLU A 54 14.78 0.83 4.10
C GLU A 54 15.58 0.47 2.84
N SER A 55 15.21 -0.62 2.15
CA SER A 55 15.86 -1.11 0.92
C SER A 55 14.86 -1.62 -0.11
N GLU A 56 15.14 -1.41 -1.40
CA GLU A 56 14.34 -2.01 -2.48
C GLU A 56 14.45 -3.54 -2.54
N ASP A 57 15.47 -4.14 -1.91
CA ASP A 57 15.51 -5.58 -1.71
C ASP A 57 14.34 -6.14 -0.87
N ILE A 58 13.83 -5.34 0.08
CA ILE A 58 12.59 -5.65 0.80
C ILE A 58 11.37 -5.37 -0.08
N VAL A 59 11.35 -4.26 -0.83
CA VAL A 59 10.23 -3.95 -1.75
C VAL A 59 10.00 -5.13 -2.70
N GLU A 60 11.07 -5.71 -3.27
CA GLU A 60 11.03 -6.93 -4.08
C GLU A 60 10.49 -8.15 -3.31
N LYS A 61 11.03 -8.42 -2.10
CA LYS A 61 10.63 -9.55 -1.23
C LYS A 61 9.15 -9.53 -0.89
N VAL A 62 8.63 -8.35 -0.54
CA VAL A 62 7.21 -8.08 -0.24
C VAL A 62 6.35 -8.20 -1.51
N CYS A 63 6.78 -7.61 -2.63
CA CYS A 63 6.04 -7.69 -3.89
C CYS A 63 5.97 -9.10 -4.51
N GLU A 64 6.98 -9.94 -4.32
CA GLU A 64 7.02 -11.33 -4.77
C GLU A 64 5.94 -12.21 -4.11
N ILE A 65 5.56 -11.91 -2.87
CA ILE A 65 4.44 -12.55 -2.15
C ILE A 65 3.08 -12.18 -2.78
N HIS A 66 2.97 -10.95 -3.29
CA HIS A 66 1.83 -10.36 -4.03
C HIS A 66 0.54 -10.20 -3.21
N PHE A 67 -0.01 -11.28 -2.67
CA PHE A 67 -1.11 -11.27 -1.70
C PHE A 67 -0.74 -11.48 -0.22
N HIS A 68 -0.99 -10.47 0.60
CA HIS A 68 -0.75 -10.42 2.04
C HIS A 68 -2.06 -10.44 2.83
N GLU A 69 -2.02 -10.53 4.16
CA GLU A 69 -3.23 -10.62 5.00
C GLU A 69 -3.11 -9.80 6.30
N ILE A 70 -4.04 -8.87 6.52
CA ILE A 70 -4.07 -7.91 7.64
C ILE A 70 -5.49 -7.81 8.19
N ASN A 71 -5.67 -7.88 9.52
CA ASN A 71 -6.98 -7.86 10.20
C ASN A 71 -8.01 -8.87 9.63
N ASN A 72 -7.54 -10.09 9.32
CA ASN A 72 -8.32 -11.20 8.76
C ASN A 72 -8.94 -10.90 7.37
N LYS A 73 -8.36 -9.96 6.60
CA LYS A 73 -8.68 -9.70 5.18
C LYS A 73 -7.40 -9.68 4.34
N MET A 74 -7.52 -10.00 3.05
CA MET A 74 -6.37 -10.05 2.12
C MET A 74 -6.18 -8.74 1.35
N VAL A 75 -4.92 -8.39 1.10
CA VAL A 75 -4.49 -7.16 0.41
C VAL A 75 -3.44 -7.44 -0.66
N GLU A 76 -3.51 -6.68 -1.73
CA GLU A 76 -2.60 -6.78 -2.88
C GLU A 76 -1.45 -5.77 -2.74
N CYS A 77 -0.21 -6.26 -2.73
CA CYS A 77 1.00 -5.43 -2.70
C CYS A 77 1.71 -5.42 -4.06
N LYS A 78 2.06 -4.21 -4.53
CA LYS A 78 2.64 -3.94 -5.87
C LYS A 78 3.70 -2.84 -5.75
N LYS A 79 4.66 -2.75 -6.68
CA LYS A 79 5.58 -1.60 -6.74
C LYS A 79 4.82 -0.29 -6.97
N ALA A 80 5.15 0.77 -6.23
CA ALA A 80 4.55 2.08 -6.43
C ALA A 80 5.03 2.71 -7.75
N GLN A 81 4.09 2.96 -8.68
CA GLN A 81 4.32 3.61 -9.97
C GLN A 81 4.75 5.08 -9.79
N PRO A 82 5.61 5.65 -10.68
CA PRO A 82 6.30 6.93 -10.50
C PRO A 82 5.49 8.24 -10.69
N LYS A 83 4.23 8.21 -10.27
CA LYS A 83 3.22 9.31 -10.27
C LYS A 83 2.84 9.95 -11.61
N GLU A 84 3.61 9.74 -12.67
CA GLU A 84 3.28 10.18 -14.03
C GLU A 84 1.99 9.51 -14.55
N VAL A 85 1.74 8.29 -14.09
CA VAL A 85 0.53 7.48 -14.36
C VAL A 85 -0.76 8.04 -13.72
N MET A 86 -0.69 9.10 -12.91
CA MET A 86 -1.87 9.84 -12.43
C MET A 86 -2.57 10.64 -13.54
N SER A 87 -1.93 10.80 -14.70
CA SER A 87 -2.53 11.36 -15.93
C SER A 87 -3.78 10.58 -16.37
N PRO A 88 -4.79 11.20 -17.01
CA PRO A 88 -5.98 10.51 -17.53
C PRO A 88 -5.69 9.34 -18.49
N THR A 89 -4.50 9.29 -19.10
CA THR A 89 -4.01 8.15 -19.90
C THR A 89 -3.63 6.88 -19.11
N GLY A 90 -3.48 6.98 -17.77
CA GLY A 90 -3.04 5.88 -16.89
C GLY A 90 -3.79 5.76 -15.55
N SER A 91 -4.60 6.75 -15.15
CA SER A 91 -5.26 6.79 -13.83
C SER A 91 -6.24 5.64 -13.56
N ALA A 92 -6.74 4.98 -14.61
CA ALA A 92 -7.50 3.74 -14.54
C ALA A 92 -6.58 2.50 -14.32
N ARG A 93 -5.76 2.54 -13.26
CA ARG A 93 -4.77 1.52 -12.83
C ARG A 93 -3.85 1.00 -13.95
N GLY A 94 -3.52 1.87 -14.92
CA GLY A 94 -2.79 1.54 -16.15
C GLY A 94 -1.27 1.49 -16.02
N ARG A 95 -0.62 1.02 -17.10
CA ARG A 95 0.84 0.96 -17.30
C ARG A 95 1.23 1.45 -18.71
N SER A 96 2.43 2.03 -18.84
CA SER A 96 2.98 2.58 -20.09
C SER A 96 3.21 1.53 -21.18
N GLY A 1 20.25 11.90 -5.75
CA GLY A 1 20.07 10.43 -5.82
C GLY A 1 18.60 10.04 -5.86
N SER A 2 18.32 8.76 -6.09
CA SER A 2 16.96 8.17 -6.14
C SER A 2 16.96 6.67 -5.77
N HIS A 3 15.78 6.14 -5.45
CA HIS A 3 15.55 4.74 -5.06
C HIS A 3 14.12 4.28 -5.40
N MET A 4 13.82 2.99 -5.18
CA MET A 4 12.52 2.36 -5.41
C MET A 4 11.98 1.69 -4.13
N LYS A 5 12.25 2.28 -2.94
CA LYS A 5 11.90 1.69 -1.62
C LYS A 5 10.41 1.74 -1.23
N LYS A 6 9.53 2.32 -2.05
CA LYS A 6 8.10 2.50 -1.74
C LYS A 6 7.19 1.52 -2.51
N ILE A 7 6.25 0.89 -1.80
CA ILE A 7 5.15 0.09 -2.36
C ILE A 7 3.79 0.77 -2.15
N PHE A 8 2.87 0.43 -3.03
CA PHE A 8 1.43 0.67 -2.93
C PHE A 8 0.79 -0.61 -2.38
N VAL A 9 -0.23 -0.48 -1.52
CA VAL A 9 -0.97 -1.59 -0.91
C VAL A 9 -2.47 -1.32 -1.00
N GLY A 10 -3.18 -2.10 -1.82
CA GLY A 10 -4.63 -1.98 -2.04
C GLY A 10 -5.45 -3.13 -1.42
N GLY A 11 -6.71 -2.87 -1.09
CA GLY A 11 -7.67 -3.85 -0.55
C GLY A 11 -7.79 -3.86 0.99
N LEU A 12 -7.20 -2.88 1.67
CA LEU A 12 -7.30 -2.68 3.13
C LEU A 12 -8.75 -2.39 3.55
N SER A 13 -9.19 -2.94 4.69
CA SER A 13 -10.45 -2.53 5.31
C SER A 13 -10.38 -1.10 5.82
N VAL A 14 -11.48 -0.33 5.69
CA VAL A 14 -11.58 1.04 6.24
C VAL A 14 -11.44 1.15 7.76
N ASN A 15 -11.47 0.03 8.50
CA ASN A 15 -11.14 -0.06 9.93
C ASN A 15 -9.63 -0.26 10.22
N THR A 16 -8.82 -0.59 9.21
CA THR A 16 -7.36 -0.77 9.33
C THR A 16 -6.63 0.55 9.47
N THR A 17 -5.72 0.66 10.43
CA THR A 17 -4.87 1.83 10.63
C THR A 17 -3.56 1.87 9.84
N VAL A 18 -2.97 3.06 9.72
CA VAL A 18 -1.60 3.21 9.17
C VAL A 18 -0.54 2.47 10.01
N GLU A 19 -0.73 2.41 11.33
CA GLU A 19 0.16 1.68 12.24
C GLU A 19 -0.03 0.16 12.13
N ASP A 20 -1.25 -0.34 11.88
CA ASP A 20 -1.48 -1.75 11.54
C ASP A 20 -0.66 -2.20 10.33
N VAL A 21 -0.67 -1.38 9.26
CA VAL A 21 0.07 -1.64 8.02
C VAL A 21 1.57 -1.58 8.24
N LYS A 22 2.08 -0.53 8.92
CA LYS A 22 3.51 -0.40 9.23
C LYS A 22 4.02 -1.58 10.09
N HIS A 23 3.29 -1.93 11.16
CA HIS A 23 3.61 -3.07 12.03
C HIS A 23 3.56 -4.41 11.30
N TYR A 24 2.60 -4.62 10.39
CA TYR A 24 2.53 -5.83 9.58
C TYR A 24 3.71 -6.02 8.62
N PHE A 25 4.02 -5.01 7.82
CA PHE A 25 5.17 -5.05 6.91
C PHE A 25 6.57 -5.15 7.54
N GLU A 26 6.68 -4.76 8.82
CA GLU A 26 7.88 -4.95 9.65
C GLU A 26 8.20 -6.44 9.98
N GLN A 27 7.42 -7.41 9.52
CA GLN A 27 7.80 -8.82 9.59
C GLN A 27 8.92 -9.18 8.59
N PHE A 28 9.00 -8.47 7.46
CA PHE A 28 9.95 -8.75 6.37
C PHE A 28 11.30 -8.04 6.51
N GLY A 29 11.33 -6.96 7.29
CA GLY A 29 12.47 -6.05 7.50
C GLY A 29 12.06 -4.86 8.37
N LYS A 30 12.79 -3.75 8.31
CA LYS A 30 12.39 -2.47 8.95
C LYS A 30 11.73 -1.54 7.92
N VAL A 31 10.77 -0.73 8.39
CA VAL A 31 9.97 0.20 7.57
C VAL A 31 10.25 1.63 8.02
N ASP A 32 10.54 2.51 7.07
CA ASP A 32 10.76 3.95 7.28
C ASP A 32 9.51 4.76 7.60
N ASP A 33 8.43 4.53 6.85
CA ASP A 33 7.18 5.31 6.93
C ASP A 33 6.02 4.55 6.26
N ALA A 34 4.78 4.93 6.58
CA ALA A 34 3.55 4.48 5.94
C ALA A 34 2.49 5.61 5.91
N MET A 35 1.57 5.57 4.93
CA MET A 35 0.46 6.54 4.80
C MET A 35 -0.75 5.92 4.08
N LEU A 36 -1.96 6.10 4.62
CA LEU A 36 -3.21 5.68 3.95
C LEU A 36 -3.95 6.90 3.37
N MET A 37 -4.65 6.72 2.25
CA MET A 37 -5.29 7.83 1.52
C MET A 37 -6.69 8.15 2.04
N PHE A 38 -6.75 8.98 3.09
CA PHE A 38 -7.96 9.54 3.70
C PHE A 38 -8.76 10.59 2.90
N ASP A 39 -10.09 10.48 2.90
CA ASP A 39 -11.03 11.49 2.42
C ASP A 39 -11.55 12.41 3.53
N LYS A 40 -11.49 13.74 3.32
CA LYS A 40 -11.76 14.75 4.36
C LYS A 40 -13.22 14.73 4.86
N THR A 41 -14.17 14.49 3.96
CA THR A 41 -15.63 14.46 4.24
C THR A 41 -15.97 13.15 4.94
N THR A 42 -15.59 12.01 4.36
CA THR A 42 -15.88 10.65 4.89
C THR A 42 -15.16 10.27 6.18
N ASN A 43 -14.06 10.96 6.48
CA ASN A 43 -13.12 10.68 7.58
C ASN A 43 -12.59 9.23 7.63
N ARG A 44 -12.56 8.55 6.47
CA ARG A 44 -12.01 7.20 6.24
C ARG A 44 -11.10 7.18 5.01
N HIS A 45 -10.24 6.17 4.90
CA HIS A 45 -9.41 5.96 3.70
C HIS A 45 -10.12 5.14 2.62
N ARG A 46 -9.65 5.28 1.37
CA ARG A 46 -10.15 4.56 0.18
C ARG A 46 -9.86 3.05 0.15
N GLY A 47 -9.30 2.46 1.21
CA GLY A 47 -8.87 1.06 1.25
C GLY A 47 -7.51 0.79 0.62
N PHE A 48 -6.68 1.83 0.43
CA PHE A 48 -5.30 1.67 -0.02
C PHE A 48 -4.34 2.68 0.64
N GLY A 49 -3.05 2.38 0.60
CA GLY A 49 -1.99 3.28 1.06
C GLY A 49 -0.61 2.93 0.52
N PHE A 50 0.40 3.60 1.06
CA PHE A 50 1.81 3.44 0.73
C PHE A 50 2.68 3.01 1.93
N VAL A 51 3.77 2.28 1.65
CA VAL A 51 4.75 1.81 2.64
C VAL A 51 6.18 1.94 2.11
N THR A 52 7.08 2.60 2.87
CA THR A 52 8.49 2.83 2.51
C THR A 52 9.48 2.03 3.36
N PHE A 53 10.37 1.27 2.74
CA PHE A 53 11.27 0.31 3.37
C PHE A 53 12.65 0.82 3.80
N GLU A 54 13.32 0.08 4.69
CA GLU A 54 14.74 0.29 5.04
C GLU A 54 15.65 0.11 3.82
N SER A 55 15.41 -0.95 3.05
CA SER A 55 16.20 -1.34 1.88
C SER A 55 15.31 -1.77 0.71
N GLU A 56 15.72 -1.41 -0.50
CA GLU A 56 15.06 -1.79 -1.75
C GLU A 56 15.08 -3.31 -1.99
N ASP A 57 16.04 -4.03 -1.40
CA ASP A 57 16.08 -5.50 -1.41
C ASP A 57 14.91 -6.20 -0.70
N ILE A 58 14.32 -5.55 0.32
CA ILE A 58 13.10 -6.05 0.98
C ILE A 58 11.89 -5.87 0.07
N VAL A 59 11.76 -4.73 -0.61
CA VAL A 59 10.61 -4.42 -1.48
C VAL A 59 10.46 -5.50 -2.54
N GLU A 60 11.57 -5.97 -3.13
CA GLU A 60 11.55 -7.09 -4.09
C GLU A 60 10.93 -8.38 -3.49
N LYS A 61 11.33 -8.76 -2.28
CA LYS A 61 10.81 -9.95 -1.57
C LYS A 61 9.33 -9.83 -1.24
N VAL A 62 8.92 -8.67 -0.71
CA VAL A 62 7.52 -8.34 -0.35
C VAL A 62 6.62 -8.30 -1.60
N CYS A 63 7.12 -7.72 -2.70
CA CYS A 63 6.40 -7.65 -3.97
C CYS A 63 6.29 -9.02 -4.68
N GLU A 64 7.30 -9.90 -4.56
CA GLU A 64 7.24 -11.29 -5.06
C GLU A 64 6.20 -12.17 -4.33
N ILE A 65 5.87 -11.86 -3.06
CA ILE A 65 4.73 -12.48 -2.36
C ILE A 65 3.40 -12.04 -3.00
N HIS A 66 3.34 -10.78 -3.43
CA HIS A 66 2.24 -10.10 -4.16
C HIS A 66 0.95 -9.95 -3.34
N PHE A 67 0.35 -11.06 -2.90
CA PHE A 67 -0.81 -11.10 -2.02
C PHE A 67 -0.53 -11.37 -0.53
N HIS A 68 -0.98 -10.47 0.32
CA HIS A 68 -0.75 -10.40 1.77
C HIS A 68 -2.10 -10.36 2.53
N GLU A 69 -2.11 -10.38 3.86
CA GLU A 69 -3.35 -10.33 4.68
C GLU A 69 -3.21 -9.44 5.91
N ILE A 70 -4.16 -8.52 6.11
CA ILE A 70 -4.20 -7.57 7.24
C ILE A 70 -5.64 -7.46 7.76
N ASN A 71 -5.84 -7.56 9.07
CA ASN A 71 -7.16 -7.46 9.74
C ASN A 71 -8.26 -8.36 9.14
N ASN A 72 -7.91 -9.60 8.79
CA ASN A 72 -8.76 -10.60 8.14
C ASN A 72 -9.31 -10.16 6.76
N LYS A 73 -8.52 -9.38 6.01
CA LYS A 73 -8.73 -9.02 4.60
C LYS A 73 -7.45 -9.18 3.79
N MET A 74 -7.60 -9.62 2.55
CA MET A 74 -6.49 -9.84 1.62
C MET A 74 -6.14 -8.54 0.89
N VAL A 75 -4.84 -8.24 0.83
CA VAL A 75 -4.27 -7.02 0.25
C VAL A 75 -3.18 -7.30 -0.78
N GLU A 76 -2.95 -6.34 -1.66
CA GLU A 76 -2.04 -6.49 -2.81
C GLU A 76 -0.88 -5.48 -2.76
N CYS A 77 0.35 -5.98 -2.55
CA CYS A 77 1.57 -5.20 -2.71
C CYS A 77 1.97 -5.05 -4.19
N LYS A 78 2.26 -3.81 -4.62
CA LYS A 78 2.71 -3.46 -5.97
C LYS A 78 3.62 -2.22 -5.93
N LYS A 79 4.61 -2.14 -6.82
CA LYS A 79 5.63 -1.05 -6.80
C LYS A 79 5.02 0.32 -7.07
N ALA A 80 5.41 1.32 -6.28
CA ALA A 80 4.85 2.67 -6.36
C ALA A 80 5.25 3.40 -7.67
N GLN A 81 4.26 3.82 -8.45
CA GLN A 81 4.41 4.53 -9.73
C GLN A 81 3.54 5.82 -9.77
N PRO A 82 3.88 6.83 -10.60
CA PRO A 82 3.17 8.12 -10.62
C PRO A 82 1.70 8.03 -11.05
N LYS A 83 0.85 8.96 -10.56
CA LYS A 83 -0.58 9.00 -10.94
C LYS A 83 -0.81 9.34 -12.41
N GLU A 84 0.20 9.89 -13.09
CA GLU A 84 0.21 10.15 -14.53
C GLU A 84 0.17 8.85 -15.35
N VAL A 85 0.93 7.82 -14.94
CA VAL A 85 0.96 6.50 -15.62
C VAL A 85 -0.26 5.61 -15.31
N MET A 86 -0.81 5.76 -14.11
CA MET A 86 -2.07 5.11 -13.68
C MET A 86 -3.33 5.83 -14.20
N SER A 87 -3.19 7.08 -14.64
CA SER A 87 -4.22 8.07 -14.96
C SER A 87 -5.09 8.51 -13.75
N PRO A 88 -5.34 9.82 -13.55
CA PRO A 88 -6.33 10.30 -12.58
C PRO A 88 -7.78 9.94 -12.95
N THR A 89 -8.05 9.66 -14.24
CA THR A 89 -9.38 9.32 -14.77
C THR A 89 -9.83 7.86 -14.60
N GLY A 90 -11.14 7.60 -14.66
CA GLY A 90 -11.73 6.26 -14.57
C GLY A 90 -13.26 6.26 -14.73
N SER A 91 -13.84 5.06 -14.91
CA SER A 91 -15.28 4.84 -15.09
C SER A 91 -15.68 3.40 -14.69
N ALA A 92 -16.99 3.17 -14.50
CA ALA A 92 -17.59 1.87 -14.15
C ALA A 92 -17.00 1.18 -12.90
N ARG A 93 -16.54 1.97 -11.91
CA ARG A 93 -15.95 1.50 -10.65
C ARG A 93 -16.95 0.69 -9.82
N GLY A 94 -16.49 -0.38 -9.16
CA GLY A 94 -17.35 -1.35 -8.45
C GLY A 94 -18.11 -0.83 -7.23
N ARG A 95 -17.81 0.39 -6.75
CA ARG A 95 -18.51 1.10 -5.65
C ARG A 95 -19.24 2.38 -6.10
N SER A 96 -19.36 2.62 -7.41
CA SER A 96 -20.06 3.77 -8.02
C SER A 96 -21.57 3.73 -7.75
N GLY A 1 20.09 10.28 -9.99
CA GLY A 1 18.86 9.47 -9.99
C GLY A 1 18.28 9.31 -8.58
N SER A 2 17.41 8.31 -8.40
CA SER A 2 16.76 7.99 -7.11
C SER A 2 16.38 6.50 -7.00
N HIS A 3 16.16 6.02 -5.77
CA HIS A 3 15.76 4.64 -5.45
C HIS A 3 14.26 4.37 -5.74
N MET A 4 13.83 3.12 -5.51
CA MET A 4 12.43 2.68 -5.60
C MET A 4 11.97 1.89 -4.37
N LYS A 5 12.37 2.32 -3.15
CA LYS A 5 12.05 1.67 -1.87
C LYS A 5 10.58 1.79 -1.41
N LYS A 6 9.60 1.87 -2.32
CA LYS A 6 8.20 2.20 -2.01
C LYS A 6 7.21 1.28 -2.73
N ILE A 7 6.16 0.85 -2.01
CA ILE A 7 5.06 0.03 -2.54
C ILE A 7 3.69 0.68 -2.32
N PHE A 8 2.80 0.39 -3.26
CA PHE A 8 1.37 0.58 -3.19
C PHE A 8 0.70 -0.63 -2.51
N VAL A 9 -0.28 -0.42 -1.65
CA VAL A 9 -1.04 -1.48 -0.97
C VAL A 9 -2.54 -1.25 -1.18
N GLY A 10 -3.20 -2.16 -1.90
CA GLY A 10 -4.62 -2.03 -2.30
C GLY A 10 -5.52 -3.15 -1.76
N GLY A 11 -6.82 -2.84 -1.62
CA GLY A 11 -7.82 -3.76 -1.05
C GLY A 11 -7.89 -3.76 0.49
N LEU A 12 -7.27 -2.78 1.14
CA LEU A 12 -7.24 -2.64 2.60
C LEU A 12 -8.65 -2.51 3.20
N SER A 13 -8.85 -3.08 4.39
CA SER A 13 -10.11 -2.91 5.14
C SER A 13 -10.29 -1.46 5.58
N VAL A 14 -11.51 -0.96 5.50
CA VAL A 14 -11.91 0.35 6.06
C VAL A 14 -11.81 0.38 7.61
N ASN A 15 -11.65 -0.78 8.26
CA ASN A 15 -11.37 -0.88 9.70
C ASN A 15 -9.85 -0.79 10.00
N THR A 16 -8.98 -1.08 9.02
CA THR A 16 -7.51 -1.05 9.17
C THR A 16 -6.99 0.39 9.18
N THR A 17 -6.01 0.66 10.04
CA THR A 17 -5.26 1.92 10.13
C THR A 17 -3.77 1.82 9.77
N VAL A 18 -3.13 2.96 9.51
CA VAL A 18 -1.74 3.05 9.03
C VAL A 18 -0.71 2.33 9.90
N GLU A 19 -0.88 2.36 11.23
CA GLU A 19 0.00 1.68 12.17
C GLU A 19 -0.09 0.14 12.08
N ASP A 20 -1.26 -0.40 11.71
CA ASP A 20 -1.43 -1.84 11.46
C ASP A 20 -0.64 -2.22 10.20
N VAL A 21 -0.78 -1.45 9.12
CA VAL A 21 -0.08 -1.71 7.84
C VAL A 21 1.44 -1.66 8.03
N LYS A 22 1.94 -0.67 8.79
CA LYS A 22 3.36 -0.59 9.18
C LYS A 22 3.79 -1.83 10.00
N HIS A 23 3.03 -2.21 11.03
CA HIS A 23 3.30 -3.41 11.86
C HIS A 23 3.30 -4.73 11.06
N TYR A 24 2.40 -4.89 10.09
CA TYR A 24 2.41 -6.01 9.15
C TYR A 24 3.55 -6.07 8.13
N PHE A 25 3.97 -4.92 7.59
CA PHE A 25 5.10 -4.83 6.64
C PHE A 25 6.53 -4.81 7.20
N GLU A 26 6.72 -4.38 8.45
CA GLU A 26 8.03 -4.43 9.15
C GLU A 26 8.62 -5.85 9.25
N GLN A 27 7.76 -6.87 9.29
CA GLN A 27 8.12 -8.27 9.60
C GLN A 27 9.06 -8.89 8.55
N PHE A 28 9.01 -8.35 7.32
CA PHE A 28 9.91 -8.72 6.21
C PHE A 28 11.34 -8.16 6.28
N GLY A 29 11.55 -7.08 7.05
CA GLY A 29 12.83 -6.37 7.16
C GLY A 29 12.71 -5.15 8.08
N LYS A 30 12.44 -3.98 7.49
CA LYS A 30 12.06 -2.75 8.19
C LYS A 30 11.30 -1.77 7.27
N VAL A 31 10.25 -1.16 7.80
CA VAL A 31 9.51 -0.03 7.19
C VAL A 31 10.11 1.27 7.73
N ASP A 32 10.31 2.25 6.84
CA ASP A 32 10.68 3.63 7.17
C ASP A 32 9.52 4.62 7.32
N ASP A 33 8.41 4.41 6.59
CA ASP A 33 7.20 5.25 6.67
C ASP A 33 5.99 4.50 6.07
N ALA A 34 4.77 4.83 6.51
CA ALA A 34 3.51 4.36 5.91
C ALA A 34 2.43 5.48 5.90
N MET A 35 1.49 5.42 4.95
CA MET A 35 0.41 6.40 4.77
C MET A 35 -0.82 5.78 4.08
N LEU A 36 -2.04 6.04 4.57
CA LEU A 36 -3.29 5.61 3.93
C LEU A 36 -4.05 6.82 3.35
N MET A 37 -4.73 6.63 2.22
CA MET A 37 -5.32 7.74 1.45
C MET A 37 -6.72 8.13 1.95
N PHE A 38 -6.76 8.82 3.11
CA PHE A 38 -7.96 9.45 3.66
C PHE A 38 -8.67 10.51 2.80
N ASP A 39 -10.01 10.45 2.77
CA ASP A 39 -10.88 11.37 2.03
C ASP A 39 -11.83 12.18 2.93
N LYS A 40 -11.72 13.51 2.93
CA LYS A 40 -12.52 14.45 3.74
C LYS A 40 -14.04 14.31 3.51
N THR A 41 -14.44 13.83 2.33
CA THR A 41 -15.83 13.49 1.98
C THR A 41 -16.48 12.34 2.76
N THR A 42 -15.66 11.42 3.29
CA THR A 42 -16.10 10.19 3.99
C THR A 42 -15.50 9.94 5.38
N ASN A 43 -14.39 10.63 5.71
CA ASN A 43 -13.57 10.42 6.91
C ASN A 43 -13.03 8.97 7.05
N ARG A 44 -12.80 8.31 5.91
CA ARG A 44 -12.17 6.99 5.76
C ARG A 44 -11.14 7.01 4.63
N HIS A 45 -10.26 6.02 4.57
CA HIS A 45 -9.34 5.85 3.43
C HIS A 45 -10.03 5.17 2.24
N ARG A 46 -9.51 5.44 1.04
CA ARG A 46 -10.02 4.94 -0.27
C ARG A 46 -9.80 3.43 -0.52
N GLY A 47 -9.48 2.65 0.50
CA GLY A 47 -9.16 1.22 0.38
C GLY A 47 -7.73 0.92 -0.06
N PHE A 48 -6.83 1.91 -0.06
CA PHE A 48 -5.42 1.73 -0.43
C PHE A 48 -4.54 2.76 0.30
N GLY A 49 -3.23 2.52 0.23
CA GLY A 49 -2.18 3.40 0.75
C GLY A 49 -0.78 3.04 0.24
N PHE A 50 0.23 3.64 0.86
CA PHE A 50 1.65 3.47 0.56
C PHE A 50 2.53 3.05 1.74
N VAL A 51 3.61 2.31 1.47
CA VAL A 51 4.64 1.90 2.44
C VAL A 51 6.04 2.07 1.87
N THR A 52 6.93 2.72 2.63
CA THR A 52 8.34 2.94 2.32
C THR A 52 9.29 2.10 3.18
N PHE A 53 10.35 1.53 2.59
CA PHE A 53 11.24 0.54 3.17
C PHE A 53 12.66 1.01 3.50
N GLU A 54 13.33 0.31 4.41
CA GLU A 54 14.75 0.52 4.71
C GLU A 54 15.67 0.12 3.54
N SER A 55 15.28 -0.89 2.75
CA SER A 55 15.99 -1.34 1.55
C SER A 55 15.05 -1.85 0.46
N GLU A 56 15.38 -1.57 -0.80
CA GLU A 56 14.66 -2.13 -1.96
C GLU A 56 14.85 -3.65 -2.11
N ASP A 57 15.86 -4.22 -1.45
CA ASP A 57 16.01 -5.67 -1.32
C ASP A 57 14.90 -6.35 -0.50
N ILE A 58 14.25 -5.59 0.40
CA ILE A 58 13.02 -6.04 1.07
C ILE A 58 11.83 -5.87 0.13
N VAL A 59 11.73 -4.73 -0.57
CA VAL A 59 10.61 -4.41 -1.46
C VAL A 59 10.41 -5.48 -2.51
N GLU A 60 11.50 -5.96 -3.14
CA GLU A 60 11.39 -7.02 -4.16
C GLU A 60 10.88 -8.35 -3.57
N LYS A 61 11.27 -8.71 -2.33
CA LYS A 61 10.80 -9.91 -1.61
C LYS A 61 9.31 -9.80 -1.24
N VAL A 62 8.93 -8.65 -0.68
CA VAL A 62 7.54 -8.32 -0.32
C VAL A 62 6.65 -8.33 -1.58
N CYS A 63 7.09 -7.69 -2.66
CA CYS A 63 6.33 -7.58 -3.90
C CYS A 63 6.19 -8.95 -4.63
N GLU A 64 7.19 -9.84 -4.54
CA GLU A 64 7.14 -11.19 -5.08
C GLU A 64 6.08 -12.08 -4.41
N ILE A 65 5.77 -11.85 -3.12
CA ILE A 65 4.67 -12.52 -2.41
C ILE A 65 3.30 -12.11 -3.01
N HIS A 66 3.19 -10.87 -3.49
CA HIS A 66 2.08 -10.25 -4.23
C HIS A 66 0.79 -10.08 -3.41
N PHE A 67 0.25 -11.16 -2.84
CA PHE A 67 -0.89 -11.15 -1.92
C PHE A 67 -0.57 -11.40 -0.44
N HIS A 68 -0.99 -10.48 0.43
CA HIS A 68 -0.68 -10.45 1.86
C HIS A 68 -1.94 -10.40 2.72
N GLU A 69 -1.84 -10.74 4.01
CA GLU A 69 -2.92 -10.60 4.99
C GLU A 69 -2.61 -9.48 6.00
N ILE A 70 -3.62 -8.63 6.30
CA ILE A 70 -3.56 -7.54 7.28
C ILE A 70 -4.92 -7.46 7.99
N ASN A 71 -4.96 -7.53 9.33
CA ASN A 71 -6.19 -7.59 10.14
C ASN A 71 -7.19 -8.67 9.66
N ASN A 72 -6.67 -9.81 9.18
CA ASN A 72 -7.37 -10.92 8.53
C ASN A 72 -8.07 -10.59 7.17
N LYS A 73 -7.93 -9.36 6.66
CA LYS A 73 -8.32 -8.97 5.28
C LYS A 73 -7.15 -9.27 4.33
N MET A 74 -7.42 -9.73 3.11
CA MET A 74 -6.39 -9.93 2.09
C MET A 74 -6.18 -8.66 1.26
N VAL A 75 -4.91 -8.32 1.01
CA VAL A 75 -4.46 -7.12 0.27
C VAL A 75 -3.43 -7.47 -0.81
N GLU A 76 -3.30 -6.57 -1.79
CA GLU A 76 -2.33 -6.68 -2.88
C GLU A 76 -1.23 -5.63 -2.76
N CYS A 77 0.05 -6.03 -2.91
CA CYS A 77 1.19 -5.12 -3.05
C CYS A 77 1.59 -4.92 -4.52
N LYS A 78 2.05 -3.71 -4.86
CA LYS A 78 2.60 -3.33 -6.18
C LYS A 78 3.77 -2.35 -5.97
N LYS A 79 4.76 -2.27 -6.85
CA LYS A 79 5.76 -1.18 -6.81
C LYS A 79 5.10 0.18 -7.08
N ALA A 80 5.45 1.21 -6.30
CA ALA A 80 4.77 2.50 -6.33
C ALA A 80 5.19 3.37 -7.55
N GLN A 81 4.31 3.46 -8.54
CA GLN A 81 4.40 4.40 -9.67
C GLN A 81 3.67 5.71 -9.35
N PRO A 82 4.08 6.88 -9.89
CA PRO A 82 3.36 8.14 -9.69
C PRO A 82 2.00 8.14 -10.41
N LYS A 83 1.02 8.89 -9.89
CA LYS A 83 -0.35 8.95 -10.45
C LYS A 83 -0.44 9.48 -11.89
N GLU A 84 0.62 10.11 -12.38
CA GLU A 84 0.79 10.55 -13.76
C GLU A 84 0.72 9.41 -14.80
N VAL A 85 1.10 8.18 -14.43
CA VAL A 85 1.07 6.99 -15.31
C VAL A 85 -0.32 6.38 -15.55
N MET A 86 -1.36 6.87 -14.86
CA MET A 86 -2.72 6.34 -14.88
C MET A 86 -3.70 7.43 -15.32
N SER A 87 -4.34 7.21 -16.47
CA SER A 87 -5.28 8.15 -17.11
C SER A 87 -6.47 8.55 -16.20
N PRO A 88 -7.00 9.80 -16.30
CA PRO A 88 -8.08 10.27 -15.43
C PRO A 88 -9.42 9.53 -15.57
N THR A 89 -9.71 8.95 -16.74
CA THR A 89 -10.97 8.22 -17.02
C THR A 89 -11.12 6.87 -16.32
N GLY A 90 -12.37 6.52 -15.94
CA GLY A 90 -12.72 5.30 -15.22
C GLY A 90 -12.22 5.22 -13.77
N SER A 91 -12.54 4.12 -13.09
CA SER A 91 -12.12 3.82 -11.71
C SER A 91 -12.21 2.32 -11.39
N ALA A 92 -11.34 1.84 -10.50
CA ALA A 92 -11.43 0.49 -9.93
C ALA A 92 -12.58 0.37 -8.91
N ARG A 93 -13.17 -0.83 -8.80
CA ARG A 93 -14.25 -1.16 -7.85
C ARG A 93 -14.33 -2.67 -7.60
N GLY A 94 -14.88 -3.05 -6.45
CA GLY A 94 -15.00 -4.44 -5.98
C GLY A 94 -15.47 -4.51 -4.52
N ARG A 95 -15.35 -5.69 -3.92
CA ARG A 95 -15.71 -5.97 -2.51
C ARG A 95 -14.85 -7.09 -1.92
N SER A 96 -14.34 -6.88 -0.69
CA SER A 96 -13.49 -7.82 0.08
C SER A 96 -13.90 -7.93 1.55
N GLY A 1 20.37 3.69 -11.39
CA GLY A 1 20.39 3.58 -9.91
C GLY A 1 19.15 2.88 -9.37
N SER A 2 18.92 3.00 -8.06
CA SER A 2 17.79 2.38 -7.35
C SER A 2 16.41 2.91 -7.79
N HIS A 3 15.38 2.05 -7.70
CA HIS A 3 13.97 2.45 -7.86
C HIS A 3 13.42 3.09 -6.56
N MET A 4 12.24 3.69 -6.61
CA MET A 4 11.54 4.21 -5.43
C MET A 4 11.25 3.09 -4.42
N LYS A 5 11.68 3.25 -3.17
CA LYS A 5 11.54 2.24 -2.08
C LYS A 5 10.12 2.15 -1.50
N LYS A 6 9.08 2.26 -2.33
CA LYS A 6 7.68 2.39 -1.91
C LYS A 6 6.75 1.41 -2.64
N ILE A 7 5.83 0.81 -1.90
CA ILE A 7 4.74 -0.03 -2.43
C ILE A 7 3.38 0.62 -2.19
N PHE A 8 2.45 0.27 -3.07
CA PHE A 8 1.02 0.49 -2.97
C PHE A 8 0.50 -0.73 -2.18
N VAL A 9 -0.51 -0.52 -1.33
CA VAL A 9 -1.25 -1.56 -0.61
C VAL A 9 -2.74 -1.39 -0.85
N GLY A 10 -3.34 -2.25 -1.68
CA GLY A 10 -4.73 -2.16 -2.14
C GLY A 10 -5.67 -3.19 -1.50
N GLY A 11 -6.95 -2.83 -1.38
CA GLY A 11 -8.00 -3.69 -0.82
C GLY A 11 -8.06 -3.71 0.72
N LEU A 12 -7.47 -2.70 1.39
CA LEU A 12 -7.47 -2.58 2.85
C LEU A 12 -8.89 -2.35 3.40
N SER A 13 -9.21 -3.02 4.51
CA SER A 13 -10.47 -2.81 5.25
C SER A 13 -10.48 -1.44 5.95
N VAL A 14 -11.63 -0.78 5.99
CA VAL A 14 -11.86 0.46 6.76
C VAL A 14 -11.67 0.30 8.28
N ASN A 15 -11.70 -0.93 8.79
CA ASN A 15 -11.36 -1.25 10.19
C ASN A 15 -9.84 -1.15 10.45
N THR A 16 -9.01 -1.41 9.44
CA THR A 16 -7.54 -1.32 9.48
C THR A 16 -7.03 0.11 9.54
N THR A 17 -6.03 0.35 10.39
CA THR A 17 -5.29 1.62 10.49
C THR A 17 -3.83 1.54 10.04
N VAL A 18 -3.21 2.70 9.76
CA VAL A 18 -1.85 2.82 9.22
C VAL A 18 -0.78 2.09 10.05
N GLU A 19 -0.93 2.06 11.38
CA GLU A 19 -0.01 1.38 12.29
C GLU A 19 -0.09 -0.16 12.16
N ASP A 20 -1.25 -0.72 11.82
CA ASP A 20 -1.41 -2.17 11.55
C ASP A 20 -0.62 -2.54 10.28
N VAL A 21 -0.74 -1.69 9.24
CA VAL A 21 -0.05 -1.86 7.96
C VAL A 21 1.47 -1.74 8.10
N LYS A 22 1.95 -0.73 8.85
CA LYS A 22 3.36 -0.59 9.22
C LYS A 22 3.88 -1.81 9.99
N HIS A 23 3.20 -2.22 11.07
CA HIS A 23 3.58 -3.38 11.89
C HIS A 23 3.65 -4.68 11.08
N TYR A 24 2.70 -4.91 10.17
CA TYR A 24 2.72 -6.07 9.28
C TYR A 24 3.85 -6.08 8.24
N PHE A 25 4.07 -4.95 7.56
CA PHE A 25 5.15 -4.83 6.57
C PHE A 25 6.60 -4.78 7.11
N GLU A 26 6.78 -4.37 8.37
CA GLU A 26 8.07 -4.43 9.07
C GLU A 26 8.64 -5.86 9.20
N GLN A 27 7.77 -6.87 9.26
CA GLN A 27 8.17 -8.27 9.52
C GLN A 27 9.06 -8.85 8.42
N PHE A 28 8.92 -8.34 7.20
CA PHE A 28 9.74 -8.68 6.04
C PHE A 28 11.18 -8.13 6.05
N GLY A 29 11.41 -7.01 6.74
CA GLY A 29 12.71 -6.32 6.83
C GLY A 29 12.65 -5.12 7.77
N LYS A 30 12.41 -3.93 7.21
CA LYS A 30 12.10 -2.68 7.95
C LYS A 30 11.35 -1.68 7.07
N VAL A 31 10.29 -1.09 7.62
CA VAL A 31 9.51 0.01 7.02
C VAL A 31 10.13 1.34 7.44
N ASP A 32 10.29 2.25 6.48
CA ASP A 32 10.68 3.64 6.71
C ASP A 32 9.52 4.55 7.14
N ASP A 33 8.36 4.43 6.48
CA ASP A 33 7.13 5.20 6.76
C ASP A 33 5.92 4.49 6.12
N ALA A 34 4.70 4.80 6.59
CA ALA A 34 3.43 4.32 6.02
C ALA A 34 2.35 5.41 6.04
N MET A 35 1.42 5.40 5.08
CA MET A 35 0.29 6.33 4.99
C MET A 35 -0.91 5.74 4.24
N LEU A 36 -2.12 5.86 4.79
CA LEU A 36 -3.37 5.55 4.10
C LEU A 36 -3.99 6.82 3.51
N MET A 37 -4.65 6.73 2.35
CA MET A 37 -5.25 7.89 1.69
C MET A 37 -6.64 8.17 2.29
N PHE A 38 -6.91 9.41 2.74
CA PHE A 38 -8.14 9.80 3.44
C PHE A 38 -9.21 10.58 2.67
N ASP A 39 -10.49 10.25 2.89
CA ASP A 39 -11.65 10.99 2.40
C ASP A 39 -12.24 11.98 3.42
N LYS A 40 -12.09 13.28 3.17
CA LYS A 40 -12.56 14.37 4.06
C LYS A 40 -14.09 14.43 4.25
N THR A 41 -14.87 13.75 3.40
CA THR A 41 -16.33 13.63 3.54
C THR A 41 -16.83 12.87 4.77
N THR A 42 -16.10 11.84 5.20
CA THR A 42 -16.43 10.99 6.37
C THR A 42 -15.29 10.61 7.32
N ASN A 43 -14.05 11.03 7.00
CA ASN A 43 -12.79 10.65 7.66
C ASN A 43 -12.42 9.15 7.53
N ARG A 44 -13.08 8.39 6.65
CA ARG A 44 -12.69 7.04 6.22
C ARG A 44 -11.44 7.08 5.33
N HIS A 45 -10.69 5.99 5.27
CA HIS A 45 -9.63 5.83 4.25
C HIS A 45 -10.22 5.24 2.95
N ARG A 46 -9.55 5.49 1.82
CA ARG A 46 -9.99 5.24 0.44
C ARG A 46 -9.93 3.76 0.01
N GLY A 47 -9.64 2.83 0.92
CA GLY A 47 -9.46 1.40 0.65
C GLY A 47 -8.05 1.01 0.20
N PHE A 48 -7.09 1.95 0.22
CA PHE A 48 -5.69 1.69 -0.12
C PHE A 48 -4.76 2.72 0.56
N GLY A 49 -3.45 2.43 0.50
CA GLY A 49 -2.38 3.30 0.99
C GLY A 49 -1.01 2.96 0.43
N PHE A 50 0.03 3.53 1.02
CA PHE A 50 1.44 3.36 0.67
C PHE A 50 2.35 2.98 1.85
N VAL A 51 3.42 2.24 1.57
CA VAL A 51 4.47 1.87 2.55
C VAL A 51 5.87 2.00 1.94
N THR A 52 6.72 2.81 2.58
CA THR A 52 8.15 3.02 2.26
C THR A 52 9.11 2.11 3.04
N PHE A 53 10.25 1.74 2.46
CA PHE A 53 11.17 0.72 2.97
C PHE A 53 12.60 1.16 3.27
N GLU A 54 13.28 0.44 4.16
CA GLU A 54 14.71 0.63 4.43
C GLU A 54 15.59 0.26 3.23
N SER A 55 15.22 -0.77 2.47
CA SER A 55 15.92 -1.22 1.25
C SER A 55 14.95 -1.67 0.16
N GLU A 56 15.30 -1.41 -1.11
CA GLU A 56 14.57 -1.93 -2.28
C GLU A 56 14.65 -3.46 -2.39
N ASP A 57 15.63 -4.11 -1.76
CA ASP A 57 15.66 -5.57 -1.63
C ASP A 57 14.46 -6.15 -0.84
N ILE A 58 13.97 -5.41 0.17
CA ILE A 58 12.72 -5.76 0.87
C ILE A 58 11.52 -5.49 -0.04
N VAL A 59 11.51 -4.37 -0.78
CA VAL A 59 10.40 -4.06 -1.70
C VAL A 59 10.22 -5.19 -2.71
N GLU A 60 11.30 -5.73 -3.28
CA GLU A 60 11.26 -6.91 -4.16
C GLU A 60 10.71 -8.17 -3.44
N LYS A 61 11.20 -8.47 -2.23
CA LYS A 61 10.77 -9.61 -1.39
C LYS A 61 9.27 -9.58 -1.08
N VAL A 62 8.79 -8.41 -0.66
CA VAL A 62 7.37 -8.14 -0.35
C VAL A 62 6.50 -8.18 -1.61
N CYS A 63 6.97 -7.60 -2.71
CA CYS A 63 6.23 -7.56 -3.98
C CYS A 63 6.09 -8.94 -4.64
N GLU A 64 7.11 -9.81 -4.52
CA GLU A 64 7.10 -11.18 -5.03
C GLU A 64 6.02 -12.07 -4.38
N ILE A 65 5.64 -11.79 -3.13
CA ILE A 65 4.53 -12.46 -2.42
C ILE A 65 3.17 -12.12 -3.05
N HIS A 66 3.01 -10.88 -3.53
CA HIS A 66 1.85 -10.31 -4.24
C HIS A 66 0.56 -10.19 -3.41
N PHE A 67 0.10 -11.28 -2.81
CA PHE A 67 -1.04 -11.34 -1.88
C PHE A 67 -0.70 -11.53 -0.40
N HIS A 68 -1.18 -10.61 0.43
CA HIS A 68 -0.85 -10.44 1.85
C HIS A 68 -2.12 -10.43 2.72
N GLU A 69 -2.01 -10.46 4.05
CA GLU A 69 -3.17 -10.42 4.96
C GLU A 69 -2.96 -9.50 6.17
N ILE A 70 -3.94 -8.65 6.47
CA ILE A 70 -3.95 -7.68 7.57
C ILE A 70 -5.36 -7.64 8.19
N ASN A 71 -5.47 -7.81 9.51
CA ASN A 71 -6.76 -7.87 10.23
C ASN A 71 -7.78 -8.87 9.62
N ASN A 72 -7.31 -10.02 9.15
CA ASN A 72 -8.05 -11.06 8.41
C ASN A 72 -8.58 -10.66 7.01
N LYS A 73 -8.35 -9.41 6.56
CA LYS A 73 -8.60 -8.97 5.18
C LYS A 73 -7.38 -9.29 4.31
N MET A 74 -7.59 -9.90 3.15
CA MET A 74 -6.54 -10.12 2.15
C MET A 74 -6.32 -8.83 1.34
N VAL A 75 -5.06 -8.44 1.17
CA VAL A 75 -4.62 -7.22 0.48
C VAL A 75 -3.59 -7.52 -0.61
N GLU A 76 -3.45 -6.61 -1.55
CA GLU A 76 -2.53 -6.72 -2.69
C GLU A 76 -1.41 -5.67 -2.64
N CYS A 77 -0.14 -6.10 -2.71
CA CYS A 77 0.98 -5.18 -2.90
C CYS A 77 1.25 -4.92 -4.39
N LYS A 78 1.72 -3.70 -4.71
CA LYS A 78 2.20 -3.30 -6.05
C LYS A 78 3.39 -2.35 -5.86
N LYS A 79 4.34 -2.28 -6.79
CA LYS A 79 5.36 -1.22 -6.78
C LYS A 79 4.71 0.14 -7.04
N ALA A 80 5.03 1.16 -6.24
CA ALA A 80 4.49 2.50 -6.45
C ALA A 80 5.12 3.14 -7.71
N GLN A 81 4.29 3.80 -8.54
CA GLN A 81 4.74 4.51 -9.75
C GLN A 81 4.03 5.88 -9.90
N PRO A 82 4.60 6.84 -10.67
CA PRO A 82 4.10 8.22 -10.74
C PRO A 82 2.66 8.34 -11.29
N LYS A 83 1.94 9.43 -10.96
CA LYS A 83 0.61 9.72 -11.52
C LYS A 83 0.58 9.91 -13.04
N GLU A 84 1.73 10.23 -13.61
CA GLU A 84 1.98 10.28 -15.06
C GLU A 84 1.83 8.90 -15.75
N VAL A 85 1.96 7.80 -14.98
CA VAL A 85 1.75 6.40 -15.42
C VAL A 85 0.62 5.66 -14.71
N MET A 86 0.05 6.25 -13.65
CA MET A 86 -1.01 5.69 -12.80
C MET A 86 -2.18 6.68 -12.68
N SER A 87 -3.27 6.40 -13.40
CA SER A 87 -4.53 7.15 -13.34
C SER A 87 -5.75 6.22 -13.52
N PRO A 88 -6.81 6.34 -12.70
CA PRO A 88 -7.97 5.43 -12.72
C PRO A 88 -8.94 5.71 -13.90
N THR A 89 -9.83 4.76 -14.17
CA THR A 89 -10.96 4.94 -15.10
C THR A 89 -12.07 5.88 -14.61
N GLY A 90 -12.90 6.38 -15.54
CA GLY A 90 -14.06 7.23 -15.22
C GLY A 90 -15.28 6.48 -14.68
N SER A 91 -15.24 5.14 -14.56
CA SER A 91 -16.37 4.31 -14.14
C SER A 91 -16.71 4.47 -12.65
N ALA A 92 -18.00 4.64 -12.33
CA ALA A 92 -18.52 4.71 -10.96
C ALA A 92 -18.68 3.33 -10.30
N ARG A 93 -18.73 3.27 -8.97
CA ARG A 93 -19.00 2.05 -8.19
C ARG A 93 -20.43 1.55 -8.44
N GLY A 94 -20.61 0.23 -8.52
CA GLY A 94 -21.94 -0.40 -8.55
C GLY A 94 -22.70 -0.24 -7.22
N ARG A 95 -24.01 0.04 -7.30
CA ARG A 95 -24.93 0.16 -6.15
C ARG A 95 -25.50 -1.19 -5.67
N SER A 96 -25.61 -2.16 -6.57
CA SER A 96 -26.25 -3.49 -6.36
C SER A 96 -25.53 -4.61 -7.12
N GLY A 1 19.92 0.87 -6.20
CA GLY A 1 19.19 0.73 -7.47
C GLY A 1 18.35 1.96 -7.76
N SER A 2 17.09 1.77 -8.17
CA SER A 2 16.15 2.86 -8.49
C SER A 2 15.57 3.54 -7.24
N HIS A 3 14.93 4.70 -7.43
CA HIS A 3 14.25 5.46 -6.36
C HIS A 3 12.95 4.81 -5.85
N MET A 4 12.49 3.72 -6.46
CA MET A 4 11.22 3.03 -6.18
C MET A 4 11.23 2.16 -4.91
N LYS A 5 11.88 2.62 -3.82
CA LYS A 5 11.99 1.90 -2.53
C LYS A 5 10.71 1.98 -1.68
N LYS A 6 9.55 1.89 -2.34
CA LYS A 6 8.19 2.13 -1.81
C LYS A 6 7.18 1.26 -2.55
N ILE A 7 6.12 0.82 -1.85
CA ILE A 7 5.02 0.04 -2.43
C ILE A 7 3.66 0.71 -2.19
N PHE A 8 2.74 0.43 -3.11
CA PHE A 8 1.30 0.65 -3.01
C PHE A 8 0.73 -0.61 -2.34
N VAL A 9 -0.25 -0.45 -1.44
CA VAL A 9 -1.01 -1.54 -0.81
C VAL A 9 -2.50 -1.27 -0.95
N GLY A 10 -3.19 -2.08 -1.77
CA GLY A 10 -4.60 -1.88 -2.14
C GLY A 10 -5.55 -2.95 -1.61
N GLY A 11 -6.79 -2.55 -1.32
CA GLY A 11 -7.84 -3.41 -0.78
C GLY A 11 -7.90 -3.49 0.75
N LEU A 12 -7.23 -2.57 1.46
CA LEU A 12 -7.26 -2.46 2.92
C LEU A 12 -8.69 -2.14 3.41
N SER A 13 -9.17 -2.82 4.45
CA SER A 13 -10.50 -2.55 5.01
C SER A 13 -10.55 -1.17 5.67
N VAL A 14 -11.72 -0.52 5.68
CA VAL A 14 -11.92 0.76 6.39
C VAL A 14 -11.68 0.70 7.91
N ASN A 15 -11.74 -0.50 8.50
CA ASN A 15 -11.37 -0.78 9.89
C ASN A 15 -9.85 -0.89 10.12
N THR A 16 -9.07 -1.29 9.11
CA THR A 16 -7.60 -1.33 9.15
C THR A 16 -7.02 0.09 9.20
N THR A 17 -6.00 0.29 10.03
CA THR A 17 -5.28 1.56 10.18
C THR A 17 -3.79 1.52 9.81
N VAL A 18 -3.18 2.70 9.65
CA VAL A 18 -1.79 2.87 9.19
C VAL A 18 -0.74 2.14 10.05
N GLU A 19 -0.96 2.07 11.36
CA GLU A 19 -0.08 1.35 12.28
C GLU A 19 -0.16 -0.18 12.12
N ASP A 20 -1.31 -0.72 11.70
CA ASP A 20 -1.44 -2.15 11.38
C ASP A 20 -0.61 -2.45 10.13
N VAL A 21 -0.72 -1.62 9.09
CA VAL A 21 0.03 -1.76 7.83
C VAL A 21 1.53 -1.68 8.11
N LYS A 22 1.97 -0.71 8.93
CA LYS A 22 3.38 -0.58 9.35
C LYS A 22 3.88 -1.83 10.09
N HIS A 23 3.12 -2.34 11.07
CA HIS A 23 3.45 -3.58 11.79
C HIS A 23 3.54 -4.80 10.88
N TYR A 24 2.54 -5.04 10.03
CA TYR A 24 2.52 -6.12 9.06
C TYR A 24 3.65 -6.14 8.02
N PHE A 25 4.15 -4.98 7.60
CA PHE A 25 5.30 -4.87 6.70
C PHE A 25 6.71 -4.91 7.33
N GLU A 26 6.83 -4.54 8.60
CA GLU A 26 8.07 -4.72 9.39
C GLU A 26 8.44 -6.21 9.60
N GLN A 27 7.48 -7.13 9.44
CA GLN A 27 7.71 -8.59 9.54
C GLN A 27 8.68 -9.09 8.47
N PHE A 28 8.63 -8.49 7.27
CA PHE A 28 9.52 -8.78 6.14
C PHE A 28 10.95 -8.24 6.23
N GLY A 29 11.16 -7.15 6.98
CA GLY A 29 12.46 -6.49 7.16
C GLY A 29 12.37 -5.27 8.07
N LYS A 30 12.19 -4.09 7.47
CA LYS A 30 11.87 -2.83 8.17
C LYS A 30 11.14 -1.82 7.24
N VAL A 31 10.10 -1.19 7.78
CA VAL A 31 9.39 -0.04 7.20
C VAL A 31 10.10 1.24 7.64
N ASP A 32 10.26 2.17 6.71
CA ASP A 32 10.71 3.55 6.97
C ASP A 32 9.56 4.48 7.37
N ASP A 33 8.44 4.43 6.64
CA ASP A 33 7.22 5.20 6.90
C ASP A 33 6.02 4.54 6.19
N ALA A 34 4.80 4.76 6.70
CA ALA A 34 3.53 4.30 6.12
C ALA A 34 2.46 5.41 6.13
N MET A 35 1.58 5.45 5.12
CA MET A 35 0.50 6.44 5.01
C MET A 35 -0.70 5.93 4.17
N LEU A 36 -1.91 6.02 4.70
CA LEU A 36 -3.15 5.73 3.97
C LEU A 36 -3.67 6.99 3.26
N MET A 37 -4.25 6.84 2.06
CA MET A 37 -4.79 7.96 1.28
C MET A 37 -6.27 8.22 1.56
N PHE A 38 -6.68 9.49 1.60
CA PHE A 38 -8.00 9.94 2.07
C PHE A 38 -9.01 10.47 1.04
N ASP A 39 -10.30 10.15 1.24
CA ASP A 39 -11.43 10.71 0.51
C ASP A 39 -11.91 12.08 1.03
N LYS A 40 -11.86 13.13 0.20
CA LYS A 40 -12.31 14.49 0.57
C LYS A 40 -13.83 14.61 0.80
N THR A 41 -14.62 13.66 0.30
CA THR A 41 -16.09 13.61 0.43
C THR A 41 -16.63 13.22 1.81
N THR A 42 -16.02 12.19 2.41
CA THR A 42 -16.44 11.55 3.68
C THR A 42 -15.36 11.43 4.76
N ASN A 43 -14.15 11.91 4.49
CA ASN A 43 -12.99 11.97 5.42
C ASN A 43 -12.51 10.60 5.97
N ARG A 44 -12.82 9.52 5.25
CA ARG A 44 -12.30 8.14 5.48
C ARG A 44 -11.17 7.81 4.49
N HIS A 45 -10.37 6.78 4.77
CA HIS A 45 -9.35 6.32 3.81
C HIS A 45 -9.97 5.57 2.63
N ARG A 46 -9.32 5.63 1.47
CA ARG A 46 -9.77 5.07 0.17
C ARG A 46 -9.61 3.55 0.02
N GLY A 47 -9.30 2.84 1.10
CA GLY A 47 -8.98 1.41 1.08
C GLY A 47 -7.60 1.09 0.50
N PHE A 48 -6.67 2.05 0.47
CA PHE A 48 -5.28 1.81 0.06
C PHE A 48 -4.33 2.81 0.75
N GLY A 49 -3.04 2.50 0.69
CA GLY A 49 -1.97 3.39 1.15
C GLY A 49 -0.60 3.05 0.58
N PHE A 50 0.39 3.88 0.92
CA PHE A 50 1.80 3.69 0.64
C PHE A 50 2.67 3.21 1.81
N VAL A 51 3.70 2.41 1.52
CA VAL A 51 4.70 1.94 2.50
C VAL A 51 6.12 2.07 1.95
N THR A 52 6.93 2.91 2.59
CA THR A 52 8.37 3.08 2.31
C THR A 52 9.25 2.15 3.14
N PHE A 53 10.36 1.66 2.57
CA PHE A 53 11.22 0.63 3.19
C PHE A 53 12.62 1.06 3.63
N GLU A 54 13.27 0.26 4.47
CA GLU A 54 14.69 0.41 4.80
C GLU A 54 15.59 0.05 3.60
N SER A 55 15.25 -1.01 2.87
CA SER A 55 16.03 -1.55 1.74
C SER A 55 15.15 -1.99 0.57
N GLU A 56 15.65 -1.82 -0.66
CA GLU A 56 15.01 -2.28 -1.91
C GLU A 56 14.88 -3.81 -1.95
N ASP A 57 15.76 -4.54 -1.24
CA ASP A 57 15.66 -6.00 -1.10
C ASP A 57 14.37 -6.48 -0.42
N ILE A 58 13.88 -5.73 0.57
CA ILE A 58 12.59 -6.01 1.21
C ILE A 58 11.44 -5.65 0.25
N VAL A 59 11.52 -4.52 -0.45
CA VAL A 59 10.49 -4.11 -1.41
C VAL A 59 10.23 -5.21 -2.44
N GLU A 60 11.29 -5.81 -2.99
CA GLU A 60 11.16 -6.95 -3.91
C GLU A 60 10.70 -8.25 -3.23
N LYS A 61 11.16 -8.57 -2.02
CA LYS A 61 10.67 -9.72 -1.23
C LYS A 61 9.14 -9.64 -1.02
N VAL A 62 8.66 -8.48 -0.61
CA VAL A 62 7.24 -8.16 -0.37
C VAL A 62 6.45 -8.19 -1.69
N CYS A 63 6.92 -7.52 -2.74
CA CYS A 63 6.23 -7.50 -4.03
C CYS A 63 6.17 -8.84 -4.79
N GLU A 64 7.16 -9.73 -4.62
CA GLU A 64 7.12 -11.09 -5.19
C GLU A 64 6.06 -12.00 -4.52
N ILE A 65 5.68 -11.72 -3.27
CA ILE A 65 4.54 -12.38 -2.59
C ILE A 65 3.20 -11.91 -3.19
N HIS A 66 3.14 -10.64 -3.63
CA HIS A 66 2.03 -9.97 -4.35
C HIS A 66 0.75 -9.81 -3.54
N PHE A 67 0.13 -10.91 -3.07
CA PHE A 67 -0.99 -10.91 -2.13
C PHE A 67 -0.66 -11.20 -0.67
N HIS A 68 -1.03 -10.29 0.23
CA HIS A 68 -0.66 -10.30 1.66
C HIS A 68 -1.89 -10.33 2.56
N GLU A 69 -1.78 -10.97 3.73
CA GLU A 69 -2.82 -10.99 4.76
C GLU A 69 -2.56 -9.90 5.82
N ILE A 70 -3.52 -9.00 6.05
CA ILE A 70 -3.49 -7.94 7.08
C ILE A 70 -4.86 -7.89 7.78
N ASN A 71 -4.88 -7.92 9.11
CA ASN A 71 -6.11 -8.01 9.92
C ASN A 71 -7.04 -9.17 9.47
N ASN A 72 -6.44 -10.29 9.04
CA ASN A 72 -7.09 -11.47 8.44
C ASN A 72 -7.91 -11.21 7.16
N LYS A 73 -7.55 -10.16 6.39
CA LYS A 73 -8.11 -9.81 5.06
C LYS A 73 -6.99 -9.68 4.02
N MET A 74 -7.26 -10.02 2.76
CA MET A 74 -6.24 -10.07 1.70
C MET A 74 -6.10 -8.74 0.95
N VAL A 75 -4.86 -8.30 0.74
CA VAL A 75 -4.51 -7.04 0.07
C VAL A 75 -3.41 -7.23 -0.99
N GLU A 76 -3.40 -6.35 -1.99
CA GLU A 76 -2.46 -6.39 -3.11
C GLU A 76 -1.30 -5.38 -2.96
N CYS A 77 -0.06 -5.86 -2.96
CA CYS A 77 1.15 -5.02 -2.97
C CYS A 77 1.74 -4.86 -4.38
N LYS A 78 2.13 -3.63 -4.74
CA LYS A 78 2.74 -3.27 -6.05
C LYS A 78 3.87 -2.26 -5.86
N LYS A 79 4.94 -2.29 -6.66
CA LYS A 79 5.97 -1.22 -6.65
C LYS A 79 5.35 0.15 -6.97
N ALA A 80 5.75 1.20 -6.26
CA ALA A 80 5.17 2.53 -6.38
C ALA A 80 5.51 3.22 -7.71
N GLN A 81 4.61 3.08 -8.69
CA GLN A 81 4.59 3.80 -9.96
C GLN A 81 3.97 5.21 -9.81
N PRO A 82 4.28 6.18 -10.69
CA PRO A 82 3.95 7.60 -10.53
C PRO A 82 2.45 7.92 -10.71
N LYS A 83 2.08 9.21 -10.57
CA LYS A 83 0.75 9.77 -10.92
C LYS A 83 0.52 9.77 -12.46
N GLU A 84 0.44 8.56 -13.01
CA GLU A 84 0.20 8.24 -14.42
C GLU A 84 -0.64 6.95 -14.53
N VAL A 85 -0.31 5.94 -13.70
CA VAL A 85 -1.02 4.65 -13.56
C VAL A 85 -2.33 4.75 -12.74
N MET A 86 -3.05 5.87 -12.87
CA MET A 86 -4.16 6.27 -12.01
C MET A 86 -5.47 5.47 -12.18
N SER A 87 -5.53 4.54 -13.13
CA SER A 87 -6.72 3.72 -13.40
C SER A 87 -7.13 2.87 -12.17
N PRO A 88 -8.40 2.93 -11.73
CA PRO A 88 -8.88 2.17 -10.57
C PRO A 88 -9.01 0.66 -10.88
N THR A 89 -8.78 -0.19 -9.88
CA THR A 89 -9.08 -1.63 -9.94
C THR A 89 -10.56 -1.99 -9.76
N GLY A 90 -10.97 -3.18 -10.21
CA GLY A 90 -12.39 -3.61 -10.19
C GLY A 90 -12.94 -3.84 -8.79
N SER A 91 -14.10 -3.24 -8.49
CA SER A 91 -14.74 -3.25 -7.16
C SER A 91 -16.28 -3.45 -7.19
N ALA A 92 -16.88 -3.56 -8.38
CA ALA A 92 -18.34 -3.62 -8.58
C ALA A 92 -19.01 -4.96 -8.19
N ARG A 93 -18.22 -5.99 -7.86
CA ARG A 93 -18.72 -7.35 -7.51
C ARG A 93 -17.80 -8.03 -6.47
N GLY A 94 -18.43 -8.65 -5.46
CA GLY A 94 -17.75 -9.42 -4.41
C GLY A 94 -17.58 -10.90 -4.76
N ARG A 95 -17.46 -11.75 -3.73
CA ARG A 95 -17.42 -13.23 -3.86
C ARG A 95 -18.73 -13.83 -4.41
N SER A 96 -19.84 -13.10 -4.27
CA SER A 96 -21.18 -13.41 -4.82
C SER A 96 -21.88 -12.12 -5.25
N GLY A 1 17.21 4.31 -7.84
CA GLY A 1 16.46 5.50 -7.41
C GLY A 1 15.55 5.17 -6.24
N SER A 2 15.48 6.06 -5.23
CA SER A 2 14.83 5.82 -3.93
C SER A 2 13.32 5.48 -4.02
N HIS A 3 12.63 5.86 -5.08
CA HIS A 3 11.24 5.49 -5.35
C HIS A 3 11.02 3.97 -5.49
N MET A 4 12.07 3.21 -5.84
CA MET A 4 12.05 1.75 -5.88
C MET A 4 11.81 1.11 -4.48
N LYS A 5 12.07 1.86 -3.39
CA LYS A 5 11.76 1.43 -2.01
C LYS A 5 10.29 1.57 -1.61
N LYS A 6 9.41 2.07 -2.50
CA LYS A 6 7.98 2.34 -2.22
C LYS A 6 7.06 1.33 -2.90
N ILE A 7 6.02 0.88 -2.19
CA ILE A 7 4.95 0.01 -2.70
C ILE A 7 3.56 0.65 -2.50
N PHE A 8 2.65 0.27 -3.39
CA PHE A 8 1.22 0.46 -3.31
C PHE A 8 0.63 -0.74 -2.54
N VAL A 9 -0.39 -0.50 -1.73
CA VAL A 9 -1.17 -1.52 -0.99
C VAL A 9 -2.66 -1.28 -1.18
N GLY A 10 -3.43 -2.27 -1.64
CA GLY A 10 -4.87 -2.13 -1.89
C GLY A 10 -5.72 -3.31 -1.42
N GLY A 11 -7.02 -3.08 -1.19
CA GLY A 11 -7.95 -4.06 -0.62
C GLY A 11 -8.11 -3.98 0.91
N LEU A 12 -7.58 -2.92 1.54
CA LEU A 12 -7.62 -2.70 2.98
C LEU A 12 -9.05 -2.45 3.48
N SER A 13 -9.42 -2.99 4.63
CA SER A 13 -10.69 -2.66 5.29
C SER A 13 -10.64 -1.27 5.94
N VAL A 14 -11.79 -0.60 6.07
CA VAL A 14 -11.89 0.67 6.82
C VAL A 14 -11.64 0.53 8.33
N ASN A 15 -11.70 -0.70 8.86
CA ASN A 15 -11.29 -1.04 10.22
C ASN A 15 -9.75 -1.06 10.37
N THR A 16 -9.01 -1.48 9.33
CA THR A 16 -7.55 -1.42 9.27
C THR A 16 -7.05 0.03 9.22
N THR A 17 -6.00 0.32 10.00
CA THR A 17 -5.31 1.63 10.04
C THR A 17 -3.82 1.57 9.65
N VAL A 18 -3.24 2.72 9.34
CA VAL A 18 -1.87 2.87 8.82
C VAL A 18 -0.79 2.20 9.69
N GLU A 19 -0.95 2.22 11.00
CA GLU A 19 -0.02 1.59 11.95
C GLU A 19 -0.07 0.06 11.91
N ASP A 20 -1.23 -0.54 11.61
CA ASP A 20 -1.36 -2.00 11.40
C ASP A 20 -0.56 -2.41 10.16
N VAL A 21 -0.67 -1.62 9.09
CA VAL A 21 0.01 -1.85 7.81
C VAL A 21 1.53 -1.73 7.96
N LYS A 22 2.01 -0.66 8.62
CA LYS A 22 3.43 -0.47 8.92
C LYS A 22 4.00 -1.60 9.79
N HIS A 23 3.33 -1.92 10.90
CA HIS A 23 3.74 -3.00 11.81
C HIS A 23 3.75 -4.38 11.14
N TYR A 24 2.78 -4.67 10.26
CA TYR A 24 2.76 -5.90 9.48
C TYR A 24 3.92 -6.05 8.48
N PHE A 25 4.21 -5.00 7.71
CA PHE A 25 5.32 -5.00 6.75
C PHE A 25 6.75 -5.03 7.33
N GLU A 26 6.92 -4.52 8.55
CA GLU A 26 8.19 -4.57 9.31
C GLU A 26 8.72 -5.99 9.59
N GLN A 27 7.86 -7.01 9.50
CA GLN A 27 8.23 -8.43 9.67
C GLN A 27 9.22 -8.92 8.62
N PHE A 28 8.97 -8.55 7.37
CA PHE A 28 9.84 -8.85 6.22
C PHE A 28 11.17 -8.09 6.26
N GLY A 29 11.11 -6.84 6.72
CA GLY A 29 12.23 -5.93 6.93
C GLY A 29 11.71 -4.52 7.24
N LYS A 30 12.53 -3.69 7.87
CA LYS A 30 12.10 -2.40 8.44
C LYS A 30 11.50 -1.46 7.39
N VAL A 31 10.41 -0.82 7.82
CA VAL A 31 9.65 0.20 7.09
C VAL A 31 10.09 1.59 7.56
N ASP A 32 10.28 2.51 6.62
CA ASP A 32 10.55 3.92 6.83
C ASP A 32 9.29 4.72 7.20
N ASP A 33 8.22 4.56 6.41
CA ASP A 33 6.98 5.35 6.52
C ASP A 33 5.80 4.59 5.85
N ALA A 34 4.56 4.94 6.21
CA ALA A 34 3.33 4.45 5.60
C ALA A 34 2.23 5.53 5.62
N MET A 35 1.30 5.50 4.64
CA MET A 35 0.17 6.43 4.53
C MET A 35 -1.02 5.81 3.78
N LEU A 36 -2.24 5.96 4.30
CA LEU A 36 -3.48 5.53 3.64
C LEU A 36 -4.23 6.72 3.01
N MET A 37 -4.84 6.52 1.84
CA MET A 37 -5.43 7.61 1.04
C MET A 37 -6.87 7.92 1.46
N PHE A 38 -7.07 9.02 2.19
CA PHE A 38 -8.38 9.50 2.64
C PHE A 38 -9.34 10.11 1.61
N ASP A 39 -10.65 9.93 1.81
CA ASP A 39 -11.72 10.60 1.08
C ASP A 39 -12.59 11.45 2.04
N LYS A 40 -12.52 12.78 1.90
CA LYS A 40 -13.15 13.75 2.82
C LYS A 40 -14.69 13.69 2.84
N THR A 41 -15.32 13.15 1.79
CA THR A 41 -16.76 12.86 1.73
C THR A 41 -17.23 11.68 2.60
N THR A 42 -16.35 10.72 2.88
CA THR A 42 -16.60 9.54 3.74
C THR A 42 -15.90 9.56 5.11
N ASN A 43 -14.86 10.39 5.25
CA ASN A 43 -13.97 10.46 6.42
C ASN A 43 -13.29 9.11 6.75
N ARG A 44 -13.01 8.30 5.71
CA ARG A 44 -12.27 7.03 5.75
C ARG A 44 -11.27 6.96 4.59
N HIS A 45 -10.32 6.02 4.65
CA HIS A 45 -9.45 5.71 3.51
C HIS A 45 -10.20 4.93 2.42
N ARG A 46 -9.76 5.08 1.16
CA ARG A 46 -10.36 4.46 -0.05
C ARG A 46 -10.06 2.97 -0.22
N GLY A 47 -9.61 2.29 0.84
CA GLY A 47 -9.15 0.89 0.80
C GLY A 47 -7.75 0.70 0.21
N PHE A 48 -6.96 1.77 0.04
CA PHE A 48 -5.60 1.67 -0.47
C PHE A 48 -4.68 2.75 0.14
N GLY A 49 -3.37 2.53 0.02
CA GLY A 49 -2.32 3.42 0.50
C GLY A 49 -0.93 3.04 -0.02
N PHE A 50 0.09 3.66 0.58
CA PHE A 50 1.51 3.45 0.28
C PHE A 50 2.38 3.09 1.49
N VAL A 51 3.46 2.34 1.25
CA VAL A 51 4.47 1.95 2.25
C VAL A 51 5.88 2.09 1.67
N THR A 52 6.80 2.69 2.44
CA THR A 52 8.22 2.89 2.07
C THR A 52 9.21 2.13 2.94
N PHE A 53 10.20 1.47 2.34
CA PHE A 53 11.13 0.55 2.98
C PHE A 53 12.53 1.12 3.25
N GLU A 54 13.28 0.50 4.18
CA GLU A 54 14.70 0.83 4.38
C GLU A 54 15.61 0.31 3.26
N SER A 55 15.25 -0.79 2.59
CA SER A 55 16.02 -1.37 1.48
C SER A 55 15.11 -1.87 0.34
N GLU A 56 15.60 -1.74 -0.91
CA GLU A 56 14.94 -2.28 -2.11
C GLU A 56 14.84 -3.82 -2.06
N ASP A 57 15.79 -4.49 -1.37
CA ASP A 57 15.77 -5.95 -1.21
C ASP A 57 14.56 -6.50 -0.44
N ILE A 58 14.03 -5.72 0.52
CA ILE A 58 12.77 -6.06 1.20
C ILE A 58 11.60 -5.89 0.23
N VAL A 59 11.57 -4.81 -0.55
CA VAL A 59 10.47 -4.57 -1.51
C VAL A 59 10.32 -5.74 -2.47
N GLU A 60 11.43 -6.28 -3.00
CA GLU A 60 11.41 -7.49 -3.84
C GLU A 60 10.82 -8.71 -3.10
N LYS A 61 11.28 -8.99 -1.87
CA LYS A 61 10.79 -10.10 -1.03
C LYS A 61 9.29 -10.01 -0.75
N VAL A 62 8.83 -8.81 -0.42
CA VAL A 62 7.41 -8.47 -0.16
C VAL A 62 6.58 -8.57 -1.45
N CYS A 63 7.04 -7.99 -2.55
CA CYS A 63 6.31 -7.97 -3.83
C CYS A 63 6.10 -9.36 -4.46
N GLU A 64 7.06 -10.28 -4.29
CA GLU A 64 6.95 -11.67 -4.78
C GLU A 64 5.82 -12.49 -4.10
N ILE A 65 5.38 -12.07 -2.91
CA ILE A 65 4.26 -12.70 -2.18
C ILE A 65 2.90 -12.33 -2.80
N HIS A 66 2.79 -11.13 -3.39
CA HIS A 66 1.64 -10.53 -4.08
C HIS A 66 0.42 -10.28 -3.17
N PHE A 67 -0.17 -11.33 -2.58
CA PHE A 67 -1.23 -11.25 -1.56
C PHE A 67 -0.82 -11.44 -0.11
N HIS A 68 -1.08 -10.43 0.73
CA HIS A 68 -0.66 -10.31 2.12
C HIS A 68 -1.88 -10.28 3.07
N GLU A 69 -1.71 -10.68 4.33
CA GLU A 69 -2.81 -10.80 5.29
C GLU A 69 -2.71 -9.77 6.43
N ILE A 70 -3.59 -8.76 6.44
CA ILE A 70 -3.60 -7.67 7.44
C ILE A 70 -4.97 -7.62 8.11
N ASN A 71 -5.00 -7.72 9.45
CA ASN A 71 -6.25 -7.88 10.23
C ASN A 71 -7.15 -9.02 9.72
N ASN A 72 -6.54 -10.13 9.27
CA ASN A 72 -7.15 -11.27 8.57
C ASN A 72 -7.81 -10.94 7.19
N LYS A 73 -7.70 -9.69 6.71
CA LYS A 73 -8.10 -9.26 5.36
C LYS A 73 -6.97 -9.54 4.35
N MET A 74 -7.31 -9.98 3.14
CA MET A 74 -6.36 -10.12 2.04
C MET A 74 -6.14 -8.78 1.34
N VAL A 75 -4.87 -8.38 1.18
CA VAL A 75 -4.44 -7.15 0.49
C VAL A 75 -3.39 -7.41 -0.57
N GLU A 76 -3.38 -6.57 -1.60
CA GLU A 76 -2.52 -6.69 -2.78
C GLU A 76 -1.38 -5.67 -2.74
N CYS A 77 -0.12 -6.13 -2.83
CA CYS A 77 1.05 -5.27 -3.02
C CYS A 77 1.37 -5.06 -4.52
N LYS A 78 1.91 -3.89 -4.85
CA LYS A 78 2.45 -3.53 -6.18
C LYS A 78 3.63 -2.57 -5.99
N LYS A 79 4.62 -2.54 -6.89
CA LYS A 79 5.64 -1.48 -6.89
C LYS A 79 5.00 -0.12 -7.20
N ALA A 80 5.35 0.93 -6.45
CA ALA A 80 4.75 2.26 -6.64
C ALA A 80 5.28 2.97 -7.90
N GLN A 81 4.38 3.61 -8.66
CA GLN A 81 4.70 4.47 -9.81
C GLN A 81 3.91 5.80 -9.75
N PRO A 82 4.41 6.91 -10.35
CA PRO A 82 3.82 8.25 -10.18
C PRO A 82 2.39 8.38 -10.71
N LYS A 83 1.58 9.27 -10.12
CA LYS A 83 0.17 9.50 -10.53
C LYS A 83 0.03 10.05 -11.96
N GLU A 84 1.09 10.64 -12.47
CA GLU A 84 1.24 11.13 -13.85
C GLU A 84 1.30 9.99 -14.89
N VAL A 85 1.67 8.77 -14.48
CA VAL A 85 1.60 7.53 -15.27
C VAL A 85 0.51 6.56 -14.83
N MET A 86 0.26 6.48 -13.52
CA MET A 86 -0.82 5.72 -12.88
C MET A 86 -2.07 6.59 -12.70
N SER A 87 -2.75 6.90 -13.81
CA SER A 87 -4.08 7.52 -13.80
C SER A 87 -5.20 6.47 -13.56
N PRO A 88 -6.27 6.81 -12.83
CA PRO A 88 -7.34 5.86 -12.49
C PRO A 88 -8.17 5.44 -13.72
N THR A 89 -8.70 4.21 -13.66
CA THR A 89 -9.57 3.60 -14.70
C THR A 89 -11.05 4.04 -14.69
N GLY A 90 -11.45 4.86 -13.72
CA GLY A 90 -12.85 5.24 -13.47
C GLY A 90 -13.61 4.20 -12.64
N SER A 91 -14.93 4.12 -12.82
CA SER A 91 -15.79 3.13 -12.15
C SER A 91 -15.49 1.69 -12.61
N ALA A 92 -15.32 0.78 -11.66
CA ALA A 92 -15.00 -0.64 -11.87
C ALA A 92 -15.48 -1.54 -10.72
N ARG A 93 -15.67 -2.84 -11.01
CA ARG A 93 -16.16 -3.85 -10.04
C ARG A 93 -15.09 -4.33 -9.04
N GLY A 94 -13.81 -4.20 -9.37
CA GLY A 94 -12.67 -4.72 -8.61
C GLY A 94 -11.85 -5.74 -9.41
N ARG A 95 -11.28 -6.75 -8.74
CA ARG A 95 -10.66 -7.92 -9.40
C ARG A 95 -11.70 -8.80 -10.12
N SER A 96 -11.29 -9.46 -11.21
CA SER A 96 -12.12 -10.33 -12.06
C SER A 96 -12.66 -11.56 -11.33
N GLY A 1 15.36 7.71 -7.41
CA GLY A 1 14.05 8.34 -7.10
C GLY A 1 12.89 7.51 -7.64
N SER A 2 11.95 8.15 -8.33
CA SER A 2 10.83 7.52 -9.06
C SER A 2 9.97 6.53 -8.25
N HIS A 3 9.88 6.75 -6.93
CA HIS A 3 9.16 5.89 -5.96
C HIS A 3 9.62 4.42 -5.90
N MET A 4 10.85 4.11 -6.34
CA MET A 4 11.34 2.73 -6.48
C MET A 4 11.44 1.93 -5.18
N LYS A 5 11.64 2.60 -4.03
CA LYS A 5 11.61 1.98 -2.68
C LYS A 5 10.22 1.80 -2.06
N LYS A 6 9.14 2.06 -2.80
CA LYS A 6 7.75 2.09 -2.30
C LYS A 6 6.87 1.01 -2.97
N ILE A 7 5.96 0.41 -2.20
CA ILE A 7 4.90 -0.48 -2.71
C ILE A 7 3.53 0.19 -2.55
N PHE A 8 2.64 -0.16 -3.46
CA PHE A 8 1.20 0.06 -3.41
C PHE A 8 0.59 -1.14 -2.65
N VAL A 9 -0.42 -0.87 -1.82
CA VAL A 9 -1.20 -1.87 -1.08
C VAL A 9 -2.69 -1.66 -1.35
N GLY A 10 -3.37 -2.65 -1.93
CA GLY A 10 -4.78 -2.56 -2.32
C GLY A 10 -5.66 -3.66 -1.71
N GLY A 11 -6.92 -3.32 -1.42
CA GLY A 11 -7.91 -4.23 -0.82
C GLY A 11 -8.01 -4.15 0.71
N LEU A 12 -7.53 -3.05 1.31
CA LEU A 12 -7.49 -2.84 2.76
C LEU A 12 -8.90 -2.64 3.35
N SER A 13 -9.18 -3.31 4.48
CA SER A 13 -10.41 -3.05 5.25
C SER A 13 -10.44 -1.64 5.83
N VAL A 14 -11.60 -0.99 5.85
CA VAL A 14 -11.82 0.29 6.54
C VAL A 14 -11.63 0.23 8.08
N ASN A 15 -11.63 -0.98 8.66
CA ASN A 15 -11.25 -1.20 10.07
C ASN A 15 -9.72 -1.04 10.29
N THR A 16 -8.92 -1.41 9.29
CA THR A 16 -7.46 -1.27 9.27
C THR A 16 -6.99 0.17 9.19
N THR A 17 -5.99 0.53 10.00
CA THR A 17 -5.30 1.82 10.00
C THR A 17 -3.84 1.76 9.52
N VAL A 18 -3.26 2.92 9.19
CA VAL A 18 -1.89 3.04 8.65
C VAL A 18 -0.81 2.38 9.52
N GLU A 19 -0.95 2.47 10.84
CA GLU A 19 -0.03 1.84 11.79
C GLU A 19 -0.10 0.31 11.76
N ASP A 20 -1.27 -0.27 11.51
CA ASP A 20 -1.41 -1.72 11.31
C ASP A 20 -0.64 -2.13 10.06
N VAL A 21 -0.83 -1.42 8.93
CA VAL A 21 -0.17 -1.72 7.66
C VAL A 21 1.36 -1.64 7.80
N LYS A 22 1.88 -0.61 8.49
CA LYS A 22 3.30 -0.48 8.83
C LYS A 22 3.80 -1.66 9.68
N HIS A 23 3.10 -2.00 10.78
CA HIS A 23 3.48 -3.12 11.67
C HIS A 23 3.43 -4.49 10.99
N TYR A 24 2.43 -4.74 10.12
CA TYR A 24 2.38 -5.92 9.27
C TYR A 24 3.50 -6.08 8.23
N PHE A 25 3.82 -5.02 7.46
CA PHE A 25 4.94 -5.06 6.51
C PHE A 25 6.37 -5.11 7.10
N GLU A 26 6.54 -4.62 8.33
CA GLU A 26 7.80 -4.70 9.09
C GLU A 26 8.30 -6.12 9.39
N GLN A 27 7.47 -7.16 9.23
CA GLN A 27 7.90 -8.56 9.45
C GLN A 27 8.97 -9.01 8.42
N PHE A 28 8.96 -8.42 7.22
CA PHE A 28 9.89 -8.76 6.13
C PHE A 28 11.24 -8.03 6.20
N GLY A 29 11.23 -6.82 6.76
CA GLY A 29 12.37 -5.92 6.90
C GLY A 29 11.90 -4.49 7.24
N LYS A 30 12.83 -3.59 7.53
CA LYS A 30 12.52 -2.25 8.08
C LYS A 30 11.81 -1.35 7.06
N VAL A 31 10.72 -0.75 7.54
CA VAL A 31 9.85 0.18 6.82
C VAL A 31 10.23 1.61 7.21
N ASP A 32 10.36 2.49 6.21
CA ASP A 32 10.63 3.91 6.39
C ASP A 32 9.37 4.72 6.79
N ASP A 33 8.26 4.52 6.07
CA ASP A 33 7.00 5.24 6.28
C ASP A 33 5.83 4.48 5.62
N ALA A 34 4.59 4.81 5.99
CA ALA A 34 3.35 4.33 5.37
C ALA A 34 2.26 5.42 5.33
N MET A 35 1.35 5.36 4.35
CA MET A 35 0.22 6.29 4.22
C MET A 35 -0.96 5.65 3.47
N LEU A 36 -2.20 5.82 3.99
CA LEU A 36 -3.43 5.42 3.30
C LEU A 36 -4.07 6.61 2.60
N MET A 37 -4.63 6.41 1.41
CA MET A 37 -5.28 7.48 0.62
C MET A 37 -6.73 7.67 1.05
N PHE A 38 -7.19 8.93 1.11
CA PHE A 38 -8.51 9.33 1.63
C PHE A 38 -9.60 9.75 0.64
N ASP A 39 -10.85 9.52 1.01
CA ASP A 39 -12.06 10.04 0.35
C ASP A 39 -12.63 11.29 1.03
N LYS A 40 -12.72 12.43 0.32
CA LYS A 40 -13.25 13.69 0.87
C LYS A 40 -14.78 13.71 1.03
N THR A 41 -15.50 12.76 0.43
CA THR A 41 -16.96 12.57 0.58
C THR A 41 -17.44 12.04 1.93
N THR A 42 -16.71 11.05 2.47
CA THR A 42 -17.03 10.32 3.72
C THR A 42 -15.95 10.34 4.80
N ASN A 43 -14.77 10.92 4.52
CA ASN A 43 -13.59 10.99 5.40
C ASN A 43 -12.99 9.62 5.80
N ARG A 44 -13.39 8.54 5.13
CA ARG A 44 -12.80 7.19 5.20
C ARG A 44 -11.61 7.05 4.24
N HIS A 45 -10.73 6.07 4.48
CA HIS A 45 -9.70 5.72 3.49
C HIS A 45 -10.30 4.92 2.32
N ARG A 46 -9.67 5.01 1.14
CA ARG A 46 -10.18 4.47 -0.13
C ARG A 46 -9.99 2.95 -0.32
N GLY A 47 -9.57 2.23 0.73
CA GLY A 47 -9.23 0.80 0.65
C GLY A 47 -7.88 0.51 -0.01
N PHE A 48 -7.02 1.51 -0.16
CA PHE A 48 -5.66 1.34 -0.67
C PHE A 48 -4.73 2.42 -0.08
N GLY A 49 -3.43 2.17 -0.18
CA GLY A 49 -2.37 3.05 0.31
C GLY A 49 -0.96 2.62 -0.14
N PHE A 50 0.04 3.14 0.55
CA PHE A 50 1.47 2.96 0.24
C PHE A 50 2.35 2.61 1.45
N VAL A 51 3.45 1.89 1.21
CA VAL A 51 4.51 1.60 2.19
C VAL A 51 5.90 1.76 1.57
N THR A 52 6.75 2.62 2.17
CA THR A 52 8.14 2.86 1.79
C THR A 52 9.16 2.09 2.63
N PHE A 53 10.23 1.56 2.02
CA PHE A 53 11.22 0.70 2.66
C PHE A 53 12.59 1.33 2.82
N GLU A 54 13.35 0.92 3.83
CA GLU A 54 14.74 1.39 4.01
C GLU A 54 15.73 0.72 3.04
N SER A 55 15.59 -0.59 2.79
CA SER A 55 16.33 -1.32 1.77
C SER A 55 15.43 -1.77 0.62
N GLU A 56 15.90 -1.58 -0.62
CA GLU A 56 15.20 -1.99 -1.84
C GLU A 56 15.07 -3.52 -1.96
N ASP A 57 15.95 -4.28 -1.30
CA ASP A 57 15.85 -5.74 -1.23
C ASP A 57 14.58 -6.27 -0.53
N ILE A 58 14.06 -5.53 0.46
CA ILE A 58 12.79 -5.86 1.11
C ILE A 58 11.62 -5.65 0.16
N VAL A 59 11.65 -4.61 -0.68
CA VAL A 59 10.59 -4.34 -1.67
C VAL A 59 10.40 -5.54 -2.60
N GLU A 60 11.50 -6.15 -3.07
CA GLU A 60 11.48 -7.38 -3.87
C GLU A 60 10.93 -8.58 -3.08
N LYS A 61 11.44 -8.80 -1.86
CA LYS A 61 11.04 -9.88 -0.93
C LYS A 61 9.54 -9.89 -0.64
N VAL A 62 9.00 -8.69 -0.37
CA VAL A 62 7.57 -8.45 -0.11
C VAL A 62 6.75 -8.62 -1.40
N CYS A 63 7.17 -8.00 -2.51
CA CYS A 63 6.40 -7.99 -3.76
C CYS A 63 6.28 -9.40 -4.38
N GLU A 64 7.29 -10.26 -4.22
CA GLU A 64 7.29 -11.65 -4.68
C GLU A 64 6.17 -12.51 -4.05
N ILE A 65 5.74 -12.17 -2.82
CA ILE A 65 4.64 -12.87 -2.11
C ILE A 65 3.27 -12.55 -2.72
N HIS A 66 3.12 -11.36 -3.30
CA HIS A 66 1.96 -10.83 -4.05
C HIS A 66 0.68 -10.60 -3.21
N PHE A 67 0.23 -11.61 -2.46
CA PHE A 67 -0.87 -11.55 -1.51
C PHE A 67 -0.51 -11.70 -0.02
N HIS A 68 -0.90 -10.72 0.80
CA HIS A 68 -0.54 -10.59 2.21
C HIS A 68 -1.80 -10.52 3.09
N GLU A 69 -1.70 -10.93 4.36
CA GLU A 69 -2.80 -10.87 5.34
C GLU A 69 -2.58 -9.73 6.35
N ILE A 70 -3.58 -8.86 6.55
CA ILE A 70 -3.56 -7.73 7.49
C ILE A 70 -4.93 -7.65 8.18
N ASN A 71 -4.98 -7.68 9.52
CA ASN A 71 -6.23 -7.73 10.31
C ASN A 71 -7.20 -8.85 9.83
N ASN A 72 -6.65 -9.99 9.39
CA ASN A 72 -7.32 -11.11 8.71
C ASN A 72 -7.97 -10.83 7.34
N LYS A 73 -7.87 -9.59 6.82
CA LYS A 73 -8.23 -9.24 5.43
C LYS A 73 -7.05 -9.56 4.49
N MET A 74 -7.31 -10.04 3.28
CA MET A 74 -6.27 -10.21 2.26
C MET A 74 -6.06 -8.92 1.46
N VAL A 75 -4.80 -8.57 1.19
CA VAL A 75 -4.39 -7.40 0.42
C VAL A 75 -3.34 -7.77 -0.63
N GLU A 76 -3.34 -7.03 -1.74
CA GLU A 76 -2.36 -7.18 -2.81
C GLU A 76 -1.24 -6.13 -2.70
N CYS A 77 0.01 -6.57 -2.78
CA CYS A 77 1.17 -5.67 -2.96
C CYS A 77 1.53 -5.54 -4.45
N LYS A 78 1.87 -4.33 -4.89
CA LYS A 78 2.43 -4.02 -6.21
C LYS A 78 3.58 -3.01 -6.04
N LYS A 79 4.56 -2.96 -6.95
CA LYS A 79 5.54 -1.86 -6.96
C LYS A 79 4.84 -0.53 -7.28
N ALA A 80 5.19 0.54 -6.56
CA ALA A 80 4.52 1.83 -6.71
C ALA A 80 4.95 2.54 -8.00
N GLN A 81 3.99 2.70 -8.94
CA GLN A 81 4.15 3.59 -10.09
C GLN A 81 4.23 5.04 -9.59
N PRO A 82 4.95 5.96 -10.27
CA PRO A 82 5.12 7.33 -9.80
C PRO A 82 3.79 8.10 -9.67
N LYS A 83 3.73 9.07 -8.74
CA LYS A 83 2.53 9.88 -8.45
C LYS A 83 1.98 10.69 -9.63
N GLU A 84 2.79 10.88 -10.66
CA GLU A 84 2.44 11.53 -11.92
C GLU A 84 1.64 10.63 -12.90
N VAL A 85 1.64 9.31 -12.70
CA VAL A 85 1.07 8.33 -13.64
C VAL A 85 -0.46 8.42 -13.84
N MET A 86 -1.18 8.51 -12.71
CA MET A 86 -2.63 8.68 -12.61
C MET A 86 -3.42 7.66 -13.45
N SER A 87 -3.04 6.38 -13.29
CA SER A 87 -3.63 5.25 -14.02
C SER A 87 -5.15 5.09 -13.74
N PRO A 88 -5.95 4.56 -14.68
CA PRO A 88 -7.40 4.37 -14.48
C PRO A 88 -7.76 3.50 -13.26
N THR A 89 -8.81 3.91 -12.54
CA THR A 89 -9.37 3.17 -11.39
C THR A 89 -10.13 1.89 -11.74
N GLY A 90 -10.26 0.97 -10.79
CA GLY A 90 -11.05 -0.26 -10.92
C GLY A 90 -11.13 -1.06 -9.62
N SER A 91 -12.33 -1.39 -9.17
CA SER A 91 -12.59 -2.11 -7.92
C SER A 91 -12.18 -3.59 -7.95
N ALA A 92 -11.79 -4.13 -6.79
CA ALA A 92 -11.43 -5.53 -6.59
C ALA A 92 -11.50 -5.90 -5.09
N ARG A 93 -12.03 -7.09 -4.75
CA ARG A 93 -12.14 -7.56 -3.35
C ARG A 93 -10.84 -8.16 -2.81
N GLY A 94 -10.03 -8.78 -3.68
CA GLY A 94 -8.86 -9.59 -3.32
C GLY A 94 -9.22 -11.06 -3.05
N ARG A 95 -8.24 -11.83 -2.52
CA ARG A 95 -8.36 -13.28 -2.27
C ARG A 95 -9.33 -13.67 -1.14
N SER A 96 -9.66 -12.73 -0.25
CA SER A 96 -10.66 -12.86 0.83
C SER A 96 -12.11 -12.82 0.32
N GLY A 1 14.62 11.11 -9.16
CA GLY A 1 14.62 9.95 -8.24
C GLY A 1 15.28 8.72 -8.86
N SER A 2 15.51 7.68 -8.06
CA SER A 2 16.10 6.39 -8.49
C SER A 2 15.72 5.22 -7.57
N HIS A 3 15.86 5.40 -6.25
CA HIS A 3 15.48 4.41 -5.23
C HIS A 3 13.96 4.27 -5.08
N MET A 4 13.37 3.30 -5.79
CA MET A 4 11.94 2.95 -5.70
C MET A 4 11.63 2.10 -4.45
N LYS A 5 12.03 2.59 -3.26
CA LYS A 5 11.85 1.92 -1.96
C LYS A 5 10.41 2.00 -1.40
N LYS A 6 9.38 2.03 -2.25
CA LYS A 6 7.98 2.24 -1.84
C LYS A 6 7.02 1.32 -2.59
N ILE A 7 6.03 0.77 -1.88
CA ILE A 7 4.93 -0.04 -2.43
C ILE A 7 3.57 0.62 -2.21
N PHE A 8 2.67 0.31 -3.13
CA PHE A 8 1.24 0.50 -3.09
C PHE A 8 0.59 -0.74 -2.46
N VAL A 9 -0.37 -0.56 -1.56
CA VAL A 9 -1.11 -1.63 -0.88
C VAL A 9 -2.61 -1.40 -1.00
N GLY A 10 -3.32 -2.23 -1.78
CA GLY A 10 -4.74 -2.03 -2.10
C GLY A 10 -5.66 -3.17 -1.63
N GLY A 11 -6.87 -2.83 -1.19
CA GLY A 11 -7.89 -3.75 -0.67
C GLY A 11 -8.04 -3.77 0.86
N LEU A 12 -7.46 -2.79 1.56
CA LEU A 12 -7.48 -2.69 3.04
C LEU A 12 -8.91 -2.49 3.59
N SER A 13 -9.14 -2.94 4.82
CA SER A 13 -10.36 -2.60 5.57
C SER A 13 -10.36 -1.12 5.95
N VAL A 14 -11.52 -0.46 5.86
CA VAL A 14 -11.71 0.91 6.40
C VAL A 14 -11.54 0.98 7.93
N ASN A 15 -11.53 -0.18 8.61
CA ASN A 15 -11.24 -0.29 10.05
C ASN A 15 -9.73 -0.35 10.35
N THR A 16 -8.89 -0.69 9.37
CA THR A 16 -7.42 -0.74 9.50
C THR A 16 -6.82 0.65 9.65
N THR A 17 -5.89 0.81 10.61
CA THR A 17 -5.05 2.00 10.76
C THR A 17 -3.63 1.83 10.24
N VAL A 18 -2.96 2.95 9.93
CA VAL A 18 -1.61 3.00 9.35
C VAL A 18 -0.55 2.23 10.15
N GLU A 19 -0.68 2.21 11.48
CA GLU A 19 0.24 1.49 12.37
C GLU A 19 0.09 -0.04 12.27
N ASP A 20 -1.11 -0.57 11.96
CA ASP A 20 -1.32 -2.00 11.71
C ASP A 20 -0.52 -2.42 10.46
N VAL A 21 -0.59 -1.59 9.42
CA VAL A 21 0.09 -1.78 8.13
C VAL A 21 1.61 -1.70 8.29
N LYS A 22 2.13 -0.69 8.99
CA LYS A 22 3.57 -0.56 9.28
C LYS A 22 4.09 -1.73 10.11
N HIS A 23 3.37 -2.14 11.16
CA HIS A 23 3.71 -3.30 11.99
C HIS A 23 3.75 -4.60 11.18
N TYR A 24 2.76 -4.82 10.30
CA TYR A 24 2.72 -5.99 9.43
C TYR A 24 3.89 -6.11 8.45
N PHE A 25 4.27 -5.00 7.79
CA PHE A 25 5.40 -4.97 6.86
C PHE A 25 6.81 -5.06 7.46
N GLU A 26 6.99 -4.59 8.71
CA GLU A 26 8.25 -4.71 9.45
C GLU A 26 8.72 -6.15 9.73
N GLN A 27 7.84 -7.14 9.55
CA GLN A 27 8.17 -8.57 9.62
C GLN A 27 9.18 -8.99 8.55
N PHE A 28 8.95 -8.51 7.32
CA PHE A 28 9.79 -8.79 6.15
C PHE A 28 11.15 -8.08 6.18
N GLY A 29 11.18 -6.87 6.71
CA GLY A 29 12.34 -5.99 6.89
C GLY A 29 11.89 -4.57 7.26
N LYS A 30 12.81 -3.74 7.74
CA LYS A 30 12.46 -2.44 8.36
C LYS A 30 11.73 -1.49 7.39
N VAL A 31 10.66 -0.90 7.91
CA VAL A 31 9.81 0.10 7.25
C VAL A 31 10.16 1.49 7.78
N ASP A 32 10.44 2.42 6.87
CA ASP A 32 10.74 3.82 7.16
C ASP A 32 9.48 4.61 7.59
N ASP A 33 8.40 4.50 6.81
CA ASP A 33 7.16 5.26 6.99
C ASP A 33 6.00 4.55 6.26
N ALA A 34 4.76 4.86 6.64
CA ALA A 34 3.53 4.39 6.00
C ALA A 34 2.44 5.49 6.01
N MET A 35 1.51 5.43 5.06
CA MET A 35 0.36 6.36 4.96
C MET A 35 -0.83 5.72 4.23
N LEU A 36 -2.04 5.86 4.77
CA LEU A 36 -3.29 5.42 4.14
C LEU A 36 -4.04 6.61 3.53
N MET A 37 -4.68 6.42 2.38
CA MET A 37 -5.23 7.54 1.59
C MET A 37 -6.59 7.99 2.15
N PHE A 38 -6.58 8.89 3.13
CA PHE A 38 -7.79 9.39 3.79
C PHE A 38 -8.82 10.13 2.93
N ASP A 39 -10.07 9.66 2.94
CA ASP A 39 -11.22 10.38 2.38
C ASP A 39 -11.68 11.50 3.33
N LYS A 40 -11.71 11.16 4.63
CA LYS A 40 -11.87 12.07 5.77
C LYS A 40 -11.19 11.44 6.98
N THR A 41 -10.23 12.13 7.59
CA THR A 41 -9.31 11.61 8.64
C THR A 41 -10.07 11.18 9.91
N THR A 42 -11.21 11.83 10.20
CA THR A 42 -12.13 11.48 11.29
C THR A 42 -13.02 10.25 11.03
N ASN A 43 -13.01 9.73 9.80
CA ASN A 43 -13.95 8.72 9.31
C ASN A 43 -13.27 7.47 8.69
N ARG A 44 -12.67 7.60 7.49
CA ARG A 44 -12.19 6.47 6.68
C ARG A 44 -11.20 6.86 5.58
N HIS A 45 -10.43 5.88 5.12
CA HIS A 45 -9.58 5.94 3.92
C HIS A 45 -10.20 5.20 2.73
N ARG A 46 -9.64 5.41 1.54
CA ARG A 46 -10.08 4.86 0.25
C ARG A 46 -9.88 3.34 0.07
N GLY A 47 -9.46 2.61 1.12
CA GLY A 47 -9.15 1.18 1.06
C GLY A 47 -7.76 0.86 0.50
N PHE A 48 -6.85 1.83 0.42
CA PHE A 48 -5.47 1.61 -0.03
C PHE A 48 -4.52 2.64 0.61
N GLY A 49 -3.22 2.35 0.53
CA GLY A 49 -2.15 3.21 1.05
C GLY A 49 -0.78 2.89 0.48
N PHE A 50 0.23 3.58 1.00
CA PHE A 50 1.65 3.43 0.66
C PHE A 50 2.55 3.06 1.84
N VAL A 51 3.62 2.29 1.57
CA VAL A 51 4.60 1.81 2.56
C VAL A 51 6.02 1.95 2.04
N THR A 52 6.88 2.65 2.79
CA THR A 52 8.28 2.97 2.45
C THR A 52 9.32 2.17 3.23
N PHE A 53 10.38 1.69 2.59
CA PHE A 53 11.32 0.71 3.12
C PHE A 53 12.75 1.19 3.40
N GLU A 54 13.44 0.50 4.30
CA GLU A 54 14.88 0.69 4.56
C GLU A 54 15.74 0.24 3.36
N SER A 55 15.32 -0.81 2.64
CA SER A 55 16.02 -1.36 1.47
C SER A 55 15.04 -1.81 0.37
N GLU A 56 15.43 -1.60 -0.88
CA GLU A 56 14.70 -2.12 -2.05
C GLU A 56 14.72 -3.66 -2.13
N ASP A 57 15.68 -4.33 -1.47
CA ASP A 57 15.68 -5.78 -1.32
C ASP A 57 14.46 -6.34 -0.54
N ILE A 58 13.95 -5.56 0.41
CA ILE A 58 12.68 -5.89 1.08
C ILE A 58 11.50 -5.62 0.15
N VAL A 59 11.51 -4.51 -0.59
CA VAL A 59 10.43 -4.19 -1.54
C VAL A 59 10.26 -5.34 -2.55
N GLU A 60 11.37 -5.87 -3.07
CA GLU A 60 11.37 -7.06 -3.93
C GLU A 60 10.79 -8.31 -3.22
N LYS A 61 11.22 -8.61 -1.99
CA LYS A 61 10.73 -9.75 -1.18
C LYS A 61 9.21 -9.68 -0.98
N VAL A 62 8.71 -8.52 -0.54
CA VAL A 62 7.29 -8.22 -0.29
C VAL A 62 6.48 -8.26 -1.59
N CYS A 63 7.00 -7.70 -2.67
CA CYS A 63 6.34 -7.72 -3.99
C CYS A 63 6.29 -9.11 -4.66
N GLU A 64 7.30 -9.96 -4.46
CA GLU A 64 7.30 -11.35 -4.95
C GLU A 64 6.24 -12.24 -4.26
N ILE A 65 5.86 -11.93 -3.01
CA ILE A 65 4.71 -12.55 -2.33
C ILE A 65 3.39 -12.12 -2.98
N HIS A 66 3.32 -10.85 -3.43
CA HIS A 66 2.24 -10.21 -4.21
C HIS A 66 0.91 -10.04 -3.46
N PHE A 67 0.36 -11.13 -2.91
CA PHE A 67 -0.83 -11.14 -2.06
C PHE A 67 -0.58 -11.36 -0.56
N HIS A 68 -1.09 -10.45 0.27
CA HIS A 68 -0.83 -10.33 1.71
C HIS A 68 -2.14 -10.27 2.51
N GLU A 69 -2.09 -10.37 3.84
CA GLU A 69 -3.28 -10.29 4.71
C GLU A 69 -3.07 -9.31 5.89
N ILE A 70 -4.03 -8.40 6.10
CA ILE A 70 -4.04 -7.40 7.18
C ILE A 70 -5.47 -7.28 7.74
N ASN A 71 -5.63 -7.41 9.06
CA ASN A 71 -6.93 -7.36 9.75
C ASN A 71 -8.02 -8.27 9.14
N ASN A 72 -7.63 -9.50 8.77
CA ASN A 72 -8.44 -10.52 8.08
C ASN A 72 -8.88 -10.19 6.63
N LYS A 73 -8.50 -9.02 6.07
CA LYS A 73 -8.66 -8.70 4.63
C LYS A 73 -7.40 -9.05 3.85
N MET A 74 -7.59 -9.53 2.62
CA MET A 74 -6.52 -9.78 1.67
C MET A 74 -6.23 -8.53 0.82
N VAL A 75 -4.94 -8.22 0.63
CA VAL A 75 -4.45 -7.04 -0.08
C VAL A 75 -3.40 -7.37 -1.13
N GLU A 76 -3.37 -6.58 -2.19
CA GLU A 76 -2.34 -6.64 -3.24
C GLU A 76 -1.22 -5.63 -2.95
N CYS A 77 0.03 -6.10 -2.95
CA CYS A 77 1.23 -5.26 -2.83
C CYS A 77 1.98 -5.18 -4.17
N LYS A 78 2.30 -3.96 -4.61
CA LYS A 78 2.92 -3.66 -5.91
C LYS A 78 3.75 -2.38 -5.86
N LYS A 79 4.77 -2.24 -6.70
CA LYS A 79 5.68 -1.07 -6.68
C LYS A 79 4.95 0.26 -6.91
N ALA A 80 5.24 1.26 -6.09
CA ALA A 80 4.61 2.58 -6.16
C ALA A 80 5.08 3.34 -7.41
N GLN A 81 4.12 3.84 -8.21
CA GLN A 81 4.35 4.52 -9.48
C GLN A 81 3.59 5.86 -9.57
N PRO A 82 4.03 6.82 -10.42
CA PRO A 82 3.31 8.09 -10.62
C PRO A 82 1.91 7.88 -11.21
N LYS A 83 0.93 8.66 -10.74
CA LYS A 83 -0.48 8.56 -11.21
C LYS A 83 -0.66 8.87 -12.70
N GLU A 84 0.28 9.59 -13.28
CA GLU A 84 0.35 9.90 -14.71
C GLU A 84 0.53 8.66 -15.61
N VAL A 85 1.19 7.59 -15.10
CA VAL A 85 1.30 6.30 -15.81
C VAL A 85 0.04 5.44 -15.74
N MET A 86 -0.76 5.62 -14.68
CA MET A 86 -2.02 4.89 -14.44
C MET A 86 -3.24 5.54 -15.12
N SER A 87 -3.21 6.88 -15.28
CA SER A 87 -4.30 7.71 -15.86
C SER A 87 -5.68 7.47 -15.20
N PRO A 88 -5.81 7.64 -13.86
CA PRO A 88 -7.03 7.34 -13.11
C PRO A 88 -8.16 8.39 -13.29
N THR A 89 -7.86 9.56 -13.84
CA THR A 89 -8.75 10.72 -13.90
C THR A 89 -10.13 10.54 -14.54
N GLY A 90 -11.18 10.99 -13.85
CA GLY A 90 -12.57 10.92 -14.32
C GLY A 90 -12.94 11.99 -15.35
N SER A 91 -14.11 11.82 -15.98
CA SER A 91 -14.70 12.77 -16.94
C SER A 91 -15.13 14.10 -16.30
N ALA A 92 -15.17 15.17 -17.09
CA ALA A 92 -15.58 16.51 -16.65
C ALA A 92 -17.05 16.53 -16.16
N ARG A 93 -17.28 17.19 -15.01
CA ARG A 93 -18.55 17.14 -14.25
C ARG A 93 -18.82 18.40 -13.41
N GLY A 94 -18.31 19.55 -13.85
CA GLY A 94 -18.44 20.84 -13.18
C GLY A 94 -17.96 22.03 -14.03
N ARG A 95 -17.96 23.23 -13.43
CA ARG A 95 -17.55 24.51 -14.07
C ARG A 95 -16.93 25.49 -13.07
N SER A 96 -16.26 26.52 -13.61
CA SER A 96 -15.72 27.67 -12.87
C SER A 96 -16.81 28.55 -12.23
N GLY A 1 17.85 -0.25 -6.31
CA GLY A 1 18.36 1.13 -6.41
C GLY A 1 17.80 2.04 -5.32
N SER A 2 18.04 3.34 -5.43
CA SER A 2 17.45 4.38 -4.56
C SER A 2 15.99 4.70 -4.92
N HIS A 3 15.62 4.53 -6.19
CA HIS A 3 14.26 4.63 -6.71
C HIS A 3 13.39 3.41 -6.33
N MET A 4 12.07 3.58 -6.42
CA MET A 4 11.06 2.50 -6.27
C MET A 4 11.10 1.73 -4.93
N LYS A 5 11.67 2.31 -3.86
CA LYS A 5 11.61 1.80 -2.48
C LYS A 5 10.22 1.92 -1.82
N LYS A 6 9.13 1.80 -2.59
CA LYS A 6 7.75 2.06 -2.14
C LYS A 6 6.75 1.12 -2.82
N ILE A 7 5.84 0.55 -2.04
CA ILE A 7 4.74 -0.29 -2.53
C ILE A 7 3.39 0.42 -2.35
N PHE A 8 2.49 0.06 -3.26
CA PHE A 8 1.06 0.29 -3.24
C PHE A 8 0.41 -0.93 -2.60
N VAL A 9 -0.56 -0.74 -1.70
CA VAL A 9 -1.33 -1.80 -1.04
C VAL A 9 -2.83 -1.55 -1.22
N GLY A 10 -3.51 -2.47 -1.92
CA GLY A 10 -4.93 -2.34 -2.31
C GLY A 10 -5.85 -3.40 -1.68
N GLY A 11 -7.09 -3.00 -1.42
CA GLY A 11 -8.12 -3.85 -0.80
C GLY A 11 -8.11 -3.84 0.74
N LEU A 12 -7.48 -2.84 1.36
CA LEU A 12 -7.35 -2.70 2.82
C LEU A 12 -8.72 -2.48 3.50
N SER A 13 -8.97 -3.19 4.60
CA SER A 13 -10.18 -2.98 5.41
C SER A 13 -10.21 -1.57 6.05
N VAL A 14 -11.38 -0.95 6.14
CA VAL A 14 -11.57 0.31 6.91
C VAL A 14 -11.35 0.13 8.43
N ASN A 15 -11.30 -1.10 8.94
CA ASN A 15 -10.88 -1.40 10.32
C ASN A 15 -9.35 -1.24 10.51
N THR A 16 -8.56 -1.52 9.46
CA THR A 16 -7.09 -1.46 9.45
C THR A 16 -6.55 -0.03 9.51
N THR A 17 -5.68 0.23 10.48
CA THR A 17 -4.96 1.50 10.65
C THR A 17 -3.63 1.63 9.88
N VAL A 18 -3.10 2.84 9.78
CA VAL A 18 -1.75 3.07 9.25
C VAL A 18 -0.64 2.41 10.08
N GLU A 19 -0.84 2.33 11.41
CA GLU A 19 0.06 1.64 12.33
C GLU A 19 -0.04 0.12 12.19
N ASP A 20 -1.24 -0.42 11.93
CA ASP A 20 -1.43 -1.82 11.56
C ASP A 20 -0.64 -2.19 10.29
N VAL A 21 -0.77 -1.39 9.22
CA VAL A 21 -0.04 -1.58 7.96
C VAL A 21 1.47 -1.54 8.22
N LYS A 22 1.96 -0.53 8.95
CA LYS A 22 3.39 -0.39 9.28
C LYS A 22 3.92 -1.63 10.03
N HIS A 23 3.22 -2.07 11.08
CA HIS A 23 3.57 -3.26 11.85
C HIS A 23 3.57 -4.55 11.01
N TYR A 24 2.52 -4.76 10.20
CA TYR A 24 2.42 -5.91 9.29
C TYR A 24 3.44 -6.01 8.15
N PHE A 25 4.07 -4.91 7.74
CA PHE A 25 5.18 -4.92 6.78
C PHE A 25 6.61 -4.99 7.34
N GLU A 26 6.80 -4.56 8.59
CA GLU A 26 8.09 -4.63 9.31
C GLU A 26 8.64 -6.05 9.53
N GLN A 27 7.79 -7.09 9.44
CA GLN A 27 8.23 -8.50 9.53
C GLN A 27 9.19 -8.91 8.40
N PHE A 28 9.07 -8.29 7.22
CA PHE A 28 9.89 -8.60 6.04
C PHE A 28 11.26 -7.90 6.02
N GLY A 29 11.34 -6.74 6.68
CA GLY A 29 12.49 -5.84 6.75
C GLY A 29 12.07 -4.44 7.18
N LYS A 30 13.03 -3.53 7.38
CA LYS A 30 12.77 -2.19 7.93
C LYS A 30 11.92 -1.32 6.97
N VAL A 31 10.90 -0.70 7.56
CA VAL A 31 9.94 0.20 6.91
C VAL A 31 10.32 1.63 7.30
N ASP A 32 10.35 2.53 6.31
CA ASP A 32 10.62 3.95 6.49
C ASP A 32 9.39 4.77 6.94
N ASP A 33 8.25 4.55 6.29
CA ASP A 33 6.98 5.25 6.58
C ASP A 33 5.80 4.46 5.96
N ALA A 34 4.58 4.74 6.41
CA ALA A 34 3.32 4.19 5.88
C ALA A 34 2.22 5.27 5.83
N MET A 35 1.24 5.11 4.92
CA MET A 35 0.15 6.07 4.70
C MET A 35 -1.09 5.41 4.08
N LEU A 36 -2.28 5.94 4.37
CA LEU A 36 -3.57 5.53 3.78
C LEU A 36 -4.22 6.70 3.02
N MET A 37 -4.91 6.40 1.90
CA MET A 37 -5.56 7.43 1.09
C MET A 37 -7.04 7.57 1.46
N PHE A 38 -7.50 8.78 1.76
CA PHE A 38 -8.82 9.02 2.34
C PHE A 38 -10.06 9.09 1.41
N ASP A 39 -11.20 8.58 1.90
CA ASP A 39 -12.52 8.77 1.24
C ASP A 39 -13.27 9.93 1.92
N LYS A 40 -13.37 9.84 3.26
CA LYS A 40 -13.85 10.88 4.18
C LYS A 40 -12.89 10.93 5.37
N THR A 41 -12.09 11.99 5.47
CA THR A 41 -10.96 12.09 6.44
C THR A 41 -11.31 11.97 7.92
N THR A 42 -12.54 12.35 8.28
CA THR A 42 -13.14 12.17 9.61
C THR A 42 -13.74 10.79 9.89
N ASN A 43 -13.81 9.89 8.90
CA ASN A 43 -14.55 8.63 8.98
C ASN A 43 -13.83 7.38 8.44
N ARG A 44 -13.35 7.36 7.20
CA ARG A 44 -12.79 6.15 6.56
C ARG A 44 -11.85 6.44 5.39
N HIS A 45 -10.89 5.53 5.18
CA HIS A 45 -10.01 5.52 4.00
C HIS A 45 -10.67 4.82 2.79
N ARG A 46 -10.14 5.06 1.58
CA ARG A 46 -10.67 4.64 0.28
C ARG A 46 -10.31 3.19 -0.10
N GLY A 47 -9.72 2.42 0.82
CA GLY A 47 -9.40 1.00 0.65
C GLY A 47 -8.01 0.72 0.08
N PHE A 48 -7.11 1.70 0.06
CA PHE A 48 -5.72 1.49 -0.38
C PHE A 48 -4.80 2.51 0.30
N GLY A 49 -3.49 2.22 0.27
CA GLY A 49 -2.44 3.06 0.83
C GLY A 49 -1.04 2.69 0.31
N PHE A 50 -0.02 3.28 0.92
CA PHE A 50 1.39 3.08 0.55
C PHE A 50 2.31 2.73 1.73
N VAL A 51 3.40 2.03 1.44
CA VAL A 51 4.49 1.72 2.39
C VAL A 51 5.88 1.94 1.78
N THR A 52 6.72 2.71 2.44
CA THR A 52 8.12 3.02 2.06
C THR A 52 9.16 2.19 2.82
N PHE A 53 10.28 1.83 2.19
CA PHE A 53 11.24 0.85 2.69
C PHE A 53 12.69 1.33 2.87
N GLU A 54 13.43 0.69 3.77
CA GLU A 54 14.87 0.92 3.94
C GLU A 54 15.69 0.44 2.73
N SER A 55 15.27 -0.67 2.09
CA SER A 55 15.92 -1.26 0.92
C SER A 55 14.90 -1.77 -0.10
N GLU A 56 15.22 -1.62 -1.39
CA GLU A 56 14.40 -2.19 -2.48
C GLU A 56 14.45 -3.73 -2.48
N ASP A 57 15.46 -4.34 -1.85
CA ASP A 57 15.48 -5.79 -1.61
C ASP A 57 14.32 -6.31 -0.75
N ILE A 58 13.82 -5.49 0.19
CA ILE A 58 12.59 -5.79 0.92
C ILE A 58 11.37 -5.60 0.02
N VAL A 59 11.33 -4.53 -0.78
CA VAL A 59 10.22 -4.28 -1.72
C VAL A 59 10.06 -5.48 -2.66
N GLU A 60 11.17 -6.01 -3.18
CA GLU A 60 11.18 -7.25 -3.98
C GLU A 60 10.65 -8.47 -3.19
N LYS A 61 11.12 -8.69 -1.95
CA LYS A 61 10.66 -9.80 -1.08
C LYS A 61 9.15 -9.74 -0.81
N VAL A 62 8.65 -8.57 -0.44
CA VAL A 62 7.23 -8.29 -0.16
C VAL A 62 6.39 -8.43 -1.43
N CYS A 63 6.84 -7.86 -2.55
CA CYS A 63 6.12 -7.89 -3.83
C CYS A 63 6.07 -9.29 -4.47
N GLU A 64 7.10 -10.13 -4.27
CA GLU A 64 7.14 -11.53 -4.70
C GLU A 64 6.06 -12.40 -4.00
N ILE A 65 5.71 -12.09 -2.75
CA ILE A 65 4.59 -12.72 -2.03
C ILE A 65 3.25 -12.32 -2.65
N HIS A 66 3.15 -11.09 -3.17
CA HIS A 66 2.05 -10.50 -3.96
C HIS A 66 0.73 -10.33 -3.20
N PHE A 67 0.16 -11.41 -2.68
CA PHE A 67 -0.99 -11.39 -1.77
C PHE A 67 -0.67 -11.59 -0.29
N HIS A 68 -1.05 -10.62 0.54
CA HIS A 68 -0.77 -10.54 1.98
C HIS A 68 -2.07 -10.55 2.80
N GLU A 69 -1.97 -10.71 4.12
CA GLU A 69 -3.10 -10.61 5.05
C GLU A 69 -2.82 -9.62 6.19
N ILE A 70 -3.80 -8.77 6.51
CA ILE A 70 -3.78 -7.80 7.61
C ILE A 70 -5.18 -7.76 8.26
N ASN A 71 -5.27 -7.91 9.59
CA ASN A 71 -6.54 -7.97 10.34
C ASN A 71 -7.55 -9.00 9.78
N ASN A 72 -7.05 -10.16 9.32
CA ASN A 72 -7.77 -11.23 8.62
C ASN A 72 -8.35 -10.87 7.22
N LYS A 73 -8.14 -9.64 6.72
CA LYS A 73 -8.45 -9.24 5.33
C LYS A 73 -7.24 -9.50 4.42
N MET A 74 -7.47 -10.11 3.26
CA MET A 74 -6.44 -10.30 2.23
C MET A 74 -6.32 -9.05 1.35
N VAL A 75 -5.08 -8.66 1.04
CA VAL A 75 -4.72 -7.44 0.30
C VAL A 75 -3.65 -7.73 -0.76
N GLU A 76 -3.62 -6.90 -1.80
CA GLU A 76 -2.63 -7.01 -2.89
C GLU A 76 -1.52 -5.95 -2.75
N CYS A 77 -0.25 -6.36 -2.87
CA CYS A 77 0.93 -5.49 -2.84
C CYS A 77 1.61 -5.45 -4.22
N LYS A 78 1.98 -4.26 -4.68
CA LYS A 78 2.61 -3.98 -6.00
C LYS A 78 3.52 -2.76 -5.91
N LYS A 79 4.51 -2.58 -6.79
CA LYS A 79 5.36 -1.37 -6.77
C LYS A 79 4.56 -0.09 -7.03
N ALA A 80 4.87 0.97 -6.29
CA ALA A 80 4.22 2.27 -6.43
C ALA A 80 4.71 3.03 -7.70
N GLN A 81 3.78 3.57 -8.49
CA GLN A 81 4.11 4.51 -9.56
C GLN A 81 4.71 5.81 -8.97
N PRO A 82 5.65 6.48 -9.66
CA PRO A 82 6.49 7.52 -9.05
C PRO A 82 5.80 8.84 -8.66
N LYS A 83 4.83 9.31 -9.46
CA LYS A 83 4.25 10.68 -9.30
C LYS A 83 2.83 10.84 -9.88
N GLU A 84 1.95 9.88 -9.60
CA GLU A 84 0.58 9.81 -10.17
C GLU A 84 0.63 9.83 -11.71
N VAL A 85 1.49 8.98 -12.28
CA VAL A 85 1.90 8.95 -13.70
C VAL A 85 0.81 8.61 -14.74
N MET A 86 -0.42 8.32 -14.30
CA MET A 86 -1.55 7.92 -15.14
C MET A 86 -1.95 9.00 -16.16
N SER A 87 -1.81 10.28 -15.78
CA SER A 87 -1.91 11.44 -16.68
C SER A 87 -1.29 12.70 -16.03
N PRO A 88 -0.55 13.54 -16.79
CA PRO A 88 -0.10 14.86 -16.31
C PRO A 88 -1.26 15.86 -16.06
N THR A 89 -2.46 15.55 -16.57
CA THR A 89 -3.70 16.34 -16.46
C THR A 89 -4.86 15.68 -15.72
N GLY A 90 -4.56 14.66 -14.90
CA GLY A 90 -5.50 13.94 -14.03
C GLY A 90 -6.37 12.88 -14.73
N SER A 91 -6.55 12.97 -16.05
CA SER A 91 -7.27 12.00 -16.90
C SER A 91 -6.76 12.05 -18.34
N ALA A 92 -6.95 10.99 -19.11
CA ALA A 92 -6.56 10.94 -20.52
C ALA A 92 -7.36 11.95 -21.37
N ARG A 93 -6.67 12.73 -22.21
CA ARG A 93 -7.27 13.66 -23.17
C ARG A 93 -7.97 12.94 -24.34
N GLY A 94 -8.94 13.60 -24.97
CA GLY A 94 -9.69 13.09 -26.12
C GLY A 94 -10.62 14.13 -26.78
N ARG A 95 -11.26 13.73 -27.88
CA ARG A 95 -12.21 14.56 -28.64
C ARG A 95 -13.54 14.79 -27.89
N SER A 96 -14.22 15.90 -28.21
CA SER A 96 -15.56 16.26 -27.72
C SER A 96 -16.70 15.36 -28.22
N GLY A 1 19.48 9.80 0.55
CA GLY A 1 18.13 9.40 0.98
C GLY A 1 17.60 8.20 0.21
N SER A 2 16.28 7.98 0.26
CA SER A 2 15.56 6.89 -0.42
C SER A 2 14.22 7.36 -1.00
N HIS A 3 13.79 6.77 -2.13
CA HIS A 3 12.53 7.12 -2.82
C HIS A 3 11.91 5.93 -3.57
N MET A 4 12.68 5.24 -4.41
CA MET A 4 12.22 4.10 -5.22
C MET A 4 11.89 2.83 -4.41
N LYS A 5 12.28 2.79 -3.12
CA LYS A 5 12.02 1.68 -2.17
C LYS A 5 10.56 1.67 -1.66
N LYS A 6 9.58 1.82 -2.55
CA LYS A 6 8.17 2.09 -2.20
C LYS A 6 7.17 1.14 -2.87
N ILE A 7 6.16 0.71 -2.13
CA ILE A 7 5.03 -0.09 -2.63
C ILE A 7 3.68 0.60 -2.40
N PHE A 8 2.77 0.31 -3.31
CA PHE A 8 1.34 0.52 -3.24
C PHE A 8 0.69 -0.69 -2.57
N VAL A 9 -0.30 -0.47 -1.70
CA VAL A 9 -1.09 -1.51 -1.04
C VAL A 9 -2.58 -1.24 -1.25
N GLY A 10 -3.28 -2.11 -1.96
CA GLY A 10 -4.68 -1.92 -2.37
C GLY A 10 -5.63 -3.03 -1.93
N GLY A 11 -6.89 -2.66 -1.65
CA GLY A 11 -7.95 -3.56 -1.17
C GLY A 11 -8.04 -3.64 0.37
N LEU A 12 -7.48 -2.67 1.09
CA LEU A 12 -7.42 -2.64 2.57
C LEU A 12 -8.82 -2.68 3.20
N SER A 13 -8.94 -3.35 4.34
CA SER A 13 -10.16 -3.28 5.16
C SER A 13 -10.37 -1.87 5.70
N VAL A 14 -11.62 -1.41 5.76
CA VAL A 14 -11.98 -0.14 6.45
C VAL A 14 -11.75 -0.20 7.97
N ASN A 15 -11.56 -1.40 8.54
CA ASN A 15 -11.12 -1.59 9.92
C ASN A 15 -9.62 -1.25 10.12
N THR A 16 -8.81 -1.42 9.07
CA THR A 16 -7.35 -1.20 9.09
C THR A 16 -6.94 0.26 9.19
N THR A 17 -5.93 0.53 10.02
CA THR A 17 -5.22 1.81 10.12
C THR A 17 -3.74 1.74 9.76
N VAL A 18 -3.10 2.89 9.51
CA VAL A 18 -1.72 3.01 9.04
C VAL A 18 -0.68 2.28 9.90
N GLU A 19 -0.87 2.26 11.22
CA GLU A 19 0.03 1.58 12.16
C GLU A 19 -0.04 0.05 12.05
N ASP A 20 -1.20 -0.53 11.68
CA ASP A 20 -1.35 -1.97 11.43
C ASP A 20 -0.51 -2.36 10.21
N VAL A 21 -0.59 -1.55 9.14
CA VAL A 21 0.13 -1.74 7.89
C VAL A 21 1.64 -1.60 8.11
N LYS A 22 2.08 -0.56 8.82
CA LYS A 22 3.50 -0.35 9.19
C LYS A 22 4.05 -1.53 10.01
N HIS A 23 3.36 -1.94 11.08
CA HIS A 23 3.74 -3.10 11.90
C HIS A 23 3.81 -4.40 11.09
N TYR A 24 2.83 -4.66 10.22
CA TYR A 24 2.80 -5.85 9.37
C TYR A 24 3.94 -5.94 8.35
N PHE A 25 4.26 -4.83 7.67
CA PHE A 25 5.38 -4.78 6.73
C PHE A 25 6.79 -4.81 7.33
N GLU A 26 6.96 -4.32 8.57
CA GLU A 26 8.20 -4.44 9.35
C GLU A 26 8.63 -5.89 9.63
N GLN A 27 7.71 -6.86 9.56
CA GLN A 27 8.00 -8.29 9.79
C GLN A 27 8.86 -8.90 8.68
N PHE A 28 8.67 -8.42 7.44
CA PHE A 28 9.54 -8.75 6.30
C PHE A 28 10.92 -8.10 6.37
N GLY A 29 10.95 -6.83 6.83
CA GLY A 29 12.15 -6.01 7.03
C GLY A 29 11.78 -4.54 7.29
N LYS A 30 12.73 -3.75 7.79
CA LYS A 30 12.49 -2.39 8.31
C LYS A 30 11.80 -1.45 7.30
N VAL A 31 10.79 -0.75 7.80
CA VAL A 31 9.95 0.22 7.09
C VAL A 31 10.40 1.63 7.50
N ASP A 32 10.56 2.51 6.51
CA ASP A 32 10.88 3.93 6.69
C ASP A 32 9.64 4.77 7.06
N ASP A 33 8.52 4.57 6.36
CA ASP A 33 7.26 5.31 6.57
C ASP A 33 6.07 4.54 5.95
N ALA A 34 4.85 4.83 6.40
CA ALA A 34 3.59 4.33 5.86
C ALA A 34 2.50 5.42 5.86
N MET A 35 1.57 5.39 4.89
CA MET A 35 0.45 6.35 4.78
C MET A 35 -0.76 5.76 4.03
N LEU A 36 -1.97 5.89 4.59
CA LEU A 36 -3.23 5.51 3.91
C LEU A 36 -3.94 6.76 3.37
N MET A 37 -4.54 6.67 2.19
CA MET A 37 -5.08 7.84 1.48
C MET A 37 -6.49 8.20 1.95
N PHE A 38 -6.58 9.00 3.02
CA PHE A 38 -7.81 9.58 3.58
C PHE A 38 -8.57 10.61 2.74
N ASP A 39 -9.90 10.48 2.68
CA ASP A 39 -10.82 11.49 2.13
C ASP A 39 -11.44 12.38 3.21
N LYS A 40 -11.24 13.71 3.12
CA LYS A 40 -11.63 14.66 4.19
C LYS A 40 -13.14 14.72 4.45
N THR A 41 -13.96 14.54 3.42
CA THR A 41 -15.43 14.39 3.53
C THR A 41 -15.90 13.04 4.06
N THR A 42 -15.40 11.95 3.47
CA THR A 42 -15.73 10.57 3.83
C THR A 42 -15.26 10.07 5.20
N ASN A 43 -14.22 10.70 5.76
CA ASN A 43 -13.62 10.37 7.06
C ASN A 43 -13.09 8.91 7.17
N ARG A 44 -12.61 8.38 6.03
CA ARG A 44 -11.97 7.06 5.88
C ARG A 44 -10.95 7.09 4.74
N HIS A 45 -10.06 6.10 4.68
CA HIS A 45 -9.18 5.89 3.52
C HIS A 45 -9.92 5.25 2.35
N ARG A 46 -9.43 5.50 1.13
CA ARG A 46 -10.00 5.02 -0.15
C ARG A 46 -9.82 3.50 -0.42
N GLY A 47 -9.45 2.72 0.60
CA GLY A 47 -9.14 1.29 0.46
C GLY A 47 -7.71 1.01 -0.04
N PHE A 48 -6.82 2.00 -0.05
CA PHE A 48 -5.43 1.82 -0.48
C PHE A 48 -4.50 2.81 0.26
N GLY A 49 -3.20 2.52 0.19
CA GLY A 49 -2.13 3.35 0.75
C GLY A 49 -0.73 2.97 0.24
N PHE A 50 0.28 3.53 0.88
CA PHE A 50 1.70 3.38 0.55
C PHE A 50 2.61 2.97 1.72
N VAL A 51 3.68 2.24 1.42
CA VAL A 51 4.74 1.86 2.37
C VAL A 51 6.14 2.03 1.74
N THR A 52 7.03 2.71 2.46
CA THR A 52 8.45 2.93 2.09
C THR A 52 9.42 2.12 2.95
N PHE A 53 10.49 1.58 2.36
CA PHE A 53 11.40 0.61 2.97
C PHE A 53 12.83 1.08 3.23
N GLU A 54 13.49 0.49 4.21
CA GLU A 54 14.91 0.77 4.53
C GLU A 54 15.86 0.19 3.46
N SER A 55 15.52 -0.97 2.88
CA SER A 55 16.28 -1.63 1.81
C SER A 55 15.38 -2.08 0.66
N GLU A 56 15.87 -1.93 -0.58
CA GLU A 56 15.19 -2.38 -1.79
C GLU A 56 15.05 -3.91 -1.85
N ASP A 57 15.94 -4.65 -1.17
CA ASP A 57 15.82 -6.10 -1.03
C ASP A 57 14.54 -6.57 -0.31
N ILE A 58 14.05 -5.78 0.65
CA ILE A 58 12.75 -6.04 1.29
C ILE A 58 11.61 -5.75 0.30
N VAL A 59 11.70 -4.70 -0.50
CA VAL A 59 10.67 -4.38 -1.51
C VAL A 59 10.49 -5.55 -2.48
N GLU A 60 11.58 -6.17 -2.94
CA GLU A 60 11.52 -7.39 -3.76
C GLU A 60 10.91 -8.59 -3.01
N LYS A 61 11.33 -8.84 -1.76
CA LYS A 61 10.84 -9.91 -0.88
C LYS A 61 9.32 -9.83 -0.66
N VAL A 62 8.84 -8.64 -0.36
CA VAL A 62 7.42 -8.30 -0.17
C VAL A 62 6.64 -8.39 -1.49
N CYS A 63 7.16 -7.82 -2.57
CA CYS A 63 6.49 -7.84 -3.89
C CYS A 63 6.39 -9.24 -4.53
N GLU A 64 7.34 -10.15 -4.27
CA GLU A 64 7.32 -11.54 -4.71
C GLU A 64 6.14 -12.34 -4.12
N ILE A 65 5.70 -11.99 -2.90
CA ILE A 65 4.52 -12.58 -2.25
C ILE A 65 3.21 -12.13 -2.94
N HIS A 66 3.20 -10.88 -3.45
CA HIS A 66 2.13 -10.23 -4.24
C HIS A 66 0.80 -10.01 -3.50
N PHE A 67 0.16 -11.07 -3.01
CA PHE A 67 -0.99 -11.02 -2.10
C PHE A 67 -0.69 -11.24 -0.61
N HIS A 68 -1.01 -10.24 0.20
CA HIS A 68 -0.75 -10.14 1.64
C HIS A 68 -2.05 -10.14 2.45
N GLU A 69 -1.97 -10.27 3.77
CA GLU A 69 -3.15 -10.38 4.65
C GLU A 69 -3.02 -9.52 5.93
N ILE A 70 -3.97 -8.61 6.14
CA ILE A 70 -4.00 -7.62 7.24
C ILE A 70 -5.43 -7.54 7.81
N ASN A 71 -5.56 -7.63 9.13
CA ASN A 71 -6.87 -7.64 9.84
C ASN A 71 -7.88 -8.66 9.28
N ASN A 72 -7.43 -9.90 9.06
CA ASN A 72 -8.22 -11.03 8.55
C ASN A 72 -8.85 -10.78 7.15
N LYS A 73 -8.20 -9.97 6.31
CA LYS A 73 -8.60 -9.63 4.93
C LYS A 73 -7.36 -9.46 4.04
N MET A 74 -7.50 -9.61 2.72
CA MET A 74 -6.36 -9.67 1.79
C MET A 74 -6.18 -8.40 0.95
N VAL A 75 -4.93 -8.10 0.62
CA VAL A 75 -4.49 -6.90 -0.12
C VAL A 75 -3.45 -7.23 -1.18
N GLU A 76 -3.47 -6.49 -2.28
CA GLU A 76 -2.45 -6.56 -3.32
C GLU A 76 -1.31 -5.57 -3.02
N CYS A 77 -0.06 -6.03 -3.06
CA CYS A 77 1.14 -5.20 -2.95
C CYS A 77 1.92 -5.17 -4.26
N LYS A 78 2.31 -3.97 -4.70
CA LYS A 78 2.95 -3.71 -6.01
C LYS A 78 3.83 -2.46 -5.98
N LYS A 79 4.89 -2.40 -6.79
CA LYS A 79 5.85 -1.27 -6.80
C LYS A 79 5.17 0.05 -7.18
N ALA A 80 5.39 1.10 -6.38
CA ALA A 80 4.66 2.36 -6.48
C ALA A 80 5.03 3.16 -7.75
N GLN A 81 4.02 3.60 -8.48
CA GLN A 81 4.10 4.37 -9.73
C GLN A 81 3.20 5.63 -9.68
N PRO A 82 3.53 6.72 -10.40
CA PRO A 82 2.79 7.98 -10.31
C PRO A 82 1.40 7.90 -10.99
N LYS A 83 0.40 8.57 -10.39
CA LYS A 83 -0.97 8.67 -10.93
C LYS A 83 -1.03 9.35 -12.30
N GLU A 84 -0.02 10.14 -12.63
CA GLU A 84 0.12 10.87 -13.89
C GLU A 84 0.29 9.94 -15.11
N VAL A 85 0.83 8.73 -14.92
CA VAL A 85 0.90 7.67 -15.95
C VAL A 85 -0.20 6.61 -15.85
N MET A 86 -0.78 6.41 -14.67
CA MET A 86 -1.94 5.51 -14.46
C MET A 86 -3.26 6.09 -14.99
N SER A 87 -3.38 7.43 -15.04
CA SER A 87 -4.57 8.18 -15.49
C SER A 87 -5.90 7.74 -14.80
N PRO A 88 -5.97 7.77 -13.46
CA PRO A 88 -7.15 7.33 -12.68
C PRO A 88 -8.34 8.31 -12.72
N THR A 89 -8.24 9.43 -13.45
CA THR A 89 -9.28 10.48 -13.50
C THR A 89 -10.61 10.11 -14.15
N GLY A 90 -10.67 9.01 -14.91
CA GLY A 90 -11.88 8.45 -15.50
C GLY A 90 -12.78 7.67 -14.53
N SER A 91 -13.84 7.05 -15.05
CA SER A 91 -14.84 6.28 -14.28
C SER A 91 -14.32 4.94 -13.71
N ALA A 92 -13.08 4.55 -14.01
CA ALA A 92 -12.46 3.28 -13.61
C ALA A 92 -12.10 3.15 -12.11
N ARG A 93 -12.27 4.22 -11.31
CA ARG A 93 -11.98 4.24 -9.86
C ARG A 93 -12.73 3.19 -9.04
N GLY A 94 -12.10 2.73 -7.95
CA GLY A 94 -12.71 1.89 -6.92
C GLY A 94 -13.45 2.72 -5.86
N ARG A 95 -12.77 2.94 -4.72
CA ARG A 95 -13.28 3.60 -3.50
C ARG A 95 -14.55 2.94 -2.91
N SER A 96 -14.62 1.60 -2.93
CA SER A 96 -15.64 0.82 -2.20
C SER A 96 -15.52 1.02 -0.69
N GLY A 1 14.55 2.47 -13.76
CA GLY A 1 15.05 1.23 -13.12
C GLY A 1 13.90 0.31 -12.72
N SER A 2 14.14 -1.00 -12.70
CA SER A 2 13.12 -2.04 -12.40
C SER A 2 12.80 -2.19 -10.90
N HIS A 3 13.67 -1.70 -10.01
CA HIS A 3 13.46 -1.70 -8.56
C HIS A 3 12.60 -0.51 -8.08
N MET A 4 12.17 -0.55 -6.82
CA MET A 4 11.46 0.55 -6.12
C MET A 4 11.73 0.44 -4.61
N LYS A 5 11.64 1.56 -3.89
CA LYS A 5 11.67 1.63 -2.41
C LYS A 5 10.32 1.93 -1.74
N LYS A 6 9.22 1.96 -2.51
CA LYS A 6 7.84 2.14 -2.03
C LYS A 6 6.87 1.17 -2.72
N ILE A 7 5.91 0.63 -1.96
CA ILE A 7 4.85 -0.23 -2.46
C ILE A 7 3.47 0.40 -2.23
N PHE A 8 2.56 0.06 -3.12
CA PHE A 8 1.12 0.25 -3.02
C PHE A 8 0.54 -0.95 -2.26
N VAL A 9 -0.45 -0.72 -1.41
CA VAL A 9 -1.22 -1.75 -0.68
C VAL A 9 -2.71 -1.59 -0.95
N GLY A 10 -3.29 -2.47 -1.76
CA GLY A 10 -4.66 -2.37 -2.28
C GLY A 10 -5.67 -3.31 -1.62
N GLY A 11 -6.89 -2.82 -1.41
CA GLY A 11 -8.01 -3.59 -0.86
C GLY A 11 -8.09 -3.62 0.67
N LEU A 12 -7.41 -2.70 1.36
CA LEU A 12 -7.43 -2.58 2.82
C LEU A 12 -8.85 -2.28 3.32
N SER A 13 -9.39 -3.13 4.21
CA SER A 13 -10.72 -2.92 4.81
C SER A 13 -10.74 -1.62 5.63
N VAL A 14 -11.84 -0.87 5.58
CA VAL A 14 -11.92 0.50 6.14
C VAL A 14 -11.80 0.66 7.66
N ASN A 15 -11.84 -0.44 8.41
CA ASN A 15 -11.53 -0.50 9.84
C ASN A 15 -10.00 -0.50 10.12
N THR A 16 -9.17 -0.83 9.12
CA THR A 16 -7.71 -0.85 9.19
C THR A 16 -7.12 0.56 9.25
N THR A 17 -6.09 0.74 10.09
CA THR A 17 -5.31 1.98 10.19
C THR A 17 -3.84 1.83 9.76
N VAL A 18 -3.18 2.95 9.49
CA VAL A 18 -1.80 3.03 8.98
C VAL A 18 -0.77 2.30 9.86
N GLU A 19 -0.96 2.32 11.17
CA GLU A 19 -0.08 1.63 12.13
C GLU A 19 -0.19 0.09 12.01
N ASP A 20 -1.38 -0.46 11.70
CA ASP A 20 -1.57 -1.90 11.48
C ASP A 20 -0.72 -2.35 10.27
N VAL A 21 -0.75 -1.55 9.21
CA VAL A 21 -0.01 -1.78 7.95
C VAL A 21 1.49 -1.66 8.17
N LYS A 22 1.95 -0.60 8.87
CA LYS A 22 3.36 -0.39 9.22
C LYS A 22 3.92 -1.54 10.07
N HIS A 23 3.23 -1.91 11.15
CA HIS A 23 3.64 -3.02 12.03
C HIS A 23 3.62 -4.38 11.31
N TYR A 24 2.67 -4.62 10.41
CA TYR A 24 2.64 -5.83 9.59
C TYR A 24 3.83 -5.99 8.64
N PHE A 25 4.11 -4.98 7.80
CA PHE A 25 5.21 -5.04 6.83
C PHE A 25 6.65 -5.12 7.36
N GLU A 26 6.87 -4.70 8.61
CA GLU A 26 8.16 -4.82 9.29
C GLU A 26 8.64 -6.28 9.54
N GLN A 27 7.78 -7.30 9.37
CA GLN A 27 8.19 -8.70 9.50
C GLN A 27 9.18 -9.13 8.40
N PHE A 28 9.13 -8.51 7.22
CA PHE A 28 9.97 -8.85 6.06
C PHE A 28 11.33 -8.13 6.08
N GLY A 29 11.35 -6.93 6.64
CA GLY A 29 12.48 -6.01 6.76
C GLY A 29 12.00 -4.61 7.16
N LYS A 30 12.92 -3.72 7.54
CA LYS A 30 12.57 -2.42 8.15
C LYS A 30 11.80 -1.52 7.19
N VAL A 31 10.75 -0.92 7.72
CA VAL A 31 9.86 0.04 7.05
C VAL A 31 10.30 1.45 7.43
N ASP A 32 10.41 2.34 6.44
CA ASP A 32 10.75 3.75 6.62
C ASP A 32 9.55 4.62 7.05
N ASP A 33 8.41 4.45 6.39
CA ASP A 33 7.16 5.20 6.64
C ASP A 33 5.96 4.46 6.01
N ALA A 34 4.74 4.82 6.43
CA ALA A 34 3.48 4.34 5.84
C ALA A 34 2.42 5.45 5.81
N MET A 35 1.47 5.37 4.87
CA MET A 35 0.35 6.32 4.71
C MET A 35 -0.87 5.64 4.07
N LEU A 36 -2.08 5.90 4.59
CA LEU A 36 -3.34 5.53 3.94
C LEU A 36 -4.05 6.76 3.39
N MET A 37 -4.88 6.59 2.35
CA MET A 37 -5.54 7.71 1.68
C MET A 37 -6.82 8.14 2.42
N PHE A 38 -6.59 8.77 3.57
CA PHE A 38 -7.60 9.17 4.57
C PHE A 38 -8.57 10.32 4.25
N ASP A 39 -9.73 10.29 4.92
CA ASP A 39 -10.72 11.36 5.02
C ASP A 39 -10.92 11.81 6.48
N LYS A 40 -10.38 12.97 6.85
CA LYS A 40 -10.35 13.48 8.24
C LYS A 40 -11.73 13.80 8.83
N THR A 41 -12.79 13.78 8.02
CA THR A 41 -14.19 13.84 8.50
C THR A 41 -14.64 12.66 9.37
N THR A 42 -14.12 11.46 9.08
CA THR A 42 -14.46 10.19 9.77
C THR A 42 -13.30 9.23 10.07
N ASN A 43 -12.07 9.58 9.63
CA ASN A 43 -10.86 8.74 9.62
C ASN A 43 -10.94 7.45 8.77
N ARG A 44 -11.98 7.32 7.93
CA ARG A 44 -12.06 6.30 6.86
C ARG A 44 -11.08 6.63 5.73
N HIS A 45 -10.87 5.70 4.79
CA HIS A 45 -9.94 5.86 3.67
C HIS A 45 -10.47 5.22 2.37
N ARG A 46 -9.79 5.53 1.25
CA ARG A 46 -10.15 5.03 -0.10
C ARG A 46 -9.96 3.51 -0.32
N GLY A 47 -9.56 2.76 0.71
CA GLY A 47 -9.30 1.31 0.63
C GLY A 47 -7.91 0.94 0.15
N PHE A 48 -6.96 1.88 0.13
CA PHE A 48 -5.57 1.61 -0.24
C PHE A 48 -4.64 2.63 0.44
N GLY A 49 -3.34 2.34 0.36
CA GLY A 49 -2.27 3.23 0.83
C GLY A 49 -0.89 2.82 0.31
N PHE A 50 0.14 3.42 0.89
CA PHE A 50 1.55 3.22 0.57
C PHE A 50 2.44 2.86 1.76
N VAL A 51 3.51 2.09 1.50
CA VAL A 51 4.56 1.74 2.47
C VAL A 51 5.96 1.91 1.87
N THR A 52 6.78 2.74 2.50
CA THR A 52 8.19 3.01 2.15
C THR A 52 9.18 2.14 2.92
N PHE A 53 10.28 1.71 2.30
CA PHE A 53 11.21 0.71 2.82
C PHE A 53 12.64 1.19 3.10
N GLU A 54 13.33 0.50 4.01
CA GLU A 54 14.76 0.71 4.26
C GLU A 54 15.62 0.29 3.06
N SER A 55 15.23 -0.79 2.34
CA SER A 55 15.90 -1.27 1.13
C SER A 55 14.93 -1.81 0.08
N GLU A 56 15.22 -1.56 -1.19
CA GLU A 56 14.54 -2.14 -2.35
C GLU A 56 14.66 -3.68 -2.41
N ASP A 57 15.66 -4.26 -1.73
CA ASP A 57 15.75 -5.71 -1.53
C ASP A 57 14.63 -6.31 -0.66
N ILE A 58 14.03 -5.49 0.22
CA ILE A 58 12.80 -5.88 0.94
C ILE A 58 11.59 -5.71 0.03
N VAL A 59 11.52 -4.65 -0.76
CA VAL A 59 10.36 -4.40 -1.64
C VAL A 59 10.16 -5.58 -2.60
N GLU A 60 11.23 -6.09 -3.21
CA GLU A 60 11.12 -7.26 -4.11
C GLU A 60 10.72 -8.55 -3.35
N LYS A 61 11.19 -8.75 -2.11
CA LYS A 61 10.84 -9.88 -1.22
C LYS A 61 9.36 -9.87 -0.85
N VAL A 62 8.86 -8.70 -0.46
CA VAL A 62 7.45 -8.43 -0.13
C VAL A 62 6.57 -8.58 -1.38
N CYS A 63 6.96 -7.99 -2.51
CA CYS A 63 6.19 -8.02 -3.75
C CYS A 63 6.07 -9.43 -4.38
N GLU A 64 7.05 -10.31 -4.19
CA GLU A 64 7.03 -11.70 -4.63
C GLU A 64 5.95 -12.55 -3.93
N ILE A 65 5.54 -12.18 -2.70
CA ILE A 65 4.44 -12.82 -1.97
C ILE A 65 3.08 -12.46 -2.59
N HIS A 66 2.96 -11.24 -3.16
CA HIS A 66 1.84 -10.68 -3.93
C HIS A 66 0.55 -10.43 -3.14
N PHE A 67 0.08 -11.41 -2.38
CA PHE A 67 -1.05 -11.31 -1.44
C PHE A 67 -0.72 -11.48 0.04
N HIS A 68 -1.10 -10.47 0.84
CA HIS A 68 -0.75 -10.30 2.25
C HIS A 68 -2.02 -10.22 3.12
N GLU A 69 -1.94 -10.52 4.42
CA GLU A 69 -3.11 -10.58 5.31
C GLU A 69 -3.03 -9.53 6.43
N ILE A 70 -3.94 -8.56 6.45
CA ILE A 70 -3.98 -7.46 7.42
C ILE A 70 -5.39 -7.32 7.99
N ASN A 71 -5.52 -7.35 9.32
CA ASN A 71 -6.81 -7.44 10.03
C ASN A 71 -7.72 -8.58 9.49
N ASN A 72 -7.11 -9.70 9.12
CA ASN A 72 -7.69 -10.86 8.42
C ASN A 72 -8.28 -10.61 7.01
N LYS A 73 -8.15 -9.39 6.46
CA LYS A 73 -8.45 -9.08 5.05
C LYS A 73 -7.23 -9.36 4.16
N MET A 74 -7.43 -9.94 2.99
CA MET A 74 -6.38 -10.14 1.99
C MET A 74 -6.18 -8.87 1.15
N VAL A 75 -4.93 -8.44 1.00
CA VAL A 75 -4.54 -7.20 0.30
C VAL A 75 -3.40 -7.46 -0.68
N GLU A 76 -3.38 -6.69 -1.77
CA GLU A 76 -2.40 -6.83 -2.85
C GLU A 76 -1.24 -5.84 -2.68
N CYS A 77 0.01 -6.33 -2.66
CA CYS A 77 1.21 -5.49 -2.76
C CYS A 77 1.63 -5.31 -4.23
N LYS A 78 1.97 -4.07 -4.62
CA LYS A 78 2.46 -3.72 -5.97
C LYS A 78 3.55 -2.65 -5.85
N LYS A 79 4.53 -2.60 -6.77
CA LYS A 79 5.49 -1.49 -6.82
C LYS A 79 4.78 -0.16 -7.09
N ALA A 80 5.13 0.90 -6.36
CA ALA A 80 4.52 2.21 -6.54
C ALA A 80 4.93 2.87 -7.87
N GLN A 81 3.98 3.49 -8.58
CA GLN A 81 4.23 4.35 -9.75
C GLN A 81 3.40 5.65 -9.69
N PRO A 82 3.86 6.79 -10.23
CA PRO A 82 3.20 8.09 -10.07
C PRO A 82 1.82 8.17 -10.74
N LYS A 83 0.90 8.98 -10.19
CA LYS A 83 -0.42 9.24 -10.79
C LYS A 83 -0.35 10.04 -12.11
N GLU A 84 0.79 10.68 -12.37
CA GLU A 84 1.12 11.30 -13.66
C GLU A 84 1.44 10.27 -14.77
N VAL A 85 1.83 9.05 -14.39
CA VAL A 85 1.98 7.88 -15.28
C VAL A 85 0.68 7.06 -15.30
N MET A 86 0.15 6.74 -14.12
CA MET A 86 -1.10 6.01 -13.90
C MET A 86 -2.34 6.93 -14.01
N SER A 87 -2.52 7.56 -15.16
CA SER A 87 -3.63 8.49 -15.44
C SER A 87 -5.06 7.93 -15.30
N PRO A 88 -5.35 6.66 -15.68
CA PRO A 88 -6.69 6.07 -15.51
C PRO A 88 -7.11 5.92 -14.04
N THR A 89 -8.36 6.25 -13.74
CA THR A 89 -8.91 6.29 -12.36
C THR A 89 -9.10 4.97 -11.61
N GLY A 90 -9.04 3.83 -12.31
CA GLY A 90 -9.16 2.47 -11.77
C GLY A 90 -10.60 2.04 -11.39
N SER A 91 -11.42 2.97 -10.91
CA SER A 91 -12.85 2.77 -10.57
C SER A 91 -13.71 2.43 -11.81
N ALA A 92 -14.82 1.71 -11.59
CA ALA A 92 -15.79 1.32 -12.62
C ALA A 92 -17.23 1.28 -12.07
N ARG A 93 -18.22 1.51 -12.94
CA ARG A 93 -19.66 1.62 -12.59
C ARG A 93 -20.41 0.29 -12.41
N GLY A 94 -19.78 -0.84 -12.75
CA GLY A 94 -20.38 -2.18 -12.68
C GLY A 94 -20.71 -2.67 -11.26
N ARG A 95 -21.69 -3.57 -11.15
CA ARG A 95 -22.18 -4.17 -9.89
C ARG A 95 -22.71 -5.59 -10.12
N SER A 96 -22.35 -6.54 -9.25
CA SER A 96 -22.85 -7.93 -9.25
C SER A 96 -24.33 -8.00 -8.83
N GLY A 1 19.82 5.11 -12.32
CA GLY A 1 19.20 5.30 -11.00
C GLY A 1 18.14 4.23 -10.74
N SER A 2 18.08 3.72 -9.50
CA SER A 2 17.08 2.73 -9.05
C SER A 2 15.66 3.30 -8.87
N HIS A 3 14.68 2.41 -8.86
CA HIS A 3 13.27 2.69 -8.52
C HIS A 3 13.07 3.10 -7.05
N MET A 4 11.92 3.70 -6.74
CA MET A 4 11.53 4.06 -5.37
C MET A 4 11.48 2.83 -4.44
N LYS A 5 11.91 2.99 -3.17
CA LYS A 5 11.75 1.98 -2.11
C LYS A 5 10.30 1.92 -1.55
N LYS A 6 9.29 2.04 -2.42
CA LYS A 6 7.88 2.23 -2.03
C LYS A 6 6.93 1.28 -2.78
N ILE A 7 5.95 0.73 -2.06
CA ILE A 7 4.86 -0.08 -2.62
C ILE A 7 3.50 0.58 -2.37
N PHE A 8 2.59 0.32 -3.30
CA PHE A 8 1.16 0.51 -3.20
C PHE A 8 0.55 -0.74 -2.54
N VAL A 9 -0.41 -0.56 -1.64
CA VAL A 9 -1.15 -1.64 -0.97
C VAL A 9 -2.65 -1.40 -1.12
N GLY A 10 -3.32 -2.20 -1.95
CA GLY A 10 -4.74 -2.08 -2.25
C GLY A 10 -5.58 -3.22 -1.67
N GLY A 11 -6.82 -2.93 -1.30
CA GLY A 11 -7.72 -3.88 -0.64
C GLY A 11 -7.72 -3.79 0.90
N LEU A 12 -7.08 -2.78 1.48
CA LEU A 12 -7.00 -2.58 2.93
C LEU A 12 -8.39 -2.37 3.54
N SER A 13 -8.68 -3.03 4.67
CA SER A 13 -9.97 -2.88 5.36
C SER A 13 -10.18 -1.44 5.84
N VAL A 14 -11.42 -0.95 5.79
CA VAL A 14 -11.80 0.34 6.41
C VAL A 14 -11.59 0.39 7.94
N ASN A 15 -11.47 -0.79 8.58
CA ASN A 15 -11.11 -0.93 9.99
C ASN A 15 -9.60 -0.70 10.26
N THR A 16 -8.75 -0.92 9.25
CA THR A 16 -7.28 -0.82 9.34
C THR A 16 -6.78 0.61 9.49
N THR A 17 -5.85 0.81 10.43
CA THR A 17 -5.07 2.05 10.60
C THR A 17 -3.61 1.91 10.14
N VAL A 18 -2.95 3.03 9.83
CA VAL A 18 -1.60 3.09 9.26
C VAL A 18 -0.52 2.36 10.08
N GLU A 19 -0.65 2.37 11.40
CA GLU A 19 0.25 1.65 12.30
C GLU A 19 0.11 0.12 12.20
N ASP A 20 -1.09 -0.39 11.89
CA ASP A 20 -1.28 -1.82 11.58
C ASP A 20 -0.51 -2.15 10.29
N VAL A 21 -0.65 -1.32 9.25
CA VAL A 21 0.01 -1.53 7.95
C VAL A 21 1.53 -1.59 8.11
N LYS A 22 2.14 -0.64 8.85
CA LYS A 22 3.58 -0.68 9.15
C LYS A 22 3.98 -1.93 9.95
N HIS A 23 3.22 -2.30 10.99
CA HIS A 23 3.47 -3.52 11.79
C HIS A 23 3.41 -4.81 10.95
N TYR A 24 2.41 -4.95 10.08
CA TYR A 24 2.32 -6.04 9.11
C TYR A 24 3.47 -6.17 8.11
N PHE A 25 4.08 -5.06 7.68
CA PHE A 25 5.26 -5.06 6.81
C PHE A 25 6.63 -5.18 7.49
N GLU A 26 6.73 -4.77 8.76
CA GLU A 26 7.92 -4.96 9.61
C GLU A 26 8.31 -6.44 9.84
N GLN A 27 7.39 -7.37 9.56
CA GLN A 27 7.64 -8.82 9.52
C GLN A 27 8.73 -9.20 8.50
N PHE A 28 8.67 -8.56 7.33
CA PHE A 28 9.56 -8.80 6.18
C PHE A 28 10.95 -8.16 6.27
N GLY A 29 11.04 -7.02 6.96
CA GLY A 29 12.25 -6.21 7.13
C GLY A 29 11.94 -4.79 7.57
N LYS A 30 12.94 -3.91 7.65
CA LYS A 30 12.80 -2.55 8.20
C LYS A 30 11.97 -1.64 7.30
N VAL A 31 10.75 -1.34 7.74
CA VAL A 31 9.84 -0.33 7.14
C VAL A 31 10.25 1.06 7.61
N ASP A 32 10.38 2.00 6.67
CA ASP A 32 10.61 3.41 6.95
C ASP A 32 9.34 4.15 7.42
N ASP A 33 8.28 4.11 6.61
CA ASP A 33 7.07 4.92 6.82
C ASP A 33 5.86 4.27 6.09
N ALA A 34 4.64 4.70 6.43
CA ALA A 34 3.39 4.27 5.81
C ALA A 34 2.35 5.41 5.80
N MET A 35 1.39 5.37 4.87
CA MET A 35 0.29 6.34 4.77
C MET A 35 -0.96 5.77 4.07
N LEU A 36 -2.13 5.92 4.69
CA LEU A 36 -3.44 5.58 4.12
C LEU A 36 -4.03 6.75 3.31
N MET A 37 -4.72 6.45 2.21
CA MET A 37 -5.33 7.46 1.34
C MET A 37 -6.79 7.72 1.71
N PHE A 38 -6.99 8.57 2.72
CA PHE A 38 -8.30 8.99 3.22
C PHE A 38 -9.23 9.71 2.23
N ASP A 39 -10.53 9.35 2.24
CA ASP A 39 -11.58 10.11 1.54
C ASP A 39 -12.02 11.33 2.37
N LYS A 40 -12.41 11.02 3.62
CA LYS A 40 -12.69 11.99 4.70
C LYS A 40 -12.07 11.45 5.97
N THR A 41 -11.07 12.14 6.52
CA THR A 41 -10.20 11.68 7.61
C THR A 41 -10.87 11.32 8.94
N THR A 42 -12.02 11.96 9.22
CA THR A 42 -12.91 11.63 10.34
C THR A 42 -13.79 10.38 10.16
N ASN A 43 -13.83 9.82 8.95
CA ASN A 43 -14.79 8.77 8.56
C ASN A 43 -14.16 7.51 7.91
N ARG A 44 -13.53 7.64 6.73
CA ARG A 44 -13.13 6.47 5.90
C ARG A 44 -11.99 6.75 4.92
N HIS A 45 -11.27 5.70 4.53
CA HIS A 45 -10.27 5.70 3.46
C HIS A 45 -10.68 4.85 2.26
N ARG A 46 -10.02 5.09 1.11
CA ARG A 46 -10.34 4.52 -0.21
C ARG A 46 -9.98 3.03 -0.39
N GLY A 47 -9.61 2.34 0.69
CA GLY A 47 -9.18 0.94 0.65
C GLY A 47 -7.75 0.74 0.16
N PHE A 48 -6.92 1.79 0.08
CA PHE A 48 -5.51 1.66 -0.33
C PHE A 48 -4.61 2.66 0.42
N GLY A 49 -3.31 2.37 0.41
CA GLY A 49 -2.26 3.21 0.97
C GLY A 49 -0.88 2.89 0.40
N PHE A 50 0.13 3.61 0.87
CA PHE A 50 1.54 3.42 0.53
C PHE A 50 2.44 3.01 1.69
N VAL A 51 3.50 2.24 1.40
CA VAL A 51 4.50 1.79 2.38
C VAL A 51 5.92 1.94 1.84
N THR A 52 6.77 2.66 2.57
CA THR A 52 8.19 2.92 2.26
C THR A 52 9.17 2.10 3.10
N PHE A 53 10.28 1.65 2.51
CA PHE A 53 11.24 0.73 3.12
C PHE A 53 12.64 1.31 3.29
N GLU A 54 13.37 0.87 4.32
CA GLU A 54 14.76 1.28 4.55
C GLU A 54 15.73 0.57 3.58
N SER A 55 15.52 -0.73 3.34
CA SER A 55 16.30 -1.55 2.42
C SER A 55 15.48 -1.96 1.18
N GLU A 56 16.09 -1.78 0.00
CA GLU A 56 15.46 -2.08 -1.30
C GLU A 56 15.12 -3.58 -1.46
N ASP A 57 15.94 -4.47 -0.91
CA ASP A 57 15.70 -5.92 -0.92
C ASP A 57 14.39 -6.38 -0.27
N ILE A 58 13.88 -5.64 0.71
CA ILE A 58 12.58 -5.93 1.32
C ILE A 58 11.44 -5.62 0.35
N VAL A 59 11.54 -4.53 -0.42
CA VAL A 59 10.53 -4.18 -1.42
C VAL A 59 10.37 -5.31 -2.43
N GLU A 60 11.48 -5.90 -2.87
CA GLU A 60 11.49 -7.08 -3.76
C GLU A 60 10.84 -8.30 -3.08
N LYS A 61 11.22 -8.61 -1.83
CA LYS A 61 10.67 -9.73 -1.04
C LYS A 61 9.14 -9.63 -0.88
N VAL A 62 8.65 -8.47 -0.45
CA VAL A 62 7.23 -8.17 -0.23
C VAL A 62 6.45 -8.19 -1.56
N CYS A 63 6.98 -7.57 -2.61
CA CYS A 63 6.31 -7.51 -3.91
C CYS A 63 6.27 -8.87 -4.64
N GLU A 64 7.28 -9.73 -4.47
CA GLU A 64 7.32 -11.09 -5.01
C GLU A 64 6.22 -11.99 -4.41
N ILE A 65 5.86 -11.78 -3.14
CA ILE A 65 4.73 -12.45 -2.48
C ILE A 65 3.39 -12.03 -3.11
N HIS A 66 3.28 -10.76 -3.52
CA HIS A 66 2.18 -10.12 -4.27
C HIS A 66 0.85 -10.00 -3.49
N PHE A 67 0.35 -11.10 -2.92
CA PHE A 67 -0.85 -11.15 -2.08
C PHE A 67 -0.62 -11.40 -0.59
N HIS A 68 -1.15 -10.51 0.27
CA HIS A 68 -0.87 -10.44 1.71
C HIS A 68 -2.14 -10.35 2.56
N GLU A 69 -2.07 -10.76 3.83
CA GLU A 69 -3.18 -10.66 4.79
C GLU A 69 -2.92 -9.57 5.85
N ILE A 70 -3.86 -8.65 6.05
CA ILE A 70 -3.79 -7.54 7.01
C ILE A 70 -5.15 -7.41 7.71
N ASN A 71 -5.19 -7.46 9.04
CA ASN A 71 -6.44 -7.46 9.84
C ASN A 71 -7.47 -8.52 9.36
N ASN A 72 -6.97 -9.68 8.91
CA ASN A 72 -7.70 -10.77 8.24
C ASN A 72 -8.37 -10.43 6.88
N LYS A 73 -8.15 -9.23 6.34
CA LYS A 73 -8.53 -8.81 4.98
C LYS A 73 -7.38 -9.12 4.01
N MET A 74 -7.70 -9.52 2.77
CA MET A 74 -6.73 -9.79 1.70
C MET A 74 -6.36 -8.49 0.97
N VAL A 75 -5.06 -8.27 0.73
CA VAL A 75 -4.50 -7.10 0.04
C VAL A 75 -3.51 -7.47 -1.07
N GLU A 76 -3.42 -6.60 -2.07
CA GLU A 76 -2.44 -6.68 -3.16
C GLU A 76 -1.32 -5.64 -2.95
N CYS A 77 -0.07 -6.11 -2.92
CA CYS A 77 1.13 -5.28 -2.83
C CYS A 77 1.85 -5.21 -4.19
N LYS A 78 2.19 -4.00 -4.64
CA LYS A 78 2.77 -3.71 -5.96
C LYS A 78 3.63 -2.46 -5.94
N LYS A 79 4.72 -2.40 -6.72
CA LYS A 79 5.65 -1.24 -6.73
C LYS A 79 4.94 0.07 -7.11
N ALA A 80 5.24 1.15 -6.40
CA ALA A 80 4.59 2.44 -6.59
C ALA A 80 4.91 3.06 -7.97
N GLN A 81 3.88 3.52 -8.69
CA GLN A 81 3.95 4.20 -9.99
C GLN A 81 3.14 5.52 -9.99
N PRO A 82 3.46 6.51 -10.85
CA PRO A 82 2.87 7.86 -10.78
C PRO A 82 1.36 7.92 -11.01
N LYS A 83 0.68 8.85 -10.29
CA LYS A 83 -0.78 9.09 -10.42
C LYS A 83 -1.20 9.56 -11.82
N GLU A 84 -0.29 10.22 -12.51
CA GLU A 84 -0.44 10.70 -13.90
C GLU A 84 -0.26 9.59 -14.95
N VAL A 85 0.54 8.54 -14.66
CA VAL A 85 0.75 7.40 -15.57
C VAL A 85 -0.37 6.35 -15.52
N MET A 86 -1.04 6.23 -14.37
CA MET A 86 -2.10 5.25 -14.08
C MET A 86 -3.53 5.80 -14.20
N SER A 87 -3.73 6.96 -14.86
CA SER A 87 -5.05 7.57 -15.08
C SER A 87 -6.00 6.67 -15.89
N PRO A 88 -7.33 6.70 -15.62
CA PRO A 88 -8.30 5.84 -16.30
C PRO A 88 -8.48 6.20 -17.78
N THR A 89 -8.68 5.18 -18.62
CA THR A 89 -8.90 5.32 -20.08
C THR A 89 -10.31 5.72 -20.53
N GLY A 90 -11.31 5.58 -19.65
CA GLY A 90 -12.72 5.89 -19.92
C GLY A 90 -13.67 5.38 -18.83
N SER A 91 -14.96 5.28 -19.16
CA SER A 91 -16.00 4.72 -18.27
C SER A 91 -15.79 3.23 -17.99
N ALA A 92 -16.33 2.75 -16.85
CA ALA A 92 -16.30 1.34 -16.45
C ALA A 92 -17.16 0.40 -17.34
N ARG A 93 -18.06 0.96 -18.16
CA ARG A 93 -18.97 0.23 -19.07
C ARG A 93 -19.29 1.02 -20.35
N GLY A 94 -19.67 0.32 -21.41
CA GLY A 94 -20.05 0.91 -22.70
C GLY A 94 -20.18 -0.13 -23.83
N ARG A 95 -20.64 0.31 -25.01
CA ARG A 95 -20.77 -0.50 -26.23
C ARG A 95 -19.40 -0.86 -26.81
N SER A 96 -19.14 -2.16 -27.00
CA SER A 96 -17.89 -2.73 -27.57
C SER A 96 -17.72 -2.40 -29.06
N GLY A 1 18.51 -0.21 -7.84
CA GLY A 1 17.41 0.12 -8.76
C GLY A 1 16.62 1.31 -8.26
N SER A 2 15.45 1.09 -7.67
CA SER A 2 14.57 2.13 -7.12
C SER A 2 15.18 2.84 -5.90
N HIS A 3 15.36 4.16 -6.01
CA HIS A 3 15.71 5.02 -4.87
C HIS A 3 14.50 5.28 -3.95
N MET A 4 13.28 5.25 -4.51
CA MET A 4 12.03 5.50 -3.78
C MET A 4 11.71 4.40 -2.75
N LYS A 5 12.02 3.14 -3.04
CA LYS A 5 11.75 1.96 -2.17
C LYS A 5 10.29 1.88 -1.68
N LYS A 6 9.34 2.21 -2.57
CA LYS A 6 7.92 2.41 -2.24
C LYS A 6 7.01 1.38 -2.92
N ILE A 7 6.00 0.89 -2.21
CA ILE A 7 4.94 0.01 -2.73
C ILE A 7 3.55 0.63 -2.52
N PHE A 8 2.66 0.28 -3.44
CA PHE A 8 1.21 0.46 -3.37
C PHE A 8 0.64 -0.71 -2.58
N VAL A 9 -0.42 -0.47 -1.81
CA VAL A 9 -1.19 -1.48 -1.06
C VAL A 9 -2.68 -1.29 -1.30
N GLY A 10 -3.35 -2.27 -1.90
CA GLY A 10 -4.78 -2.19 -2.27
C GLY A 10 -5.64 -3.28 -1.62
N GLY A 11 -6.92 -2.96 -1.38
CA GLY A 11 -7.92 -3.85 -0.77
C GLY A 11 -8.01 -3.78 0.77
N LEU A 12 -7.46 -2.72 1.37
CA LEU A 12 -7.45 -2.50 2.83
C LEU A 12 -8.85 -2.21 3.36
N SER A 13 -9.25 -2.82 4.48
CA SER A 13 -10.54 -2.52 5.12
C SER A 13 -10.55 -1.12 5.73
N VAL A 14 -11.73 -0.48 5.80
CA VAL A 14 -11.91 0.81 6.50
C VAL A 14 -11.67 0.75 8.01
N ASN A 15 -11.67 -0.46 8.59
CA ASN A 15 -11.29 -0.72 9.99
C ASN A 15 -9.76 -0.78 10.19
N THR A 16 -9.00 -1.16 9.17
CA THR A 16 -7.53 -1.16 9.17
C THR A 16 -6.99 0.27 9.12
N THR A 17 -5.96 0.55 9.93
CA THR A 17 -5.25 1.84 9.95
C THR A 17 -3.76 1.77 9.61
N VAL A 18 -3.15 2.92 9.30
CA VAL A 18 -1.77 3.04 8.82
C VAL A 18 -0.70 2.36 9.68
N GLU A 19 -0.86 2.38 11.00
CA GLU A 19 0.04 1.71 11.95
C GLU A 19 -0.03 0.18 11.82
N ASP A 20 -1.22 -0.38 11.56
CA ASP A 20 -1.39 -1.82 11.32
C ASP A 20 -0.64 -2.19 10.03
N VAL A 21 -0.83 -1.41 8.95
CA VAL A 21 -0.18 -1.67 7.66
C VAL A 21 1.34 -1.63 7.77
N LYS A 22 1.91 -0.67 8.50
CA LYS A 22 3.35 -0.66 8.81
C LYS A 22 3.78 -1.92 9.57
N HIS A 23 3.13 -2.27 10.68
CA HIS A 23 3.47 -3.46 11.47
C HIS A 23 3.35 -4.78 10.69
N TYR A 24 2.33 -4.92 9.84
CA TYR A 24 2.19 -6.04 8.90
C TYR A 24 3.21 -6.15 7.76
N PHE A 25 3.98 -5.09 7.46
CA PHE A 25 5.14 -5.12 6.57
C PHE A 25 6.52 -5.19 7.24
N GLU A 26 6.64 -4.70 8.48
CA GLU A 26 7.85 -4.77 9.31
C GLU A 26 8.37 -6.20 9.57
N GLN A 27 7.51 -7.22 9.44
CA GLN A 27 7.90 -8.62 9.58
C GLN A 27 8.90 -9.10 8.50
N PHE A 28 8.88 -8.50 7.31
CA PHE A 28 9.79 -8.85 6.20
C PHE A 28 11.16 -8.18 6.28
N GLY A 29 11.20 -7.00 6.92
CA GLY A 29 12.35 -6.11 7.05
C GLY A 29 11.89 -4.68 7.37
N LYS A 30 12.81 -3.79 7.74
CA LYS A 30 12.47 -2.47 8.28
C LYS A 30 11.69 -1.59 7.29
N VAL A 31 10.62 -1.01 7.81
CA VAL A 31 9.74 -0.05 7.13
C VAL A 31 10.05 1.36 7.62
N ASP A 32 10.36 2.27 6.70
CA ASP A 32 10.50 3.70 6.99
C ASP A 32 9.17 4.40 7.31
N ASP A 33 8.21 4.30 6.39
CA ASP A 33 6.95 5.04 6.40
C ASP A 33 5.74 4.29 5.82
N ALA A 34 4.53 4.73 6.17
CA ALA A 34 3.27 4.29 5.56
C ALA A 34 2.26 5.46 5.52
N MET A 35 1.33 5.42 4.56
CA MET A 35 0.30 6.44 4.37
C MET A 35 -0.95 5.85 3.68
N LEU A 36 -2.13 6.00 4.30
CA LEU A 36 -3.42 5.58 3.70
C LEU A 36 -4.20 6.79 3.19
N MET A 37 -5.05 6.54 2.18
CA MET A 37 -5.81 7.56 1.45
C MET A 37 -7.02 8.11 2.22
N PHE A 38 -6.76 8.75 3.37
CA PHE A 38 -7.76 9.33 4.25
C PHE A 38 -8.57 10.52 3.72
N ASP A 39 -9.89 10.53 3.96
CA ASP A 39 -10.80 11.66 3.72
C ASP A 39 -11.10 12.44 5.00
N LYS A 40 -10.63 13.70 5.09
CA LYS A 40 -10.81 14.58 6.27
C LYS A 40 -12.27 14.84 6.64
N THR A 41 -13.21 14.62 5.72
CA THR A 41 -14.67 14.67 5.95
C THR A 41 -15.26 13.57 6.83
N THR A 42 -14.60 12.40 6.88
CA THR A 42 -15.09 11.18 7.56
C THR A 42 -14.08 10.43 8.44
N ASN A 43 -12.79 10.72 8.27
CA ASN A 43 -11.66 9.99 8.85
C ASN A 43 -11.52 8.51 8.43
N ARG A 44 -12.26 8.07 7.40
CA ARG A 44 -12.09 6.77 6.71
C ARG A 44 -11.19 6.95 5.47
N HIS A 45 -10.65 5.87 4.92
CA HIS A 45 -9.80 5.89 3.72
C HIS A 45 -10.42 5.17 2.51
N ARG A 46 -9.88 5.44 1.32
CA ARG A 46 -10.35 4.88 0.03
C ARG A 46 -10.12 3.36 -0.18
N GLY A 47 -9.59 2.64 0.81
CA GLY A 47 -9.28 1.21 0.72
C GLY A 47 -7.92 0.90 0.06
N PHE A 48 -7.05 1.90 -0.08
CA PHE A 48 -5.67 1.72 -0.57
C PHE A 48 -4.73 2.76 0.08
N GLY A 49 -3.42 2.54 -0.08
CA GLY A 49 -2.36 3.42 0.41
C GLY A 49 -0.98 3.02 -0.09
N PHE A 50 0.06 3.59 0.53
CA PHE A 50 1.47 3.36 0.23
C PHE A 50 2.35 3.00 1.45
N VAL A 51 3.45 2.29 1.22
CA VAL A 51 4.44 1.88 2.23
C VAL A 51 5.88 2.01 1.68
N THR A 52 6.81 2.48 2.51
CA THR A 52 8.21 2.80 2.17
C THR A 52 9.25 2.07 3.01
N PHE A 53 10.32 1.54 2.40
CA PHE A 53 11.26 0.61 3.02
C PHE A 53 12.69 1.12 3.31
N GLU A 54 13.36 0.48 4.26
CA GLU A 54 14.79 0.68 4.54
C GLU A 54 15.68 0.26 3.36
N SER A 55 15.37 -0.87 2.72
CA SER A 55 16.15 -1.45 1.61
C SER A 55 15.25 -1.97 0.48
N GLU A 56 15.71 -1.80 -0.76
CA GLU A 56 15.06 -2.33 -1.96
C GLU A 56 15.01 -3.87 -1.95
N ASP A 57 15.94 -4.54 -1.26
CA ASP A 57 15.89 -5.99 -1.06
C ASP A 57 14.65 -6.49 -0.32
N ILE A 58 14.11 -5.68 0.62
CA ILE A 58 12.82 -5.96 1.26
C ILE A 58 11.68 -5.69 0.29
N VAL A 59 11.73 -4.60 -0.48
CA VAL A 59 10.68 -4.31 -1.47
C VAL A 59 10.52 -5.47 -2.46
N GLU A 60 11.61 -6.05 -2.94
CA GLU A 60 11.59 -7.26 -3.78
C GLU A 60 11.00 -8.48 -3.04
N LYS A 61 11.45 -8.76 -1.81
CA LYS A 61 10.97 -9.87 -0.97
C LYS A 61 9.44 -9.81 -0.73
N VAL A 62 8.96 -8.63 -0.37
CA VAL A 62 7.54 -8.32 -0.13
C VAL A 62 6.74 -8.41 -1.43
N CYS A 63 7.21 -7.78 -2.51
CA CYS A 63 6.49 -7.73 -3.78
C CYS A 63 6.35 -9.11 -4.45
N GLU A 64 7.34 -9.98 -4.32
CA GLU A 64 7.33 -11.37 -4.81
C GLU A 64 6.22 -12.24 -4.19
N ILE A 65 5.78 -11.92 -2.96
CA ILE A 65 4.65 -12.59 -2.29
C ILE A 65 3.31 -12.20 -2.94
N HIS A 66 3.20 -10.96 -3.44
CA HIS A 66 2.08 -10.34 -4.17
C HIS A 66 0.78 -10.16 -3.36
N PHE A 67 0.28 -11.22 -2.73
CA PHE A 67 -0.89 -11.23 -1.84
C PHE A 67 -0.58 -11.42 -0.35
N HIS A 68 -1.00 -10.47 0.49
CA HIS A 68 -0.62 -10.35 1.90
C HIS A 68 -1.84 -10.33 2.84
N GLU A 69 -1.67 -10.81 4.06
CA GLU A 69 -2.72 -10.81 5.09
C GLU A 69 -2.49 -9.67 6.10
N ILE A 70 -3.50 -8.82 6.32
CA ILE A 70 -3.48 -7.66 7.24
C ILE A 70 -4.80 -7.60 8.01
N ASN A 71 -4.76 -7.58 9.34
CA ASN A 71 -5.95 -7.65 10.21
C ASN A 71 -6.90 -8.82 9.86
N ASN A 72 -6.33 -9.96 9.47
CA ASN A 72 -6.99 -11.16 8.93
C ASN A 72 -7.76 -10.96 7.60
N LYS A 73 -7.65 -9.79 6.95
CA LYS A 73 -8.16 -9.49 5.59
C LYS A 73 -7.07 -9.68 4.53
N MET A 74 -7.49 -9.78 3.28
CA MET A 74 -6.62 -9.98 2.11
C MET A 74 -6.29 -8.64 1.43
N VAL A 75 -5.01 -8.38 1.18
CA VAL A 75 -4.51 -7.22 0.42
C VAL A 75 -3.52 -7.60 -0.67
N GLU A 76 -3.24 -6.66 -1.57
CA GLU A 76 -2.28 -6.82 -2.67
C GLU A 76 -1.19 -5.73 -2.64
N CYS A 77 0.09 -6.12 -2.72
CA CYS A 77 1.22 -5.20 -2.94
C CYS A 77 1.54 -5.03 -4.44
N LYS A 78 1.94 -3.82 -4.84
CA LYS A 78 2.49 -3.52 -6.19
C LYS A 78 3.66 -2.54 -6.04
N LYS A 79 4.67 -2.56 -6.91
CA LYS A 79 5.71 -1.52 -6.92
C LYS A 79 5.10 -0.15 -7.29
N ALA A 80 5.40 0.89 -6.53
CA ALA A 80 4.82 2.21 -6.73
C ALA A 80 5.42 2.96 -7.94
N GLN A 81 4.61 3.82 -8.56
CA GLN A 81 5.04 4.77 -9.60
C GLN A 81 4.22 6.09 -9.48
N PRO A 82 4.75 7.26 -9.86
CA PRO A 82 4.11 8.56 -9.57
C PRO A 82 2.74 8.78 -10.22
N LYS A 83 1.97 9.72 -9.65
CA LYS A 83 0.60 10.12 -10.04
C LYS A 83 0.44 10.53 -11.50
N GLU A 84 1.50 11.05 -12.08
CA GLU A 84 1.59 11.52 -13.48
C GLU A 84 1.73 10.38 -14.50
N VAL A 85 2.28 9.23 -14.10
CA VAL A 85 2.69 8.14 -15.02
C VAL A 85 1.54 7.24 -15.48
N MET A 86 0.54 6.99 -14.62
CA MET A 86 -0.60 6.13 -14.88
C MET A 86 -1.78 6.49 -13.95
N SER A 87 -2.93 6.01 -14.35
CA SER A 87 -4.28 6.29 -13.82
C SER A 87 -5.17 5.03 -13.89
N PRO A 88 -6.27 4.92 -13.10
CA PRO A 88 -7.09 3.71 -13.03
C PRO A 88 -7.93 3.51 -14.30
N THR A 89 -8.17 2.25 -14.68
CA THR A 89 -8.96 1.85 -15.85
C THR A 89 -9.68 0.50 -15.72
N GLY A 90 -10.74 0.31 -16.52
CA GLY A 90 -11.57 -0.90 -16.53
C GLY A 90 -12.93 -0.70 -17.22
N SER A 91 -13.81 -1.71 -17.15
CA SER A 91 -15.19 -1.63 -17.61
C SER A 91 -16.05 -0.64 -16.79
N ALA A 92 -17.06 -0.01 -17.43
CA ALA A 92 -17.89 1.03 -16.83
C ALA A 92 -18.88 0.54 -15.75
N ARG A 93 -19.20 -0.77 -15.73
CA ARG A 93 -20.06 -1.44 -14.75
C ARG A 93 -19.52 -1.33 -13.30
N GLY A 94 -20.42 -1.36 -12.33
CA GLY A 94 -20.08 -1.39 -10.89
C GLY A 94 -19.55 -2.75 -10.41
N ARG A 95 -18.88 -2.76 -9.25
CA ARG A 95 -18.39 -3.98 -8.58
C ARG A 95 -19.55 -4.77 -7.94
N SER A 96 -19.50 -6.10 -8.06
CA SER A 96 -20.49 -7.08 -7.56
C SER A 96 -19.85 -8.31 -6.92
N GLY A 1 18.27 0.42 -12.04
CA GLY A 1 17.78 -0.49 -10.98
C GLY A 1 16.73 0.17 -10.09
N SER A 2 15.99 -0.63 -9.32
CA SER A 2 14.93 -0.17 -8.41
C SER A 2 15.48 0.45 -7.10
N HIS A 3 16.11 1.62 -7.21
CA HIS A 3 16.70 2.37 -6.09
C HIS A 3 15.66 2.90 -5.10
N MET A 4 14.46 3.25 -5.59
CA MET A 4 13.32 3.70 -4.80
C MET A 4 12.79 2.58 -3.89
N LYS A 5 12.33 2.95 -2.68
CA LYS A 5 11.98 2.02 -1.59
C LYS A 5 10.50 2.03 -1.18
N LYS A 6 9.63 2.59 -2.03
CA LYS A 6 8.21 2.85 -1.77
C LYS A 6 7.30 1.86 -2.52
N ILE A 7 6.31 1.28 -1.82
CA ILE A 7 5.26 0.43 -2.41
C ILE A 7 3.86 1.01 -2.15
N PHE A 8 2.96 0.72 -3.08
CA PHE A 8 1.51 0.88 -2.97
C PHE A 8 0.91 -0.36 -2.31
N VAL A 9 -0.10 -0.17 -1.46
CA VAL A 9 -0.86 -1.24 -0.79
C VAL A 9 -2.35 -1.06 -1.04
N GLY A 10 -2.90 -1.84 -1.99
CA GLY A 10 -4.29 -1.74 -2.44
C GLY A 10 -5.24 -2.73 -1.78
N GLY A 11 -6.48 -2.31 -1.53
CA GLY A 11 -7.55 -3.17 -1.00
C GLY A 11 -7.62 -3.28 0.52
N LEU A 12 -7.02 -2.33 1.24
CA LEU A 12 -7.04 -2.27 2.71
C LEU A 12 -8.47 -2.03 3.25
N SER A 13 -8.87 -2.76 4.28
CA SER A 13 -10.15 -2.54 4.98
C SER A 13 -10.15 -1.20 5.73
N VAL A 14 -11.29 -0.51 5.76
CA VAL A 14 -11.49 0.70 6.57
C VAL A 14 -11.28 0.51 8.09
N ASN A 15 -11.27 -0.73 8.57
CA ASN A 15 -10.93 -1.10 9.95
C ASN A 15 -9.42 -0.98 10.25
N THR A 16 -8.57 -1.16 9.22
CA THR A 16 -7.10 -1.19 9.33
C THR A 16 -6.47 0.18 9.49
N THR A 17 -5.57 0.32 10.48
CA THR A 17 -4.77 1.53 10.74
C THR A 17 -3.45 1.64 9.98
N VAL A 18 -2.85 2.84 9.97
CA VAL A 18 -1.48 3.02 9.46
C VAL A 18 -0.41 2.25 10.25
N GLU A 19 -0.60 2.12 11.57
CA GLU A 19 0.27 1.33 12.43
C GLU A 19 0.09 -0.18 12.19
N ASP A 20 -1.14 -0.64 11.92
CA ASP A 20 -1.38 -2.01 11.46
C ASP A 20 -0.59 -2.34 10.20
N VAL A 21 -0.67 -1.50 9.16
CA VAL A 21 0.04 -1.70 7.89
C VAL A 21 1.56 -1.69 8.12
N LYS A 22 2.08 -0.77 8.94
CA LYS A 22 3.51 -0.75 9.30
C LYS A 22 3.93 -2.08 9.94
N HIS A 23 3.25 -2.54 10.98
CA HIS A 23 3.55 -3.81 11.67
C HIS A 23 3.41 -5.05 10.78
N TYR A 24 2.39 -5.10 9.92
CA TYR A 24 2.24 -6.14 8.89
C TYR A 24 3.30 -6.20 7.78
N PHE A 25 4.05 -5.12 7.55
CA PHE A 25 5.24 -5.12 6.68
C PHE A 25 6.61 -5.27 7.36
N GLU A 26 6.72 -4.85 8.62
CA GLU A 26 7.93 -4.98 9.47
C GLU A 26 8.44 -6.42 9.62
N GLN A 27 7.58 -7.43 9.45
CA GLN A 27 7.94 -8.86 9.50
C GLN A 27 8.95 -9.28 8.41
N PHE A 28 8.94 -8.63 7.24
CA PHE A 28 9.86 -8.92 6.13
C PHE A 28 11.19 -8.16 6.28
N GLY A 29 11.10 -6.93 6.79
CA GLY A 29 12.19 -5.99 7.07
C GLY A 29 11.60 -4.64 7.46
N LYS A 30 12.39 -3.74 8.07
CA LYS A 30 11.87 -2.53 8.70
C LYS A 30 11.29 -1.51 7.72
N VAL A 31 10.40 -0.70 8.27
CA VAL A 31 9.63 0.33 7.56
C VAL A 31 10.07 1.71 8.08
N ASP A 32 10.56 2.55 7.17
CA ASP A 32 10.97 3.92 7.45
C ASP A 32 9.74 4.84 7.67
N ASP A 33 8.68 4.62 6.88
CA ASP A 33 7.41 5.36 6.88
C ASP A 33 6.21 4.61 6.28
N ALA A 34 5.02 4.80 6.84
CA ALA A 34 3.75 4.35 6.26
C ALA A 34 2.71 5.49 6.29
N MET A 35 1.81 5.53 5.31
CA MET A 35 0.68 6.49 5.24
C MET A 35 -0.53 5.88 4.54
N LEU A 36 -1.74 6.12 5.07
CA LEU A 36 -3.00 5.78 4.41
C LEU A 36 -3.61 7.01 3.73
N MET A 37 -4.16 6.84 2.54
CA MET A 37 -4.77 7.94 1.77
C MET A 37 -6.25 8.08 2.13
N PHE A 38 -6.76 9.30 2.28
CA PHE A 38 -8.13 9.61 2.70
C PHE A 38 -9.14 10.03 1.63
N ASP A 39 -10.41 9.64 1.80
CA ASP A 39 -11.51 10.17 1.01
C ASP A 39 -11.71 11.64 1.42
N LYS A 40 -11.70 12.56 0.46
CA LYS A 40 -11.66 14.02 0.69
C LYS A 40 -12.93 14.65 1.29
N THR A 41 -13.92 13.82 1.60
CA THR A 41 -15.07 14.15 2.45
C THR A 41 -14.60 14.28 3.92
N THR A 42 -13.44 13.70 4.23
CA THR A 42 -12.88 13.49 5.56
C THR A 42 -13.57 12.41 6.42
N ASN A 43 -14.27 11.49 5.76
CA ASN A 43 -15.05 10.42 6.42
C ASN A 43 -14.18 9.25 6.90
N ARG A 44 -13.46 8.59 5.98
CA ARG A 44 -12.64 7.37 6.19
C ARG A 44 -11.45 7.33 5.22
N HIS A 45 -10.50 6.42 5.46
CA HIS A 45 -9.43 6.16 4.48
C HIS A 45 -10.00 5.49 3.21
N ARG A 46 -9.39 5.78 2.07
CA ARG A 46 -9.83 5.46 0.70
C ARG A 46 -9.56 4.00 0.29
N GLY A 47 -9.18 3.13 1.23
CA GLY A 47 -8.90 1.71 0.99
C GLY A 47 -7.51 1.39 0.45
N PHE A 48 -6.56 2.33 0.51
CA PHE A 48 -5.17 2.10 0.11
C PHE A 48 -4.20 3.02 0.86
N GLY A 49 -2.91 2.68 0.77
CA GLY A 49 -1.82 3.47 1.34
C GLY A 49 -0.45 3.16 0.73
N PHE A 50 0.56 3.86 1.24
CA PHE A 50 1.97 3.70 0.88
C PHE A 50 2.88 3.26 2.02
N VAL A 51 3.94 2.49 1.70
CA VAL A 51 4.94 1.99 2.66
C VAL A 51 6.36 2.12 2.11
N THR A 52 7.25 2.75 2.89
CA THR A 52 8.68 2.98 2.60
C THR A 52 9.64 2.10 3.41
N PHE A 53 10.62 1.48 2.76
CA PHE A 53 11.46 0.41 3.33
C PHE A 53 12.89 0.71 3.79
N GLU A 54 13.40 -0.17 4.65
CA GLU A 54 14.80 -0.25 5.12
C GLU A 54 15.82 -0.44 3.98
N SER A 55 15.47 -1.24 2.97
CA SER A 55 16.34 -1.63 1.86
C SER A 55 15.53 -2.02 0.61
N GLU A 56 16.12 -1.86 -0.57
CA GLU A 56 15.54 -2.30 -1.85
C GLU A 56 15.30 -3.83 -1.86
N ASP A 57 16.16 -4.59 -1.16
CA ASP A 57 16.02 -6.05 -1.02
C ASP A 57 14.74 -6.51 -0.32
N ILE A 58 14.25 -5.75 0.66
CA ILE A 58 12.95 -6.02 1.29
C ILE A 58 11.81 -5.73 0.31
N VAL A 59 11.88 -4.62 -0.44
CA VAL A 59 10.84 -4.28 -1.42
C VAL A 59 10.67 -5.42 -2.43
N GLU A 60 11.77 -5.99 -2.95
CA GLU A 60 11.72 -7.18 -3.82
C GLU A 60 11.11 -8.41 -3.13
N LYS A 61 11.53 -8.72 -1.90
CA LYS A 61 11.02 -9.86 -1.10
C LYS A 61 9.51 -9.76 -0.86
N VAL A 62 9.05 -8.57 -0.49
CA VAL A 62 7.63 -8.23 -0.25
C VAL A 62 6.83 -8.27 -1.56
N CYS A 63 7.33 -7.62 -2.62
CA CYS A 63 6.65 -7.56 -3.92
C CYS A 63 6.51 -8.92 -4.63
N GLU A 64 7.45 -9.85 -4.42
CA GLU A 64 7.41 -11.21 -4.94
C GLU A 64 6.25 -12.05 -4.37
N ILE A 65 5.78 -11.74 -3.14
CA ILE A 65 4.61 -12.36 -2.52
C ILE A 65 3.30 -11.90 -3.20
N HIS A 66 3.27 -10.65 -3.67
CA HIS A 66 2.19 -9.97 -4.42
C HIS A 66 0.90 -9.75 -3.62
N PHE A 67 0.28 -10.82 -3.11
CA PHE A 67 -0.87 -10.80 -2.21
C PHE A 67 -0.58 -11.10 -0.73
N HIS A 68 -0.83 -10.12 0.14
CA HIS A 68 -0.56 -10.18 1.59
C HIS A 68 -1.86 -10.19 2.40
N GLU A 69 -1.84 -10.77 3.60
CA GLU A 69 -2.97 -10.74 4.53
C GLU A 69 -2.74 -9.70 5.64
N ILE A 70 -3.68 -8.77 5.83
CA ILE A 70 -3.64 -7.71 6.85
C ILE A 70 -5.03 -7.61 7.50
N ASN A 71 -5.12 -7.77 8.83
CA ASN A 71 -6.41 -7.84 9.56
C ASN A 71 -7.42 -8.84 8.94
N ASN A 72 -6.91 -9.95 8.42
CA ASN A 72 -7.62 -10.98 7.62
C ASN A 72 -8.19 -10.51 6.25
N LYS A 73 -7.99 -9.24 5.85
CA LYS A 73 -8.26 -8.72 4.50
C LYS A 73 -7.08 -9.03 3.58
N MET A 74 -7.33 -9.45 2.33
CA MET A 74 -6.27 -9.64 1.34
C MET A 74 -5.95 -8.32 0.61
N VAL A 75 -4.67 -7.96 0.54
CA VAL A 75 -4.18 -6.71 -0.05
C VAL A 75 -3.07 -6.95 -1.08
N GLU A 76 -2.97 -6.03 -2.04
CA GLU A 76 -2.02 -6.12 -3.15
C GLU A 76 -0.85 -5.15 -2.98
N CYS A 77 0.39 -5.67 -2.93
CA CYS A 77 1.61 -4.85 -3.00
C CYS A 77 2.02 -4.59 -4.46
N LYS A 78 2.51 -3.38 -4.74
CA LYS A 78 3.04 -2.95 -6.05
C LYS A 78 4.15 -1.92 -5.83
N LYS A 79 5.18 -1.88 -6.68
CA LYS A 79 6.16 -0.77 -6.66
C LYS A 79 5.45 0.57 -6.96
N ALA A 80 5.77 1.64 -6.23
CA ALA A 80 5.07 2.90 -6.38
C ALA A 80 5.35 3.57 -7.75
N GLN A 81 4.28 4.05 -8.39
CA GLN A 81 4.24 4.59 -9.74
C GLN A 81 3.27 5.78 -9.86
N PRO A 82 3.44 6.69 -10.84
CA PRO A 82 2.66 7.93 -10.95
C PRO A 82 1.22 7.68 -11.41
N LYS A 83 0.37 8.70 -11.31
CA LYS A 83 -1.07 8.68 -11.67
C LYS A 83 -1.36 8.31 -13.13
N GLU A 84 -0.34 8.29 -13.97
CA GLU A 84 -0.40 7.79 -15.36
C GLU A 84 -0.74 6.28 -15.46
N VAL A 85 -0.43 5.48 -14.44
CA VAL A 85 -0.66 4.02 -14.41
C VAL A 85 -2.08 3.55 -14.06
N MET A 86 -3.08 4.45 -14.11
CA MET A 86 -4.51 4.15 -13.90
C MET A 86 -5.17 3.43 -15.10
N SER A 87 -4.52 2.40 -15.64
CA SER A 87 -5.07 1.51 -16.67
C SER A 87 -6.24 0.63 -16.14
N PRO A 88 -7.19 0.20 -16.99
CA PRO A 88 -8.34 -0.59 -16.57
C PRO A 88 -7.94 -2.02 -16.13
N THR A 89 -8.55 -2.51 -15.06
CA THR A 89 -8.36 -3.86 -14.46
C THR A 89 -9.65 -4.64 -14.15
N GLY A 90 -10.78 -4.21 -14.71
CA GLY A 90 -12.13 -4.70 -14.36
C GLY A 90 -12.73 -4.00 -13.14
N SER A 91 -14.00 -4.28 -12.85
CA SER A 91 -14.77 -3.60 -11.78
C SER A 91 -14.29 -3.96 -10.36
N ALA A 92 -13.95 -5.24 -10.13
CA ALA A 92 -13.48 -5.78 -8.84
C ALA A 92 -12.71 -7.10 -9.02
N ARG A 93 -12.02 -7.56 -7.97
CA ARG A 93 -11.32 -8.86 -7.93
C ARG A 93 -12.26 -10.10 -7.98
N GLY A 94 -13.55 -9.91 -7.71
CA GLY A 94 -14.57 -10.97 -7.67
C GLY A 94 -14.60 -11.78 -6.37
N ARG A 95 -15.59 -12.68 -6.24
CA ARG A 95 -15.79 -13.55 -5.08
C ARG A 95 -14.85 -14.76 -5.11
N SER A 96 -13.68 -14.61 -4.47
CA SER A 96 -12.72 -15.68 -4.17
C SER A 96 -13.23 -16.66 -3.11
N GLY A 1 16.91 -4.08 -13.02
CA GLY A 1 17.22 -2.66 -12.72
C GLY A 1 16.38 -2.11 -11.57
N SER A 2 16.92 -1.17 -10.82
CA SER A 2 16.24 -0.47 -9.71
C SER A 2 15.10 0.46 -10.17
N HIS A 3 14.18 0.78 -9.26
CA HIS A 3 13.05 1.70 -9.46
C HIS A 3 12.87 2.64 -8.26
N MET A 4 12.35 2.13 -7.13
CA MET A 4 12.01 2.91 -5.94
C MET A 4 11.80 2.01 -4.71
N LYS A 5 12.18 2.49 -3.51
CA LYS A 5 11.96 1.83 -2.21
C LYS A 5 10.50 1.90 -1.70
N LYS A 6 9.49 1.81 -2.57
CA LYS A 6 8.08 2.10 -2.21
C LYS A 6 7.09 1.16 -2.90
N ILE A 7 6.07 0.71 -2.17
CA ILE A 7 4.98 -0.14 -2.67
C ILE A 7 3.62 0.50 -2.39
N PHE A 8 2.67 0.16 -3.26
CA PHE A 8 1.23 0.35 -3.11
C PHE A 8 0.70 -0.87 -2.34
N VAL A 9 -0.31 -0.65 -1.48
CA VAL A 9 -1.04 -1.68 -0.74
C VAL A 9 -2.54 -1.48 -0.97
N GLY A 10 -3.18 -2.38 -1.72
CA GLY A 10 -4.59 -2.26 -2.14
C GLY A 10 -5.52 -3.31 -1.53
N GLY A 11 -6.79 -2.95 -1.28
CA GLY A 11 -7.82 -3.83 -0.73
C GLY A 11 -7.96 -3.80 0.80
N LEU A 12 -7.46 -2.73 1.44
CA LEU A 12 -7.55 -2.52 2.90
C LEU A 12 -9.01 -2.32 3.35
N SER A 13 -9.39 -2.98 4.44
CA SER A 13 -10.70 -2.80 5.10
C SER A 13 -10.89 -1.38 5.65
N VAL A 14 -12.15 -0.94 5.73
CA VAL A 14 -12.55 0.30 6.44
C VAL A 14 -12.20 0.30 7.93
N ASN A 15 -11.97 -0.88 8.53
CA ASN A 15 -11.52 -1.03 9.91
C ASN A 15 -10.00 -0.80 10.08
N THR A 16 -9.21 -1.02 9.03
CA THR A 16 -7.74 -0.93 9.03
C THR A 16 -7.20 0.50 9.09
N THR A 17 -6.13 0.69 9.86
CA THR A 17 -5.36 1.94 9.97
C THR A 17 -3.87 1.81 9.63
N VAL A 18 -3.20 2.94 9.39
CA VAL A 18 -1.81 3.02 8.92
C VAL A 18 -0.79 2.28 9.78
N GLU A 19 -0.97 2.27 11.10
CA GLU A 19 -0.10 1.56 12.05
C GLU A 19 -0.21 0.03 11.93
N ASP A 20 -1.38 -0.49 11.53
CA ASP A 20 -1.56 -1.92 11.25
C ASP A 20 -0.72 -2.27 10.02
N VAL A 21 -0.84 -1.49 8.95
CA VAL A 21 -0.12 -1.71 7.68
C VAL A 21 1.40 -1.64 7.87
N LYS A 22 1.90 -0.66 8.64
CA LYS A 22 3.32 -0.57 9.01
C LYS A 22 3.78 -1.80 9.81
N HIS A 23 3.01 -2.23 10.82
CA HIS A 23 3.29 -3.45 11.59
C HIS A 23 3.32 -4.73 10.73
N TYR A 24 2.36 -4.91 9.83
CA TYR A 24 2.32 -6.02 8.89
C TYR A 24 3.45 -6.12 7.86
N PHE A 25 3.95 -4.98 7.37
CA PHE A 25 5.11 -4.94 6.45
C PHE A 25 6.51 -4.96 7.06
N GLU A 26 6.66 -4.51 8.32
CA GLU A 26 7.92 -4.60 9.09
C GLU A 26 8.44 -6.03 9.30
N GLN A 27 7.57 -7.03 9.19
CA GLN A 27 7.87 -8.45 9.38
C GLN A 27 8.88 -8.98 8.34
N PHE A 28 8.84 -8.41 7.14
CA PHE A 28 9.75 -8.71 6.03
C PHE A 28 11.11 -8.01 6.08
N GLY A 29 11.15 -6.85 6.74
CA GLY A 29 12.29 -5.95 6.85
C GLY A 29 11.83 -4.52 7.22
N LYS A 30 12.76 -3.67 7.66
CA LYS A 30 12.44 -2.34 8.22
C LYS A 30 11.71 -1.44 7.22
N VAL A 31 10.64 -0.81 7.73
CA VAL A 31 9.79 0.15 7.02
C VAL A 31 10.18 1.56 7.46
N ASP A 32 10.51 2.42 6.51
CA ASP A 32 10.81 3.83 6.73
C ASP A 32 9.59 4.74 6.99
N ASP A 33 8.46 4.46 6.34
CA ASP A 33 7.21 5.22 6.48
C ASP A 33 6.01 4.42 5.92
N ALA A 34 4.80 4.74 6.37
CA ALA A 34 3.53 4.24 5.82
C ALA A 34 2.46 5.35 5.80
N MET A 35 1.53 5.30 4.83
CA MET A 35 0.48 6.32 4.62
C MET A 35 -0.76 5.73 3.94
N LEU A 36 -1.97 6.04 4.44
CA LEU A 36 -3.24 5.71 3.77
C LEU A 36 -3.85 6.96 3.11
N MET A 37 -4.56 6.78 1.99
CA MET A 37 -5.04 7.89 1.17
C MET A 37 -6.50 8.25 1.46
N PHE A 38 -6.71 9.39 2.11
CA PHE A 38 -8.01 9.91 2.54
C PHE A 38 -8.85 10.65 1.47
N ASP A 39 -10.17 10.56 1.62
CA ASP A 39 -11.16 11.35 0.89
C ASP A 39 -11.57 12.66 1.59
N LYS A 40 -12.29 13.52 0.88
CA LYS A 40 -12.75 14.83 1.39
C LYS A 40 -13.82 14.80 2.48
N THR A 41 -14.16 13.60 2.96
CA THR A 41 -14.90 13.38 4.20
C THR A 41 -14.03 13.83 5.39
N THR A 42 -12.70 13.87 5.18
CA THR A 42 -11.64 14.05 6.19
C THR A 42 -11.55 12.93 7.22
N ASN A 43 -12.22 11.82 6.93
CA ASN A 43 -12.48 10.73 7.88
C ASN A 43 -12.39 9.29 7.34
N ARG A 44 -12.44 9.06 6.01
CA ARG A 44 -12.38 7.73 5.37
C ARG A 44 -11.31 7.67 4.28
N HIS A 45 -10.65 6.52 4.14
CA HIS A 45 -9.65 6.25 3.10
C HIS A 45 -10.21 5.41 1.95
N ARG A 46 -9.54 5.46 0.78
CA ARG A 46 -9.93 4.77 -0.46
C ARG A 46 -9.71 3.24 -0.46
N GLY A 47 -9.39 2.64 0.69
CA GLY A 47 -9.06 1.22 0.80
C GLY A 47 -7.69 0.85 0.26
N PHE A 48 -6.77 1.81 0.17
CA PHE A 48 -5.39 1.55 -0.23
C PHE A 48 -4.48 2.59 0.46
N GLY A 49 -3.18 2.31 0.43
CA GLY A 49 -2.12 3.23 0.85
C GLY A 49 -0.76 2.88 0.25
N PHE A 50 0.28 3.54 0.75
CA PHE A 50 1.69 3.30 0.43
C PHE A 50 2.56 2.89 1.62
N VAL A 51 3.63 2.14 1.35
CA VAL A 51 4.68 1.79 2.32
C VAL A 51 6.07 1.99 1.72
N THR A 52 6.91 2.74 2.43
CA THR A 52 8.32 3.02 2.10
C THR A 52 9.32 2.19 2.90
N PHE A 53 10.40 1.68 2.29
CA PHE A 53 11.31 0.69 2.87
C PHE A 53 12.73 1.16 3.19
N GLU A 54 13.39 0.49 4.13
CA GLU A 54 14.80 0.71 4.44
C GLU A 54 15.73 0.29 3.28
N SER A 55 15.36 -0.77 2.54
CA SER A 55 16.08 -1.31 1.38
C SER A 55 15.13 -1.79 0.29
N GLU A 56 15.51 -1.58 -0.98
CA GLU A 56 14.78 -2.08 -2.15
C GLU A 56 14.84 -3.63 -2.24
N ASP A 57 15.80 -4.28 -1.58
CA ASP A 57 15.79 -5.74 -1.41
C ASP A 57 14.58 -6.29 -0.64
N ILE A 58 14.06 -5.51 0.32
CA ILE A 58 12.79 -5.84 0.99
C ILE A 58 11.61 -5.61 0.05
N VAL A 59 11.62 -4.53 -0.75
CA VAL A 59 10.53 -4.28 -1.71
C VAL A 59 10.38 -5.46 -2.66
N GLU A 60 11.48 -6.02 -3.18
CA GLU A 60 11.44 -7.23 -4.01
C GLU A 60 10.95 -8.47 -3.24
N LYS A 61 11.42 -8.71 -2.01
CA LYS A 61 10.99 -9.81 -1.14
C LYS A 61 9.47 -9.78 -0.89
N VAL A 62 8.95 -8.60 -0.56
CA VAL A 62 7.53 -8.33 -0.31
C VAL A 62 6.72 -8.48 -1.60
N CYS A 63 7.14 -7.86 -2.69
CA CYS A 63 6.42 -7.86 -3.97
C CYS A 63 6.28 -9.26 -4.60
N GLU A 64 7.26 -10.15 -4.42
CA GLU A 64 7.23 -11.53 -4.92
C GLU A 64 6.09 -12.37 -4.32
N ILE A 65 5.64 -12.04 -3.10
CA ILE A 65 4.52 -12.70 -2.41
C ILE A 65 3.16 -12.33 -3.05
N HIS A 66 3.05 -11.11 -3.59
CA HIS A 66 1.91 -10.51 -4.31
C HIS A 66 0.64 -10.27 -3.46
N PHE A 67 0.20 -11.27 -2.70
CA PHE A 67 -0.92 -11.20 -1.75
C PHE A 67 -0.58 -11.46 -0.27
N HIS A 68 -0.89 -10.49 0.59
CA HIS A 68 -0.51 -10.45 2.02
C HIS A 68 -1.74 -10.39 2.94
N GLU A 69 -1.65 -10.95 4.14
CA GLU A 69 -2.70 -10.86 5.15
C GLU A 69 -2.55 -9.59 6.03
N ILE A 70 -3.65 -8.84 6.21
CA ILE A 70 -3.77 -7.69 7.12
C ILE A 70 -5.17 -7.72 7.78
N ASN A 71 -5.23 -7.69 9.12
CA ASN A 71 -6.49 -7.65 9.89
C ASN A 71 -7.51 -8.76 9.48
N ASN A 72 -7.03 -9.99 9.26
CA ASN A 72 -7.81 -11.15 8.77
C ASN A 72 -8.48 -10.94 7.38
N LYS A 73 -7.97 -10.00 6.58
CA LYS A 73 -8.30 -9.76 5.16
C LYS A 73 -7.05 -9.88 4.30
N MET A 74 -7.21 -9.95 2.98
CA MET A 74 -6.11 -10.02 2.01
C MET A 74 -5.92 -8.69 1.26
N VAL A 75 -4.65 -8.32 1.02
CA VAL A 75 -4.23 -7.12 0.28
C VAL A 75 -3.22 -7.43 -0.82
N GLU A 76 -3.25 -6.64 -1.88
CA GLU A 76 -2.30 -6.73 -2.99
C GLU A 76 -1.12 -5.75 -2.81
N CYS A 77 0.12 -6.24 -2.90
CA CYS A 77 1.31 -5.40 -3.02
C CYS A 77 1.70 -5.18 -4.49
N LYS A 78 2.01 -3.94 -4.86
CA LYS A 78 2.52 -3.55 -6.21
C LYS A 78 3.63 -2.52 -6.03
N LYS A 79 4.62 -2.45 -6.93
CA LYS A 79 5.59 -1.33 -6.93
C LYS A 79 4.87 0.01 -7.17
N ALA A 80 5.23 1.04 -6.40
CA ALA A 80 4.60 2.35 -6.48
C ALA A 80 5.02 3.07 -7.77
N GLN A 81 4.07 3.34 -8.67
CA GLN A 81 4.26 4.16 -9.87
C GLN A 81 3.66 5.57 -9.70
N PRO A 82 4.15 6.61 -10.38
CA PRO A 82 3.63 7.98 -10.25
C PRO A 82 2.16 8.11 -10.69
N LYS A 83 1.37 9.01 -10.07
CA LYS A 83 -0.03 9.25 -10.48
C LYS A 83 -0.16 9.87 -11.87
N GLU A 84 0.91 10.49 -12.35
CA GLU A 84 1.07 10.96 -13.73
C GLU A 84 1.17 9.82 -14.75
N VAL A 85 1.68 8.64 -14.34
CA VAL A 85 1.75 7.42 -15.15
C VAL A 85 0.47 6.58 -15.00
N MET A 86 0.01 6.38 -13.77
CA MET A 86 -1.19 5.58 -13.46
C MET A 86 -2.52 6.26 -13.80
N SER A 87 -2.52 7.59 -13.96
CA SER A 87 -3.66 8.51 -14.06
C SER A 87 -4.52 8.58 -12.77
N PRO A 88 -4.78 9.78 -12.20
CA PRO A 88 -5.53 9.90 -10.95
C PRO A 88 -6.97 9.39 -11.11
N THR A 89 -7.42 8.58 -10.15
CA THR A 89 -8.68 7.80 -10.22
C THR A 89 -9.19 7.30 -8.86
N GLY A 90 -10.36 6.66 -8.84
CA GLY A 90 -10.92 5.99 -7.66
C GLY A 90 -12.16 5.14 -8.00
N SER A 91 -12.45 4.13 -7.18
CA SER A 91 -13.62 3.27 -7.34
C SER A 91 -14.95 4.07 -7.33
N ALA A 92 -15.84 3.79 -8.27
CA ALA A 92 -17.06 4.57 -8.51
C ALA A 92 -18.14 4.41 -7.43
N ARG A 93 -18.22 3.23 -6.79
CA ARG A 93 -19.20 2.89 -5.74
C ARG A 93 -18.68 1.76 -4.82
N GLY A 94 -18.99 1.85 -3.53
CA GLY A 94 -18.64 0.86 -2.51
C GLY A 94 -19.37 1.11 -1.18
N ARG A 95 -19.32 0.12 -0.28
CA ARG A 95 -20.00 0.03 1.04
C ARG A 95 -21.53 0.02 0.98
N SER A 96 -22.15 1.01 0.35
CA SER A 96 -23.59 1.15 0.11
C SER A 96 -24.09 0.31 -1.08
N GLY A 1 16.75 -1.52 -10.03
CA GLY A 1 15.99 -0.46 -9.32
C GLY A 1 16.77 0.11 -8.16
N SER A 2 16.59 1.41 -7.86
CA SER A 2 17.27 2.13 -6.78
C SER A 2 16.44 3.32 -6.29
N HIS A 3 16.53 3.64 -4.99
CA HIS A 3 15.89 4.76 -4.26
C HIS A 3 14.35 4.74 -4.18
N MET A 4 13.66 4.20 -5.19
CA MET A 4 12.19 4.02 -5.26
C MET A 4 11.69 2.88 -4.35
N LYS A 5 12.02 2.92 -3.06
CA LYS A 5 11.74 1.91 -2.03
C LYS A 5 10.27 1.85 -1.56
N LYS A 6 9.30 2.13 -2.43
CA LYS A 6 7.88 2.30 -2.08
C LYS A 6 6.97 1.29 -2.77
N ILE A 7 5.99 0.74 -2.04
CA ILE A 7 4.89 -0.09 -2.57
C ILE A 7 3.54 0.56 -2.30
N PHE A 8 2.61 0.25 -3.19
CA PHE A 8 1.17 0.45 -3.06
C PHE A 8 0.58 -0.77 -2.34
N VAL A 9 -0.39 -0.56 -1.46
CA VAL A 9 -1.16 -1.61 -0.77
C VAL A 9 -2.65 -1.39 -1.01
N GLY A 10 -3.31 -2.31 -1.73
CA GLY A 10 -4.70 -2.17 -2.16
C GLY A 10 -5.66 -3.21 -1.56
N GLY A 11 -6.89 -2.80 -1.29
CA GLY A 11 -7.95 -3.66 -0.74
C GLY A 11 -7.97 -3.75 0.79
N LEU A 12 -7.36 -2.78 1.50
CA LEU A 12 -7.37 -2.70 2.97
C LEU A 12 -8.81 -2.53 3.50
N SER A 13 -9.12 -3.17 4.63
CA SER A 13 -10.38 -2.93 5.35
C SER A 13 -10.45 -1.49 5.86
N VAL A 14 -11.63 -0.87 5.82
CA VAL A 14 -11.87 0.46 6.39
C VAL A 14 -11.67 0.55 7.92
N ASN A 15 -11.66 -0.60 8.60
CA ASN A 15 -11.33 -0.71 10.03
C ASN A 15 -9.81 -0.64 10.30
N THR A 16 -8.97 -1.00 9.32
CA THR A 16 -7.50 -0.99 9.41
C THR A 16 -6.94 0.43 9.48
N THR A 17 -5.92 0.64 10.31
CA THR A 17 -5.14 1.88 10.41
C THR A 17 -3.68 1.75 9.96
N VAL A 18 -3.04 2.88 9.65
CA VAL A 18 -1.68 2.96 9.10
C VAL A 18 -0.61 2.25 9.92
N GLU A 19 -0.74 2.25 11.24
CA GLU A 19 0.18 1.57 12.15
C GLU A 19 0.07 0.04 12.08
N ASP A 20 -1.12 -0.52 11.79
CA ASP A 20 -1.31 -1.96 11.56
C ASP A 20 -0.54 -2.38 10.30
N VAL A 21 -0.61 -1.55 9.26
CA VAL A 21 0.06 -1.78 7.96
C VAL A 21 1.58 -1.73 8.11
N LYS A 22 2.13 -0.71 8.77
CA LYS A 22 3.57 -0.63 9.06
C LYS A 22 4.05 -1.81 9.92
N HIS A 23 3.35 -2.12 11.02
CA HIS A 23 3.68 -3.25 11.90
C HIS A 23 3.66 -4.60 11.15
N TYR A 24 2.69 -4.83 10.26
CA TYR A 24 2.65 -6.01 9.41
C TYR A 24 3.81 -6.14 8.42
N PHE A 25 4.13 -5.06 7.70
CA PHE A 25 5.25 -5.05 6.74
C PHE A 25 6.67 -5.11 7.33
N GLU A 26 6.86 -4.64 8.57
CA GLU A 26 8.11 -4.75 9.33
C GLU A 26 8.61 -6.18 9.58
N GLN A 27 7.73 -7.18 9.46
CA GLN A 27 8.07 -8.61 9.58
C GLN A 27 9.09 -9.07 8.55
N PHE A 28 8.89 -8.63 7.31
CA PHE A 28 9.76 -8.94 6.16
C PHE A 28 11.11 -8.23 6.21
N GLY A 29 11.12 -7.00 6.73
CA GLY A 29 12.27 -6.13 6.92
C GLY A 29 11.83 -4.71 7.26
N LYS A 30 12.75 -3.86 7.73
CA LYS A 30 12.43 -2.54 8.30
C LYS A 30 11.69 -1.63 7.31
N VAL A 31 10.67 -0.96 7.84
CA VAL A 31 9.81 0.01 7.15
C VAL A 31 10.17 1.41 7.66
N ASP A 32 10.41 2.34 6.74
CA ASP A 32 10.63 3.76 7.03
C ASP A 32 9.34 4.47 7.46
N ASP A 33 8.31 4.41 6.62
CA ASP A 33 7.08 5.19 6.76
C ASP A 33 5.90 4.49 6.04
N ALA A 34 4.68 4.87 6.39
CA ALA A 34 3.44 4.39 5.77
C ALA A 34 2.36 5.49 5.79
N MET A 35 1.42 5.45 4.83
CA MET A 35 0.33 6.44 4.71
C MET A 35 -0.91 5.87 4.00
N LEU A 36 -2.10 6.06 4.55
CA LEU A 36 -3.39 5.69 3.93
C LEU A 36 -4.07 6.91 3.30
N MET A 37 -4.63 6.74 2.09
CA MET A 37 -5.22 7.85 1.34
C MET A 37 -6.69 8.08 1.70
N PHE A 38 -7.02 9.30 2.16
CA PHE A 38 -8.37 9.71 2.55
C PHE A 38 -9.31 10.20 1.44
N ASP A 39 -10.60 9.90 1.58
CA ASP A 39 -11.68 10.44 0.77
C ASP A 39 -11.84 11.94 1.09
N LYS A 40 -12.03 12.76 0.05
CA LYS A 40 -11.96 14.23 0.15
C LYS A 40 -13.03 14.90 1.02
N THR A 41 -14.12 14.18 1.31
CA THR A 41 -15.11 14.55 2.34
C THR A 41 -14.61 14.48 3.79
N THR A 42 -13.36 14.04 3.99
CA THR A 42 -12.73 13.69 5.28
C THR A 42 -13.37 12.51 6.02
N ASN A 43 -14.14 11.71 5.27
CA ASN A 43 -15.03 10.67 5.80
C ASN A 43 -14.31 9.38 6.26
N ARG A 44 -13.48 8.80 5.38
CA ARG A 44 -12.80 7.49 5.54
C ARG A 44 -11.61 7.37 4.60
N HIS A 45 -10.75 6.36 4.78
CA HIS A 45 -9.73 6.03 3.79
C HIS A 45 -10.33 5.20 2.64
N ARG A 46 -9.77 5.33 1.44
CA ARG A 46 -10.22 4.67 0.20
C ARG A 46 -9.83 3.18 0.09
N GLY A 47 -9.49 2.52 1.20
CA GLY A 47 -9.09 1.11 1.21
C GLY A 47 -7.73 0.84 0.54
N PHE A 48 -6.86 1.85 0.44
CA PHE A 48 -5.51 1.68 -0.09
C PHE A 48 -4.58 2.72 0.55
N GLY A 49 -3.28 2.47 0.41
CA GLY A 49 -2.22 3.37 0.85
C GLY A 49 -0.84 2.97 0.32
N PHE A 50 0.20 3.59 0.89
CA PHE A 50 1.60 3.39 0.56
C PHE A 50 2.48 2.98 1.74
N VAL A 51 3.55 2.22 1.46
CA VAL A 51 4.56 1.80 2.44
C VAL A 51 5.97 1.95 1.86
N THR A 52 6.85 2.62 2.60
CA THR A 52 8.26 2.88 2.25
C THR A 52 9.28 2.09 3.07
N PHE A 53 10.28 1.50 2.43
CA PHE A 53 11.20 0.52 3.01
C PHE A 53 12.62 1.00 3.32
N GLU A 54 13.32 0.29 4.19
CA GLU A 54 14.75 0.50 4.47
C GLU A 54 15.65 0.11 3.29
N SER A 55 15.28 -0.93 2.52
CA SER A 55 16.02 -1.42 1.35
C SER A 55 15.10 -1.87 0.22
N GLU A 56 15.54 -1.69 -1.03
CA GLU A 56 14.90 -2.22 -2.23
C GLU A 56 14.79 -3.76 -2.18
N ASP A 57 15.75 -4.41 -1.52
CA ASP A 57 15.72 -5.86 -1.29
C ASP A 57 14.49 -6.37 -0.52
N ILE A 58 13.99 -5.58 0.44
CA ILE A 58 12.72 -5.90 1.12
C ILE A 58 11.54 -5.65 0.19
N VAL A 59 11.55 -4.57 -0.61
CA VAL A 59 10.47 -4.30 -1.57
C VAL A 59 10.30 -5.48 -2.52
N GLU A 60 11.39 -6.04 -3.04
CA GLU A 60 11.35 -7.27 -3.86
C GLU A 60 10.81 -8.49 -3.09
N LYS A 61 11.31 -8.74 -1.87
CA LYS A 61 10.87 -9.84 -0.99
C LYS A 61 9.36 -9.82 -0.72
N VAL A 62 8.84 -8.64 -0.39
CA VAL A 62 7.41 -8.36 -0.13
C VAL A 62 6.59 -8.45 -1.43
N CYS A 63 7.06 -7.86 -2.52
CA CYS A 63 6.35 -7.81 -3.80
C CYS A 63 6.20 -9.20 -4.46
N GLU A 64 7.20 -10.07 -4.35
CA GLU A 64 7.15 -11.45 -4.84
C GLU A 64 6.10 -12.35 -4.15
N ILE A 65 5.68 -12.00 -2.92
CA ILE A 65 4.57 -12.66 -2.22
C ILE A 65 3.21 -12.30 -2.85
N HIS A 66 3.09 -11.06 -3.35
CA HIS A 66 1.97 -10.48 -4.12
C HIS A 66 0.66 -10.29 -3.33
N PHE A 67 0.19 -11.34 -2.65
CA PHE A 67 -0.97 -11.32 -1.75
C PHE A 67 -0.66 -11.50 -0.25
N HIS A 68 -1.10 -10.53 0.54
CA HIS A 68 -0.79 -10.35 1.96
C HIS A 68 -2.08 -10.29 2.80
N GLU A 69 -2.01 -10.31 4.13
CA GLU A 69 -3.20 -10.35 4.99
C GLU A 69 -3.05 -9.51 6.26
N ILE A 70 -3.95 -8.54 6.47
CA ILE A 70 -3.90 -7.53 7.54
C ILE A 70 -5.30 -7.39 8.16
N ASN A 71 -5.40 -7.48 9.49
CA ASN A 71 -6.69 -7.50 10.22
C ASN A 71 -7.70 -8.53 9.67
N ASN A 72 -7.19 -9.71 9.28
CA ASN A 72 -7.91 -10.81 8.61
C ASN A 72 -8.52 -10.49 7.22
N LYS A 73 -8.21 -9.33 6.63
CA LYS A 73 -8.53 -8.98 5.22
C LYS A 73 -7.31 -9.21 4.33
N MET A 74 -7.50 -9.85 3.17
CA MET A 74 -6.45 -10.06 2.17
C MET A 74 -6.28 -8.82 1.29
N VAL A 75 -5.03 -8.46 1.02
CA VAL A 75 -4.61 -7.25 0.29
C VAL A 75 -3.54 -7.54 -0.76
N GLU A 76 -3.43 -6.67 -1.76
CA GLU A 76 -2.43 -6.78 -2.84
C GLU A 76 -1.30 -5.77 -2.69
N CYS A 77 -0.03 -6.21 -2.74
CA CYS A 77 1.13 -5.32 -2.88
C CYS A 77 1.47 -5.11 -4.37
N LYS A 78 1.81 -3.87 -4.74
CA LYS A 78 2.24 -3.48 -6.10
C LYS A 78 3.38 -2.47 -6.01
N LYS A 79 4.34 -2.48 -6.94
CA LYS A 79 5.38 -1.42 -7.01
C LYS A 79 4.75 -0.06 -7.29
N ALA A 80 5.07 0.95 -6.47
CA ALA A 80 4.42 2.25 -6.54
C ALA A 80 4.85 3.04 -7.78
N GLN A 81 3.87 3.47 -8.58
CA GLN A 81 4.04 4.26 -9.81
C GLN A 81 3.20 5.55 -9.77
N PRO A 82 3.74 6.73 -10.14
CA PRO A 82 2.97 7.96 -10.23
C PRO A 82 1.80 7.87 -11.24
N LYS A 83 0.63 8.42 -10.90
CA LYS A 83 -0.55 8.43 -11.78
C LYS A 83 -0.35 9.16 -13.11
N GLU A 84 0.63 10.05 -13.15
CA GLU A 84 1.12 10.76 -14.33
C GLU A 84 1.84 9.84 -15.35
N VAL A 85 2.34 8.66 -14.91
CA VAL A 85 3.08 7.68 -15.73
C VAL A 85 2.41 6.31 -15.89
N MET A 86 1.65 5.84 -14.89
CA MET A 86 0.86 4.60 -15.01
C MET A 86 -0.52 4.82 -15.67
N SER A 87 -1.44 5.49 -14.97
CA SER A 87 -2.78 5.86 -15.46
C SER A 87 -3.44 6.90 -14.53
N PRO A 88 -4.09 7.96 -15.05
CA PRO A 88 -4.80 8.94 -14.23
C PRO A 88 -6.04 8.33 -13.56
N THR A 89 -6.41 8.86 -12.37
CA THR A 89 -7.58 8.40 -11.60
C THR A 89 -8.95 8.71 -12.20
N GLY A 90 -9.94 7.92 -11.80
CA GLY A 90 -11.38 8.10 -12.10
C GLY A 90 -12.31 7.67 -10.95
N SER A 91 -11.79 7.52 -9.73
CA SER A 91 -12.54 7.03 -8.57
C SER A 91 -13.65 7.99 -8.13
N ALA A 92 -14.86 7.48 -7.91
CA ALA A 92 -16.04 8.26 -7.54
C ALA A 92 -16.04 8.75 -6.08
N ARG A 93 -16.74 9.85 -5.80
CA ARG A 93 -16.91 10.42 -4.44
C ARG A 93 -17.89 9.62 -3.56
N GLY A 94 -18.78 8.83 -4.17
CA GLY A 94 -19.77 7.97 -3.51
C GLY A 94 -19.14 6.73 -2.85
N ARG A 95 -19.19 5.58 -3.53
CA ARG A 95 -18.59 4.30 -3.09
C ARG A 95 -18.99 3.95 -1.65
N SER A 96 -20.30 3.88 -1.41
CA SER A 96 -20.96 3.78 -0.09
C SER A 96 -21.92 2.60 0.02
N GLY A 1 16.00 4.73 -14.49
CA GLY A 1 14.83 4.70 -13.59
C GLY A 1 15.17 5.15 -12.18
N SER A 2 14.16 5.55 -11.39
CA SER A 2 14.33 6.01 -10.01
C SER A 2 14.74 4.88 -9.05
N HIS A 3 15.57 5.22 -8.05
CA HIS A 3 15.99 4.32 -6.95
C HIS A 3 14.96 4.22 -5.81
N MET A 4 13.72 4.65 -6.03
CA MET A 4 12.61 4.61 -5.07
C MET A 4 12.27 3.19 -4.57
N LYS A 5 11.73 3.09 -3.35
CA LYS A 5 11.52 1.85 -2.59
C LYS A 5 10.12 1.79 -1.99
N LYS A 6 9.08 1.82 -2.83
CA LYS A 6 7.69 2.04 -2.41
C LYS A 6 6.70 1.05 -3.04
N ILE A 7 5.74 0.58 -2.25
CA ILE A 7 4.64 -0.30 -2.67
C ILE A 7 3.27 0.35 -2.39
N PHE A 8 2.32 -0.07 -3.21
CA PHE A 8 0.87 0.13 -3.08
C PHE A 8 0.39 -1.09 -2.26
N VAL A 9 -0.60 -0.87 -1.40
CA VAL A 9 -1.33 -1.89 -0.64
C VAL A 9 -2.83 -1.76 -0.91
N GLY A 10 -3.37 -2.64 -1.73
CA GLY A 10 -4.73 -2.55 -2.27
C GLY A 10 -5.73 -3.51 -1.61
N GLY A 11 -6.97 -3.05 -1.41
CA GLY A 11 -8.08 -3.84 -0.86
C GLY A 11 -8.15 -3.87 0.67
N LEU A 12 -7.54 -2.89 1.36
CA LEU A 12 -7.53 -2.78 2.83
C LEU A 12 -8.94 -2.58 3.41
N SER A 13 -9.17 -3.15 4.59
CA SER A 13 -10.38 -2.86 5.39
C SER A 13 -10.36 -1.42 5.90
N VAL A 14 -11.49 -0.72 5.85
CA VAL A 14 -11.62 0.64 6.40
C VAL A 14 -11.50 0.71 7.93
N ASN A 15 -11.50 -0.44 8.63
CA ASN A 15 -11.17 -0.52 10.06
C ASN A 15 -9.65 -0.67 10.32
N THR A 16 -8.86 -1.09 9.33
CA THR A 16 -7.39 -1.12 9.38
C THR A 16 -6.81 0.28 9.29
N THR A 17 -5.89 0.61 10.21
CA THR A 17 -5.16 1.89 10.24
C THR A 17 -3.71 1.80 9.75
N VAL A 18 -3.10 2.94 9.44
CA VAL A 18 -1.74 3.05 8.89
C VAL A 18 -0.67 2.34 9.72
N GLU A 19 -0.77 2.42 11.06
CA GLU A 19 0.16 1.75 11.97
C GLU A 19 0.04 0.21 11.93
N ASP A 20 -1.15 -0.34 11.64
CA ASP A 20 -1.34 -1.79 11.45
C ASP A 20 -0.57 -2.27 10.20
N VAL A 21 -0.71 -1.51 9.10
CA VAL A 21 -0.06 -1.81 7.81
C VAL A 21 1.46 -1.71 7.92
N LYS A 22 1.96 -0.61 8.51
CA LYS A 22 3.38 -0.39 8.84
C LYS A 22 3.96 -1.50 9.72
N HIS A 23 3.30 -1.83 10.84
CA HIS A 23 3.72 -2.91 11.75
C HIS A 23 3.72 -4.29 11.09
N TYR A 24 2.75 -4.56 10.20
CA TYR A 24 2.73 -5.80 9.43
C TYR A 24 3.87 -5.92 8.41
N PHE A 25 4.16 -4.86 7.66
CA PHE A 25 5.28 -4.84 6.71
C PHE A 25 6.70 -4.80 7.31
N GLU A 26 6.83 -4.26 8.53
CA GLU A 26 8.06 -4.31 9.36
C GLU A 26 8.59 -5.73 9.65
N GLN A 27 7.75 -6.76 9.55
CA GLN A 27 8.14 -8.17 9.69
C GLN A 27 9.17 -8.60 8.64
N PHE A 28 8.92 -8.18 7.39
CA PHE A 28 9.77 -8.46 6.24
C PHE A 28 11.10 -7.69 6.22
N GLY A 29 11.09 -6.47 6.77
CA GLY A 29 12.24 -5.58 6.89
C GLY A 29 11.82 -4.14 7.22
N LYS A 30 12.79 -3.28 7.56
CA LYS A 30 12.55 -1.93 8.08
C LYS A 30 11.76 -1.05 7.09
N VAL A 31 10.73 -0.40 7.62
CA VAL A 31 9.83 0.52 6.92
C VAL A 31 10.32 1.95 7.14
N ASP A 32 10.36 2.75 6.08
CA ASP A 32 10.68 4.18 6.11
C ASP A 32 9.49 5.07 6.50
N ASP A 33 8.32 4.81 5.90
CA ASP A 33 7.05 5.53 6.16
C ASP A 33 5.87 4.72 5.60
N ALA A 34 4.65 5.03 6.05
CA ALA A 34 3.38 4.51 5.51
C ALA A 34 2.27 5.58 5.52
N MET A 35 1.29 5.47 4.62
CA MET A 35 0.11 6.34 4.56
C MET A 35 -1.07 5.67 3.84
N LEU A 36 -2.28 5.76 4.39
CA LEU A 36 -3.52 5.30 3.76
C LEU A 36 -4.31 6.46 3.16
N MET A 37 -5.01 6.24 2.04
CA MET A 37 -5.63 7.30 1.25
C MET A 37 -6.98 7.76 1.82
N PHE A 38 -6.91 8.55 2.90
CA PHE A 38 -8.05 9.14 3.60
C PHE A 38 -8.94 10.15 2.87
N ASP A 39 -10.26 10.09 3.13
CA ASP A 39 -11.26 11.08 2.73
C ASP A 39 -11.71 11.99 3.88
N LYS A 40 -11.58 13.32 3.73
CA LYS A 40 -11.97 14.31 4.74
C LYS A 40 -13.47 14.30 5.07
N THR A 41 -14.31 13.85 4.13
CA THR A 41 -15.77 13.67 4.30
C THR A 41 -16.19 12.51 5.20
N THR A 42 -15.94 11.28 4.75
CA THR A 42 -16.22 10.03 5.48
C THR A 42 -15.32 9.71 6.67
N ASN A 43 -14.13 10.33 6.75
CA ASN A 43 -13.10 10.08 7.76
C ASN A 43 -12.62 8.61 7.81
N ARG A 44 -12.61 7.98 6.62
CA ARG A 44 -12.11 6.62 6.31
C ARG A 44 -11.23 6.67 5.06
N HIS A 45 -10.36 5.69 4.85
CA HIS A 45 -9.57 5.57 3.62
C HIS A 45 -10.34 4.87 2.50
N ARG A 46 -9.93 5.14 1.25
CA ARG A 46 -10.54 4.65 0.01
C ARG A 46 -10.27 3.15 -0.29
N GLY A 47 -9.85 2.38 0.72
CA GLY A 47 -9.54 0.95 0.61
C GLY A 47 -8.13 0.63 0.13
N PHE A 48 -7.20 1.60 0.14
CA PHE A 48 -5.81 1.36 -0.24
C PHE A 48 -4.87 2.40 0.40
N GLY A 49 -3.57 2.13 0.31
CA GLY A 49 -2.50 3.02 0.77
C GLY A 49 -1.12 2.65 0.23
N PHE A 50 -0.09 3.25 0.81
CA PHE A 50 1.33 3.10 0.44
C PHE A 50 2.27 2.79 1.61
N VAL A 51 3.36 2.07 1.32
CA VAL A 51 4.48 1.80 2.26
C VAL A 51 5.83 1.97 1.57
N THR A 52 6.71 2.76 2.18
CA THR A 52 8.11 2.99 1.79
C THR A 52 9.13 2.20 2.61
N PHE A 53 10.25 1.77 2.03
CA PHE A 53 11.19 0.80 2.62
C PHE A 53 12.63 1.30 2.81
N GLU A 54 13.32 0.76 3.79
CA GLU A 54 14.74 1.06 4.07
C GLU A 54 15.70 0.47 3.01
N SER A 55 15.31 -0.64 2.37
CA SER A 55 16.06 -1.30 1.29
C SER A 55 15.15 -1.84 0.19
N GLU A 56 15.62 -1.74 -1.06
CA GLU A 56 14.93 -2.26 -2.25
C GLU A 56 14.83 -3.79 -2.22
N ASP A 57 15.75 -4.48 -1.53
CA ASP A 57 15.66 -5.93 -1.29
C ASP A 57 14.42 -6.38 -0.50
N ILE A 58 13.93 -5.54 0.42
CA ILE A 58 12.65 -5.81 1.10
C ILE A 58 11.49 -5.61 0.15
N VAL A 59 11.51 -4.56 -0.68
CA VAL A 59 10.44 -4.32 -1.67
C VAL A 59 10.26 -5.54 -2.58
N GLU A 60 11.35 -6.14 -3.07
CA GLU A 60 11.29 -7.39 -3.83
C GLU A 60 10.77 -8.58 -2.99
N LYS A 61 11.28 -8.79 -1.77
CA LYS A 61 10.85 -9.85 -0.85
C LYS A 61 9.34 -9.83 -0.60
N VAL A 62 8.82 -8.62 -0.32
CA VAL A 62 7.40 -8.35 -0.09
C VAL A 62 6.58 -8.54 -1.38
N CYS A 63 7.01 -7.95 -2.50
CA CYS A 63 6.28 -8.00 -3.76
C CYS A 63 6.14 -9.41 -4.36
N GLU A 64 7.15 -10.28 -4.19
CA GLU A 64 7.10 -11.68 -4.65
C GLU A 64 6.04 -12.54 -3.93
N ILE A 65 5.60 -12.14 -2.73
CA ILE A 65 4.50 -12.81 -1.99
C ILE A 65 3.13 -12.51 -2.63
N HIS A 66 2.98 -11.32 -3.22
CA HIS A 66 1.82 -10.80 -3.98
C HIS A 66 0.54 -10.58 -3.16
N PHE A 67 0.09 -11.60 -2.43
CA PHE A 67 -1.03 -11.54 -1.47
C PHE A 67 -0.67 -11.68 0.01
N HIS A 68 -1.01 -10.66 0.80
CA HIS A 68 -0.68 -10.49 2.22
C HIS A 68 -1.95 -10.44 3.08
N GLU A 69 -1.83 -10.58 4.41
CA GLU A 69 -2.98 -10.68 5.31
C GLU A 69 -2.88 -9.72 6.51
N ILE A 70 -3.77 -8.73 6.58
CA ILE A 70 -3.75 -7.64 7.59
C ILE A 70 -5.12 -7.54 8.26
N ASN A 71 -5.15 -7.54 9.59
CA ASN A 71 -6.38 -7.63 10.40
C ASN A 71 -7.31 -8.78 9.94
N ASN A 72 -6.72 -9.96 9.68
CA ASN A 72 -7.33 -11.17 9.13
C ASN A 72 -8.11 -10.98 7.81
N LYS A 73 -7.69 -10.04 6.95
CA LYS A 73 -8.26 -9.76 5.61
C LYS A 73 -7.14 -9.69 4.56
N MET A 74 -7.39 -10.20 3.35
CA MET A 74 -6.39 -10.34 2.30
C MET A 74 -6.22 -9.05 1.49
N VAL A 75 -4.97 -8.67 1.22
CA VAL A 75 -4.61 -7.46 0.47
C VAL A 75 -3.52 -7.74 -0.56
N GLU A 76 -3.49 -6.94 -1.64
CA GLU A 76 -2.52 -7.08 -2.73
C GLU A 76 -1.38 -6.06 -2.60
N CYS A 77 -0.12 -6.52 -2.65
CA CYS A 77 1.05 -5.64 -2.80
C CYS A 77 1.37 -5.45 -4.29
N LYS A 78 1.67 -4.21 -4.70
CA LYS A 78 2.11 -3.85 -6.06
C LYS A 78 3.19 -2.78 -5.96
N LYS A 79 4.16 -2.73 -6.88
CA LYS A 79 5.14 -1.62 -6.91
C LYS A 79 4.47 -0.29 -7.24
N ALA A 80 4.81 0.77 -6.51
CA ALA A 80 4.17 2.08 -6.67
C ALA A 80 4.61 2.76 -7.97
N GLN A 81 3.67 3.02 -8.88
CA GLN A 81 3.90 3.85 -10.07
C GLN A 81 3.99 5.34 -9.71
N PRO A 82 4.76 6.17 -10.44
CA PRO A 82 4.85 7.61 -10.19
C PRO A 82 3.51 8.33 -10.34
N LYS A 83 3.29 9.41 -9.57
CA LYS A 83 2.14 10.32 -9.78
C LYS A 83 2.15 11.00 -11.16
N GLU A 84 3.33 11.07 -11.76
CA GLU A 84 3.58 11.68 -13.08
C GLU A 84 2.92 10.92 -14.24
N VAL A 85 2.68 9.61 -14.09
CA VAL A 85 1.94 8.78 -15.07
C VAL A 85 0.42 8.76 -14.90
N MET A 86 -0.08 9.35 -13.81
CA MET A 86 -1.49 9.29 -13.38
C MET A 86 -1.87 10.48 -12.48
N SER A 87 -2.08 11.64 -13.10
CA SER A 87 -2.54 12.89 -12.45
C SER A 87 -3.40 13.76 -13.38
N PRO A 88 -4.35 14.55 -12.85
CA PRO A 88 -5.27 15.36 -13.66
C PRO A 88 -4.60 16.58 -14.33
N THR A 89 -5.26 17.12 -15.37
CA THR A 89 -4.82 18.26 -16.18
C THR A 89 -5.88 19.32 -16.46
N GLY A 90 -5.52 20.61 -16.38
CA GLY A 90 -6.41 21.75 -16.63
C GLY A 90 -7.38 22.06 -15.48
N SER A 91 -8.13 23.16 -15.62
CA SER A 91 -9.15 23.61 -14.65
C SER A 91 -10.45 22.79 -14.74
N ALA A 92 -11.27 22.82 -13.69
CA ALA A 92 -12.57 22.16 -13.63
C ALA A 92 -13.60 22.77 -14.61
N ARG A 93 -14.60 21.96 -15.02
CA ARG A 93 -15.66 22.33 -15.98
C ARG A 93 -16.96 21.55 -15.68
N GLY A 94 -18.12 22.17 -15.95
CA GLY A 94 -19.44 21.57 -15.72
C GLY A 94 -19.85 21.50 -14.24
N ARG A 95 -20.80 20.61 -13.94
CA ARG A 95 -21.37 20.37 -12.59
C ARG A 95 -21.46 18.87 -12.25
N SER A 96 -21.46 18.56 -10.95
CA SER A 96 -21.56 17.20 -10.39
C SER A 96 -22.86 16.48 -10.75
N GLY A 1 17.87 -3.05 -12.51
CA GLY A 1 18.14 -1.64 -12.12
C GLY A 1 17.40 -1.25 -10.86
N SER A 2 17.90 -0.23 -10.15
CA SER A 2 17.33 0.30 -8.90
C SER A 2 15.95 0.96 -9.10
N HIS A 3 15.14 1.04 -8.03
CA HIS A 3 13.82 1.68 -8.01
C HIS A 3 13.53 2.39 -6.68
N MET A 4 12.44 3.17 -6.61
CA MET A 4 11.94 3.77 -5.37
C MET A 4 11.67 2.69 -4.30
N LYS A 5 12.05 2.97 -3.05
CA LYS A 5 11.83 2.09 -1.87
C LYS A 5 10.39 2.16 -1.36
N LYS A 6 9.41 2.13 -2.26
CA LYS A 6 7.99 2.43 -1.98
C LYS A 6 7.06 1.43 -2.67
N ILE A 7 6.01 0.99 -1.97
CA ILE A 7 4.94 0.13 -2.50
C ILE A 7 3.57 0.74 -2.28
N PHE A 8 2.67 0.43 -3.20
CA PHE A 8 1.23 0.62 -3.10
C PHE A 8 0.65 -0.60 -2.36
N VAL A 9 -0.39 -0.39 -1.55
CA VAL A 9 -1.14 -1.42 -0.82
C VAL A 9 -2.64 -1.24 -1.05
N GLY A 10 -3.27 -2.13 -1.81
CA GLY A 10 -4.68 -2.01 -2.24
C GLY A 10 -5.60 -3.08 -1.67
N GLY A 11 -6.87 -2.74 -1.43
CA GLY A 11 -7.89 -3.64 -0.88
C GLY A 11 -7.90 -3.74 0.66
N LEU A 12 -7.27 -2.78 1.36
CA LEU A 12 -7.27 -2.67 2.82
C LEU A 12 -8.70 -2.47 3.36
N SER A 13 -8.98 -3.06 4.54
CA SER A 13 -10.21 -2.74 5.28
C SER A 13 -10.14 -1.31 5.83
N VAL A 14 -11.24 -0.56 5.73
CA VAL A 14 -11.34 0.83 6.25
C VAL A 14 -11.22 0.94 7.78
N ASN A 15 -11.29 -0.18 8.51
CA ASN A 15 -11.01 -0.28 9.94
C ASN A 15 -9.50 -0.30 10.28
N THR A 16 -8.67 -0.82 9.36
CA THR A 16 -7.21 -0.97 9.52
C THR A 16 -6.50 0.38 9.60
N THR A 17 -5.60 0.55 10.58
CA THR A 17 -4.78 1.76 10.72
C THR A 17 -3.48 1.80 9.91
N VAL A 18 -2.91 2.99 9.72
CA VAL A 18 -1.57 3.16 9.16
C VAL A 18 -0.46 2.44 9.94
N GLU A 19 -0.59 2.39 11.28
CA GLU A 19 0.33 1.65 12.16
C GLU A 19 0.15 0.13 12.01
N ASP A 20 -1.09 -0.36 11.84
CA ASP A 20 -1.35 -1.75 11.48
C ASP A 20 -0.63 -2.16 10.19
N VAL A 21 -0.78 -1.36 9.12
CA VAL A 21 -0.13 -1.66 7.83
C VAL A 21 1.39 -1.65 7.96
N LYS A 22 1.98 -0.68 8.69
CA LYS A 22 3.43 -0.67 8.97
C LYS A 22 3.86 -1.95 9.70
N HIS A 23 3.22 -2.32 10.81
CA HIS A 23 3.54 -3.54 11.57
C HIS A 23 3.39 -4.83 10.75
N TYR A 24 2.36 -4.93 9.91
CA TYR A 24 2.21 -6.00 8.92
C TYR A 24 3.23 -6.11 7.78
N PHE A 25 4.03 -5.05 7.53
CA PHE A 25 5.18 -5.08 6.62
C PHE A 25 6.57 -5.18 7.26
N GLU A 26 6.72 -4.73 8.50
CA GLU A 26 7.96 -4.82 9.30
C GLU A 26 8.47 -6.26 9.51
N GLN A 27 7.60 -7.27 9.37
CA GLN A 27 7.96 -8.69 9.44
C GLN A 27 8.93 -9.15 8.32
N PHE A 28 8.87 -8.52 7.15
CA PHE A 28 9.73 -8.86 6.00
C PHE A 28 11.12 -8.21 6.06
N GLY A 29 11.18 -7.04 6.72
CA GLY A 29 12.35 -6.18 6.86
C GLY A 29 11.90 -4.77 7.27
N LYS A 30 12.85 -3.92 7.67
CA LYS A 30 12.54 -2.62 8.30
C LYS A 30 11.76 -1.68 7.37
N VAL A 31 10.67 -1.14 7.90
CA VAL A 31 9.81 -0.13 7.28
C VAL A 31 10.18 1.24 7.82
N ASP A 32 10.34 2.21 6.93
CA ASP A 32 10.56 3.61 7.27
C ASP A 32 9.28 4.32 7.73
N ASP A 33 8.25 4.32 6.88
CA ASP A 33 7.02 5.09 7.07
C ASP A 33 5.87 4.46 6.25
N ALA A 34 4.63 4.88 6.53
CA ALA A 34 3.42 4.48 5.80
C ALA A 34 2.38 5.62 5.79
N MET A 35 1.45 5.60 4.83
CA MET A 35 0.36 6.57 4.71
C MET A 35 -0.86 5.95 4.00
N LEU A 36 -2.04 5.99 4.61
CA LEU A 36 -3.30 5.54 4.00
C LEU A 36 -4.08 6.72 3.44
N MET A 37 -4.81 6.52 2.35
CA MET A 37 -5.48 7.60 1.62
C MET A 37 -6.82 7.99 2.26
N PHE A 38 -6.75 8.82 3.30
CA PHE A 38 -7.91 9.40 3.99
C PHE A 38 -8.93 10.20 3.16
N ASP A 39 -10.21 9.99 3.47
CA ASP A 39 -11.33 10.78 2.97
C ASP A 39 -11.30 12.11 3.75
N LYS A 40 -11.75 13.20 3.11
CA LYS A 40 -11.59 14.59 3.59
C LYS A 40 -12.42 14.98 4.82
N THR A 41 -13.24 14.06 5.31
CA THR A 41 -13.89 14.12 6.63
C THR A 41 -12.84 13.97 7.74
N THR A 42 -11.65 13.45 7.40
CA THR A 42 -10.57 12.99 8.30
C THR A 42 -10.92 11.75 9.12
N ASN A 43 -11.95 11.03 8.69
CA ASN A 43 -12.55 9.93 9.45
C ASN A 43 -11.83 8.58 9.24
N ARG A 44 -11.74 8.12 7.98
CA ARG A 44 -11.16 6.84 7.52
C ARG A 44 -10.56 6.98 6.11
N HIS A 45 -9.77 6.00 5.68
CA HIS A 45 -9.28 5.86 4.30
C HIS A 45 -10.27 5.08 3.40
N ARG A 46 -10.10 5.25 2.08
CA ARG A 46 -10.92 4.59 1.04
C ARG A 46 -10.67 3.07 0.91
N GLY A 47 -9.59 2.54 1.47
CA GLY A 47 -9.19 1.14 1.35
C GLY A 47 -7.88 0.90 0.58
N PHE A 48 -7.00 1.90 0.51
CA PHE A 48 -5.64 1.72 -0.04
C PHE A 48 -4.67 2.77 0.55
N GLY A 49 -3.37 2.53 0.38
CA GLY A 49 -2.29 3.40 0.86
C GLY A 49 -0.90 3.03 0.31
N PHE A 50 0.13 3.66 0.90
CA PHE A 50 1.55 3.47 0.60
C PHE A 50 2.44 3.08 1.79
N VAL A 51 3.54 2.37 1.52
CA VAL A 51 4.57 1.97 2.52
C VAL A 51 5.99 2.16 1.97
N THR A 52 6.87 2.75 2.77
CA THR A 52 8.29 3.04 2.49
C THR A 52 9.30 2.17 3.23
N PHE A 53 10.40 1.74 2.60
CA PHE A 53 11.32 0.72 3.09
C PHE A 53 12.76 1.15 3.38
N GLU A 54 13.45 0.43 4.25
CA GLU A 54 14.88 0.63 4.54
C GLU A 54 15.79 0.14 3.39
N SER A 55 15.38 -0.89 2.64
CA SER A 55 16.14 -1.47 1.52
C SER A 55 15.24 -1.95 0.38
N GLU A 56 15.73 -1.82 -0.86
CA GLU A 56 15.04 -2.30 -2.06
C GLU A 56 14.93 -3.83 -2.09
N ASP A 57 15.83 -4.54 -1.41
CA ASP A 57 15.74 -6.00 -1.22
C ASP A 57 14.48 -6.46 -0.48
N ILE A 58 13.99 -5.65 0.47
CA ILE A 58 12.70 -5.90 1.13
C ILE A 58 11.55 -5.63 0.18
N VAL A 59 11.60 -4.54 -0.61
CA VAL A 59 10.56 -4.23 -1.60
C VAL A 59 10.38 -5.40 -2.57
N GLU A 60 11.48 -5.98 -3.07
CA GLU A 60 11.43 -7.20 -3.89
C GLU A 60 10.83 -8.40 -3.14
N LYS A 61 11.30 -8.70 -1.92
CA LYS A 61 10.80 -9.80 -1.07
C LYS A 61 9.30 -9.73 -0.84
N VAL A 62 8.81 -8.54 -0.48
CA VAL A 62 7.39 -8.22 -0.24
C VAL A 62 6.59 -8.32 -1.55
N CYS A 63 7.08 -7.70 -2.62
CA CYS A 63 6.36 -7.66 -3.91
C CYS A 63 6.22 -9.03 -4.61
N GLU A 64 7.19 -9.93 -4.46
CA GLU A 64 7.12 -11.31 -4.98
C GLU A 64 6.02 -12.17 -4.31
N ILE A 65 5.58 -11.83 -3.10
CA ILE A 65 4.45 -12.48 -2.42
C ILE A 65 3.10 -12.08 -3.06
N HIS A 66 3.02 -10.84 -3.56
CA HIS A 66 1.89 -10.20 -4.27
C HIS A 66 0.61 -9.99 -3.43
N PHE A 67 0.16 -11.02 -2.72
CA PHE A 67 -0.98 -10.98 -1.79
C PHE A 67 -0.66 -11.25 -0.31
N HIS A 68 -1.04 -10.32 0.56
CA HIS A 68 -0.67 -10.29 1.98
C HIS A 68 -1.91 -10.24 2.89
N GLU A 69 -1.90 -10.97 4.00
CA GLU A 69 -2.96 -10.94 5.02
C GLU A 69 -2.70 -9.81 6.05
N ILE A 70 -3.67 -8.91 6.25
CA ILE A 70 -3.63 -7.78 7.20
C ILE A 70 -5.02 -7.66 7.87
N ASN A 71 -5.08 -7.70 9.21
CA ASN A 71 -6.35 -7.59 9.97
C ASN A 71 -7.47 -8.55 9.45
N ASN A 72 -7.10 -9.81 9.16
CA ASN A 72 -7.94 -10.84 8.53
C ASN A 72 -8.58 -10.45 7.17
N LYS A 73 -7.94 -9.56 6.42
CA LYS A 73 -8.30 -9.12 5.05
C LYS A 73 -7.07 -9.27 4.12
N MET A 74 -7.27 -9.80 2.91
CA MET A 74 -6.19 -9.94 1.92
C MET A 74 -6.02 -8.66 1.10
N VAL A 75 -4.77 -8.22 0.96
CA VAL A 75 -4.38 -7.00 0.25
C VAL A 75 -3.31 -7.24 -0.81
N GLU A 76 -3.28 -6.39 -1.83
CA GLU A 76 -2.32 -6.48 -2.93
C GLU A 76 -1.18 -5.47 -2.79
N CYS A 77 0.08 -5.93 -2.83
CA CYS A 77 1.26 -5.07 -2.96
C CYS A 77 1.62 -4.83 -4.44
N LYS A 78 2.00 -3.59 -4.80
CA LYS A 78 2.58 -3.23 -6.11
C LYS A 78 3.77 -2.29 -5.90
N LYS A 79 4.81 -2.37 -6.72
CA LYS A 79 5.90 -1.36 -6.72
C LYS A 79 5.33 0.01 -7.10
N ALA A 80 5.62 1.05 -6.33
CA ALA A 80 4.99 2.36 -6.53
C ALA A 80 5.46 3.04 -7.82
N GLN A 81 4.53 3.70 -8.52
CA GLN A 81 4.75 4.50 -9.73
C GLN A 81 3.91 5.80 -9.69
N PRO A 82 4.32 6.87 -10.40
CA PRO A 82 3.62 8.17 -10.35
C PRO A 82 2.19 8.14 -10.90
N LYS A 83 1.35 9.07 -10.43
CA LYS A 83 -0.02 9.31 -10.94
C LYS A 83 -0.08 9.75 -12.41
N GLU A 84 1.05 10.25 -12.92
CA GLU A 84 1.26 10.60 -14.33
C GLU A 84 1.38 9.36 -15.24
N VAL A 85 1.94 8.27 -14.72
CA VAL A 85 2.05 6.97 -15.43
C VAL A 85 0.71 6.22 -15.40
N MET A 86 -0.04 6.32 -14.30
CA MET A 86 -1.36 5.71 -14.11
C MET A 86 -2.47 6.56 -14.79
N SER A 87 -2.66 6.36 -16.10
CA SER A 87 -3.58 7.14 -16.94
C SER A 87 -5.05 7.16 -16.43
N PRO A 88 -5.78 8.28 -16.59
CA PRO A 88 -7.12 8.46 -16.02
C PRO A 88 -8.25 7.74 -16.79
N THR A 89 -7.97 7.16 -17.96
CA THR A 89 -8.94 6.46 -18.82
C THR A 89 -9.57 5.19 -18.25
N GLY A 90 -10.78 4.84 -18.69
CA GLY A 90 -11.58 3.73 -18.18
C GLY A 90 -12.23 3.99 -16.81
N SER A 91 -12.94 2.99 -16.28
CA SER A 91 -13.60 3.03 -14.97
C SER A 91 -13.83 1.62 -14.40
N ALA A 92 -13.97 1.51 -13.07
CA ALA A 92 -14.24 0.26 -12.37
C ALA A 92 -15.67 -0.28 -12.61
N ARG A 93 -15.86 -1.59 -12.42
CA ARG A 93 -17.16 -2.30 -12.54
C ARG A 93 -17.24 -3.52 -11.62
N GLY A 94 -18.46 -4.02 -11.39
CA GLY A 94 -18.75 -5.17 -10.53
C GLY A 94 -20.23 -5.58 -10.51
N ARG A 95 -20.60 -6.50 -9.63
CA ARG A 95 -21.98 -7.00 -9.45
C ARG A 95 -22.93 -5.89 -8.97
N SER A 96 -24.16 -5.88 -9.53
CA SER A 96 -25.24 -4.93 -9.20
C SER A 96 -25.79 -5.06 -7.77
N GLY A 1 19.26 1.22 -12.17
CA GLY A 1 18.23 0.85 -11.17
C GLY A 1 17.20 1.96 -11.00
N SER A 2 15.92 1.60 -10.83
CA SER A 2 14.79 2.55 -10.74
C SER A 2 14.52 3.11 -9.33
N HIS A 3 15.18 2.55 -8.30
CA HIS A 3 15.07 2.97 -6.88
C HIS A 3 13.66 2.87 -6.26
N MET A 4 12.87 1.87 -6.66
CA MET A 4 11.54 1.59 -6.07
C MET A 4 11.65 1.05 -4.63
N LYS A 5 11.67 1.97 -3.65
CA LYS A 5 11.54 1.71 -2.21
C LYS A 5 10.11 1.88 -1.68
N LYS A 6 9.09 1.79 -2.54
CA LYS A 6 7.68 2.09 -2.22
C LYS A 6 6.73 1.06 -2.84
N ILE A 7 5.70 0.66 -2.09
CA ILE A 7 4.63 -0.23 -2.58
C ILE A 7 3.24 0.39 -2.40
N PHE A 8 2.35 -0.01 -3.30
CA PHE A 8 0.91 0.18 -3.24
C PHE A 8 0.38 -1.00 -2.40
N VAL A 9 -0.65 -0.77 -1.58
CA VAL A 9 -1.40 -1.79 -0.83
C VAL A 9 -2.90 -1.58 -1.04
N GLY A 10 -3.59 -2.54 -1.64
CA GLY A 10 -5.02 -2.43 -2.00
C GLY A 10 -5.90 -3.55 -1.41
N GLY A 11 -7.15 -3.22 -1.06
CA GLY A 11 -8.15 -4.13 -0.49
C GLY A 11 -8.19 -4.16 1.05
N LEU A 12 -7.53 -3.22 1.73
CA LEU A 12 -7.55 -3.07 3.20
C LEU A 12 -8.99 -2.83 3.71
N SER A 13 -9.32 -3.40 4.87
CA SER A 13 -10.57 -3.07 5.58
C SER A 13 -10.53 -1.62 6.09
N VAL A 14 -11.67 -0.92 6.07
CA VAL A 14 -11.81 0.41 6.71
C VAL A 14 -11.66 0.41 8.23
N ASN A 15 -11.69 -0.77 8.86
CA ASN A 15 -11.35 -0.98 10.27
C ASN A 15 -9.83 -0.87 10.53
N THR A 16 -9.00 -1.17 9.52
CA THR A 16 -7.54 -1.10 9.56
C THR A 16 -7.01 0.33 9.57
N THR A 17 -6.03 0.60 10.44
CA THR A 17 -5.28 1.86 10.49
C THR A 17 -3.85 1.76 9.95
N VAL A 18 -3.27 2.90 9.59
CA VAL A 18 -1.93 3.01 9.00
C VAL A 18 -0.81 2.35 9.82
N GLU A 19 -0.92 2.37 11.15
CA GLU A 19 0.03 1.74 12.05
C GLU A 19 -0.02 0.20 11.99
N ASP A 20 -1.21 -0.39 11.78
CA ASP A 20 -1.36 -1.85 11.60
C ASP A 20 -0.58 -2.30 10.35
N VAL A 21 -0.68 -1.51 9.28
CA VAL A 21 -0.02 -1.75 7.99
C VAL A 21 1.50 -1.64 8.13
N LYS A 22 2.01 -0.58 8.78
CA LYS A 22 3.45 -0.44 9.05
C LYS A 22 3.98 -1.58 9.94
N HIS A 23 3.31 -1.90 11.05
CA HIS A 23 3.71 -3.00 11.94
C HIS A 23 3.71 -4.37 11.24
N TYR A 24 2.76 -4.61 10.32
CA TYR A 24 2.76 -5.82 9.48
C TYR A 24 3.93 -5.92 8.49
N PHE A 25 4.21 -4.85 7.73
CA PHE A 25 5.30 -4.82 6.76
C PHE A 25 6.74 -4.82 7.33
N GLU A 26 6.92 -4.35 8.56
CA GLU A 26 8.21 -4.41 9.29
C GLU A 26 8.78 -5.83 9.51
N GLN A 27 7.94 -6.87 9.40
CA GLN A 27 8.34 -8.28 9.51
C GLN A 27 9.39 -8.68 8.47
N PHE A 28 9.13 -8.26 7.23
CA PHE A 28 9.99 -8.53 6.06
C PHE A 28 11.29 -7.72 6.08
N GLY A 29 11.21 -6.47 6.56
CA GLY A 29 12.34 -5.54 6.71
C GLY A 29 11.85 -4.14 7.09
N LYS A 30 12.76 -3.27 7.54
CA LYS A 30 12.43 -1.98 8.15
C LYS A 30 11.63 -1.07 7.20
N VAL A 31 10.49 -0.59 7.69
CA VAL A 31 9.57 0.33 7.01
C VAL A 31 9.88 1.75 7.48
N ASP A 32 10.08 2.65 6.53
CA ASP A 32 10.24 4.09 6.78
C ASP A 32 8.94 4.78 7.22
N ASP A 33 7.89 4.69 6.40
CA ASP A 33 6.64 5.41 6.58
C ASP A 33 5.49 4.66 5.86
N ALA A 34 4.24 5.02 6.18
CA ALA A 34 3.02 4.50 5.56
C ALA A 34 1.90 5.57 5.54
N MET A 35 0.95 5.46 4.61
CA MET A 35 -0.21 6.35 4.49
C MET A 35 -1.41 5.69 3.81
N LEU A 36 -2.62 5.84 4.36
CA LEU A 36 -3.88 5.34 3.77
C LEU A 36 -4.66 6.49 3.11
N MET A 37 -5.32 6.20 1.98
CA MET A 37 -6.03 7.21 1.18
C MET A 37 -7.44 7.46 1.72
N PHE A 38 -7.57 8.42 2.64
CA PHE A 38 -8.84 8.87 3.20
C PHE A 38 -9.87 9.47 2.25
N ASP A 39 -11.15 9.11 2.43
CA ASP A 39 -12.29 9.74 1.77
C ASP A 39 -12.80 10.94 2.61
N LYS A 40 -12.94 10.71 3.93
CA LYS A 40 -13.17 11.70 4.98
C LYS A 40 -12.33 11.32 6.20
N THR A 41 -11.32 12.12 6.52
CA THR A 41 -10.28 11.80 7.53
C THR A 41 -10.75 11.50 8.95
N THR A 42 -11.90 12.06 9.32
CA THR A 42 -12.62 11.82 10.58
C THR A 42 -13.46 10.53 10.59
N ASN A 43 -13.66 9.86 9.44
CA ASN A 43 -14.64 8.78 9.29
C ASN A 43 -14.19 7.54 8.48
N ARG A 44 -13.79 7.68 7.19
CA ARG A 44 -13.58 6.56 6.26
C ARG A 44 -12.42 6.76 5.27
N HIS A 45 -11.79 5.66 4.87
CA HIS A 45 -10.81 5.57 3.78
C HIS A 45 -11.24 4.54 2.71
N ARG A 46 -10.68 4.66 1.50
CA ARG A 46 -11.02 3.81 0.34
C ARG A 46 -10.50 2.37 0.39
N GLY A 47 -9.84 1.95 1.47
CA GLY A 47 -9.27 0.60 1.59
C GLY A 47 -8.00 0.39 0.78
N PHE A 48 -7.18 1.43 0.58
CA PHE A 48 -5.86 1.30 -0.04
C PHE A 48 -4.94 2.42 0.46
N GLY A 49 -3.64 2.24 0.23
CA GLY A 49 -2.59 3.17 0.64
C GLY A 49 -1.21 2.80 0.11
N PHE A 50 -0.20 3.47 0.66
CA PHE A 50 1.22 3.28 0.34
C PHE A 50 2.13 2.98 1.54
N VAL A 51 3.23 2.25 1.30
CA VAL A 51 4.26 1.92 2.30
C VAL A 51 5.68 2.08 1.74
N THR A 52 6.56 2.75 2.49
CA THR A 52 7.95 3.06 2.15
C THR A 52 9.00 2.26 2.91
N PHE A 53 10.11 1.87 2.28
CA PHE A 53 11.10 0.90 2.78
C PHE A 53 12.53 1.40 2.95
N GLU A 54 13.30 0.73 3.81
CA GLU A 54 14.74 0.99 3.99
C GLU A 54 15.58 0.58 2.76
N SER A 55 15.17 -0.48 2.05
CA SER A 55 15.88 -1.02 0.87
C SER A 55 14.92 -1.54 -0.20
N GLU A 56 15.30 -1.39 -1.47
CA GLU A 56 14.58 -1.99 -2.60
C GLU A 56 14.51 -3.52 -2.50
N ASP A 57 15.54 -4.13 -1.91
CA ASP A 57 15.60 -5.59 -1.66
C ASP A 57 14.46 -6.14 -0.79
N ILE A 58 13.94 -5.34 0.14
CA ILE A 58 12.70 -5.68 0.87
C ILE A 58 11.50 -5.57 -0.04
N VAL A 59 11.39 -4.50 -0.84
CA VAL A 59 10.26 -4.30 -1.77
C VAL A 59 10.15 -5.48 -2.73
N GLU A 60 11.27 -5.99 -3.25
CA GLU A 60 11.29 -7.22 -4.06
C GLU A 60 10.73 -8.44 -3.30
N LYS A 61 11.22 -8.71 -2.08
CA LYS A 61 10.77 -9.83 -1.22
C LYS A 61 9.28 -9.76 -0.90
N VAL A 62 8.81 -8.58 -0.52
CA VAL A 62 7.40 -8.27 -0.20
C VAL A 62 6.51 -8.42 -1.44
N CYS A 63 6.94 -7.85 -2.58
CA CYS A 63 6.16 -7.87 -3.83
C CYS A 63 5.94 -9.29 -4.39
N GLU A 64 6.95 -10.16 -4.30
CA GLU A 64 6.85 -11.56 -4.74
C GLU A 64 5.81 -12.42 -3.98
N ILE A 65 5.38 -12.00 -2.79
CA ILE A 65 4.29 -12.64 -2.04
C ILE A 65 2.93 -12.35 -2.68
N HIS A 66 2.76 -11.16 -3.27
CA HIS A 66 1.60 -10.63 -4.00
C HIS A 66 0.33 -10.43 -3.15
N PHE A 67 -0.14 -11.48 -2.47
CA PHE A 67 -1.23 -11.44 -1.49
C PHE A 67 -0.83 -11.59 -0.01
N HIS A 68 -0.96 -10.49 0.73
CA HIS A 68 -0.65 -10.34 2.16
C HIS A 68 -1.92 -10.41 3.01
N GLU A 69 -1.79 -10.50 4.33
CA GLU A 69 -2.93 -10.61 5.26
C GLU A 69 -2.82 -9.64 6.45
N ILE A 70 -3.77 -8.71 6.58
CA ILE A 70 -3.76 -7.64 7.60
C ILE A 70 -5.15 -7.53 8.23
N ASN A 71 -5.24 -7.57 9.57
CA ASN A 71 -6.50 -7.63 10.33
C ASN A 71 -7.47 -8.72 9.80
N ASN A 72 -6.92 -9.90 9.50
CA ASN A 72 -7.55 -11.07 8.86
C ASN A 72 -8.26 -10.80 7.51
N LYS A 73 -7.91 -9.70 6.81
CA LYS A 73 -8.32 -9.41 5.42
C LYS A 73 -7.13 -9.61 4.47
N MET A 74 -7.38 -10.20 3.30
CA MET A 74 -6.38 -10.38 2.25
C MET A 74 -6.21 -9.10 1.44
N VAL A 75 -4.97 -8.68 1.19
CA VAL A 75 -4.60 -7.43 0.50
C VAL A 75 -3.51 -7.63 -0.54
N GLU A 76 -3.58 -6.83 -1.61
CA GLU A 76 -2.67 -6.92 -2.76
C GLU A 76 -1.54 -5.89 -2.67
N CYS A 77 -0.27 -6.34 -2.73
CA CYS A 77 0.88 -5.45 -2.90
C CYS A 77 1.21 -5.25 -4.39
N LYS A 78 1.73 -4.06 -4.74
CA LYS A 78 2.28 -3.73 -6.08
C LYS A 78 3.49 -2.80 -5.90
N LYS A 79 4.47 -2.84 -6.81
CA LYS A 79 5.53 -1.81 -6.85
C LYS A 79 4.91 -0.45 -7.19
N ALA A 80 5.16 0.57 -6.37
CA ALA A 80 4.54 1.87 -6.56
C ALA A 80 5.24 2.69 -7.65
N GLN A 81 4.44 3.42 -8.44
CA GLN A 81 4.93 4.45 -9.36
C GLN A 81 5.61 5.60 -8.59
N PRO A 82 6.49 6.39 -9.22
CA PRO A 82 7.26 7.43 -8.53
C PRO A 82 6.41 8.66 -8.14
N LYS A 83 5.29 8.89 -8.83
CA LYS A 83 4.29 9.95 -8.60
C LYS A 83 3.01 9.55 -9.35
N GLU A 84 2.19 10.52 -9.71
CA GLU A 84 0.88 10.36 -10.40
C GLU A 84 0.99 10.02 -11.91
N VAL A 85 2.06 9.34 -12.35
CA VAL A 85 2.33 8.99 -13.77
C VAL A 85 1.27 8.09 -14.44
N MET A 86 0.37 7.51 -13.65
CA MET A 86 -0.80 6.76 -14.11
C MET A 86 -1.82 7.64 -14.83
N SER A 87 -1.85 8.95 -14.53
CA SER A 87 -2.66 9.96 -15.22
C SER A 87 -2.02 11.36 -15.11
N PRO A 88 -1.08 11.71 -16.02
CA PRO A 88 -0.42 13.02 -16.02
C PRO A 88 -1.38 14.19 -16.31
N THR A 89 -0.99 15.40 -15.90
CA THR A 89 -1.76 16.65 -16.10
C THR A 89 -0.92 17.93 -16.23
N GLY A 90 -1.51 18.99 -16.77
CA GLY A 90 -0.86 20.28 -17.01
C GLY A 90 -1.71 21.21 -17.91
N SER A 91 -1.06 22.02 -18.74
CA SER A 91 -1.70 22.90 -19.74
C SER A 91 -2.39 22.15 -20.90
N ALA A 92 -2.20 20.83 -20.98
CA ALA A 92 -2.79 19.92 -21.97
C ALA A 92 -3.12 18.55 -21.32
N ARG A 93 -3.78 17.65 -22.09
CA ARG A 93 -4.14 16.29 -21.66
C ARG A 93 -2.93 15.43 -21.27
N GLY A 94 -3.18 14.33 -20.56
CA GLY A 94 -2.13 13.39 -20.11
C GLY A 94 -1.34 12.76 -21.26
N ARG A 95 -0.01 12.80 -21.17
CA ARG A 95 0.94 12.33 -22.19
C ARG A 95 2.31 12.01 -21.58
N SER A 96 3.13 11.24 -22.31
CA SER A 96 4.46 10.75 -21.91
C SER A 96 5.50 10.86 -23.04
N GLY A 1 15.39 -3.23 -10.34
CA GLY A 1 15.91 -2.12 -11.17
C GLY A 1 15.57 -0.77 -10.56
N SER A 2 16.56 0.14 -10.49
CA SER A 2 16.50 1.44 -9.81
C SER A 2 16.26 1.39 -8.29
N HIS A 3 16.52 2.50 -7.58
CA HIS A 3 16.46 2.63 -6.12
C HIS A 3 15.04 2.74 -5.54
N MET A 4 14.08 2.00 -6.10
CA MET A 4 12.67 2.01 -5.66
C MET A 4 12.49 1.33 -4.30
N LYS A 5 12.08 2.12 -3.29
CA LYS A 5 11.83 1.66 -1.91
C LYS A 5 10.36 1.75 -1.45
N LYS A 6 9.40 1.98 -2.36
CA LYS A 6 7.98 2.17 -2.02
C LYS A 6 7.05 1.18 -2.75
N ILE A 7 6.05 0.67 -2.03
CA ILE A 7 4.95 -0.15 -2.57
C ILE A 7 3.59 0.52 -2.34
N PHE A 8 2.68 0.18 -3.23
CA PHE A 8 1.24 0.38 -3.16
C PHE A 8 0.62 -0.85 -2.47
N VAL A 9 -0.35 -0.64 -1.59
CA VAL A 9 -1.08 -1.70 -0.86
C VAL A 9 -2.58 -1.46 -0.97
N GLY A 10 -3.29 -2.32 -1.70
CA GLY A 10 -4.72 -2.18 -2.00
C GLY A 10 -5.57 -3.34 -1.51
N GLY A 11 -6.81 -3.04 -1.11
CA GLY A 11 -7.77 -4.00 -0.55
C GLY A 11 -7.89 -3.97 0.98
N LEU A 12 -7.34 -2.93 1.64
CA LEU A 12 -7.43 -2.72 3.08
C LEU A 12 -8.89 -2.56 3.53
N SER A 13 -9.27 -3.15 4.66
CA SER A 13 -10.57 -2.87 5.29
C SER A 13 -10.60 -1.43 5.81
N VAL A 14 -11.73 -0.73 5.70
CA VAL A 14 -11.92 0.63 6.24
C VAL A 14 -11.75 0.75 7.77
N ASN A 15 -11.76 -0.40 8.47
CA ASN A 15 -11.43 -0.51 9.91
C ASN A 15 -9.92 -0.38 10.21
N THR A 16 -9.06 -0.62 9.22
CA THR A 16 -7.59 -0.59 9.34
C THR A 16 -7.04 0.83 9.50
N THR A 17 -5.97 0.98 10.27
CA THR A 17 -5.18 2.22 10.38
C THR A 17 -3.72 2.07 9.95
N VAL A 18 -3.07 3.19 9.62
CA VAL A 18 -1.70 3.23 9.05
C VAL A 18 -0.63 2.51 9.88
N GLU A 19 -0.76 2.55 11.21
CA GLU A 19 0.16 1.87 12.13
C GLU A 19 0.01 0.34 12.09
N ASP A 20 -1.17 -0.20 11.77
CA ASP A 20 -1.36 -1.63 11.53
C ASP A 20 -0.56 -2.00 10.27
N VAL A 21 -0.76 -1.26 9.18
CA VAL A 21 -0.12 -1.52 7.88
C VAL A 21 1.40 -1.49 7.99
N LYS A 22 1.97 -0.49 8.69
CA LYS A 22 3.42 -0.43 8.95
C LYS A 22 3.91 -1.66 9.73
N HIS A 23 3.23 -2.05 10.81
CA HIS A 23 3.57 -3.22 11.61
C HIS A 23 3.48 -4.55 10.83
N TYR A 24 2.47 -4.72 9.98
CA TYR A 24 2.36 -5.87 9.07
C TYR A 24 3.51 -6.07 8.07
N PHE A 25 4.17 -4.99 7.64
CA PHE A 25 5.35 -5.06 6.77
C PHE A 25 6.72 -5.18 7.46
N GLU A 26 6.82 -4.73 8.71
CA GLU A 26 8.01 -4.89 9.57
C GLU A 26 8.41 -6.34 9.85
N GLN A 27 7.51 -7.30 9.56
CA GLN A 27 7.75 -8.74 9.55
C GLN A 27 8.86 -9.14 8.57
N PHE A 28 8.83 -8.54 7.37
CA PHE A 28 9.75 -8.82 6.26
C PHE A 28 11.12 -8.14 6.35
N GLY A 29 11.15 -6.94 6.93
CA GLY A 29 12.32 -6.09 7.10
C GLY A 29 11.92 -4.68 7.53
N LYS A 30 12.89 -3.82 7.88
CA LYS A 30 12.62 -2.48 8.45
C LYS A 30 11.83 -1.59 7.49
N VAL A 31 10.71 -1.07 7.98
CA VAL A 31 9.83 -0.11 7.29
C VAL A 31 10.14 1.31 7.76
N ASP A 32 10.38 2.23 6.82
CA ASP A 32 10.64 3.64 7.07
C ASP A 32 9.39 4.43 7.45
N ASP A 33 8.32 4.31 6.67
CA ASP A 33 7.10 5.12 6.78
C ASP A 33 5.91 4.43 6.07
N ALA A 34 4.69 4.88 6.35
CA ALA A 34 3.45 4.45 5.70
C ALA A 34 2.41 5.60 5.66
N MET A 35 1.49 5.57 4.70
CA MET A 35 0.39 6.54 4.55
C MET A 35 -0.82 5.92 3.85
N LEU A 36 -2.04 6.19 4.35
CA LEU A 36 -3.30 5.74 3.73
C LEU A 36 -4.08 6.92 3.14
N MET A 37 -4.80 6.68 2.04
CA MET A 37 -5.52 7.70 1.28
C MET A 37 -6.88 8.03 1.91
N PHE A 38 -6.85 8.85 2.98
CA PHE A 38 -8.03 9.36 3.70
C PHE A 38 -8.98 10.29 2.95
N ASP A 39 -10.30 10.06 3.08
CA ASP A 39 -11.36 10.96 2.63
C ASP A 39 -11.37 12.29 3.40
N LYS A 40 -11.22 13.41 2.68
CA LYS A 40 -11.08 14.77 3.25
C LYS A 40 -12.29 15.24 4.07
N THR A 41 -13.43 14.58 3.91
CA THR A 41 -14.63 14.73 4.78
C THR A 41 -14.47 14.18 6.22
N THR A 42 -13.29 13.60 6.51
CA THR A 42 -12.93 12.96 7.78
C THR A 42 -13.61 11.63 8.11
N ASN A 43 -13.92 10.86 7.07
CA ASN A 43 -14.63 9.58 7.17
C ASN A 43 -13.68 8.38 7.45
N ARG A 44 -13.01 7.90 6.40
CA ARG A 44 -12.14 6.70 6.33
C ARG A 44 -11.29 6.73 5.06
N HIS A 45 -10.26 5.89 4.96
CA HIS A 45 -9.45 5.76 3.74
C HIS A 45 -10.17 4.98 2.63
N ARG A 46 -9.71 5.20 1.39
CA ARG A 46 -10.23 4.58 0.15
C ARG A 46 -9.98 3.06 0.01
N GLY A 47 -9.50 2.39 1.05
CA GLY A 47 -9.15 0.96 1.03
C GLY A 47 -7.75 0.67 0.47
N PHE A 48 -6.86 1.67 0.40
CA PHE A 48 -5.47 1.49 -0.03
C PHE A 48 -4.55 2.56 0.57
N GLY A 49 -3.25 2.33 0.44
CA GLY A 49 -2.21 3.31 0.76
C GLY A 49 -0.83 2.92 0.22
N PHE A 50 0.20 3.59 0.74
CA PHE A 50 1.62 3.38 0.43
C PHE A 50 2.49 3.01 1.62
N VAL A 51 3.56 2.25 1.39
CA VAL A 51 4.53 1.81 2.40
C VAL A 51 5.97 1.92 1.87
N THR A 52 6.83 2.59 2.63
CA THR A 52 8.26 2.86 2.32
C THR A 52 9.25 2.08 3.16
N PHE A 53 10.29 1.52 2.55
CA PHE A 53 11.23 0.56 3.14
C PHE A 53 12.65 1.09 3.40
N GLU A 54 13.38 0.45 4.30
CA GLU A 54 14.80 0.74 4.53
C GLU A 54 15.72 0.25 3.39
N SER A 55 15.32 -0.80 2.66
CA SER A 55 16.08 -1.39 1.55
C SER A 55 15.17 -1.85 0.41
N GLU A 56 15.65 -1.72 -0.83
CA GLU A 56 14.99 -2.24 -2.03
C GLU A 56 14.84 -3.77 -1.98
N ASP A 57 15.77 -4.46 -1.34
CA ASP A 57 15.73 -5.92 -1.17
C ASP A 57 14.50 -6.46 -0.42
N ILE A 58 13.97 -5.69 0.53
CA ILE A 58 12.70 -6.01 1.19
C ILE A 58 11.53 -5.77 0.23
N VAL A 59 11.55 -4.68 -0.54
CA VAL A 59 10.48 -4.39 -1.52
C VAL A 59 10.38 -5.53 -2.53
N GLU A 60 11.50 -6.05 -3.02
CA GLU A 60 11.53 -7.24 -3.88
C GLU A 60 10.92 -8.48 -3.20
N LYS A 61 11.31 -8.77 -1.94
CA LYS A 61 10.78 -9.91 -1.16
C LYS A 61 9.25 -9.83 -0.97
N VAL A 62 8.77 -8.67 -0.51
CA VAL A 62 7.35 -8.37 -0.26
C VAL A 62 6.54 -8.40 -1.57
N CYS A 63 7.07 -7.83 -2.65
CA CYS A 63 6.41 -7.79 -3.95
C CYS A 63 6.35 -9.18 -4.65
N GLU A 64 7.38 -10.02 -4.49
CA GLU A 64 7.36 -11.41 -5.00
C GLU A 64 6.29 -12.30 -4.34
N ILE A 65 5.90 -12.00 -3.09
CA ILE A 65 4.75 -12.63 -2.42
C ILE A 65 3.42 -12.17 -3.04
N HIS A 66 3.33 -10.87 -3.39
CA HIS A 66 2.24 -10.17 -4.09
C HIS A 66 0.90 -10.08 -3.33
N PHE A 67 0.45 -11.16 -2.68
CA PHE A 67 -0.74 -11.22 -1.83
C PHE A 67 -0.48 -11.43 -0.33
N HIS A 68 -0.97 -10.52 0.51
CA HIS A 68 -0.66 -10.42 1.95
C HIS A 68 -1.92 -10.33 2.81
N GLU A 69 -1.80 -10.65 4.11
CA GLU A 69 -2.91 -10.54 5.08
C GLU A 69 -2.71 -9.35 6.02
N ILE A 70 -3.72 -8.48 6.15
CA ILE A 70 -3.75 -7.33 7.06
C ILE A 70 -5.11 -7.26 7.74
N ASN A 71 -5.15 -7.27 9.08
CA ASN A 71 -6.38 -7.29 9.88
C ASN A 71 -7.36 -8.41 9.45
N ASN A 72 -6.81 -9.58 9.08
CA ASN A 72 -7.49 -10.74 8.50
C ASN A 72 -8.20 -10.50 7.14
N LYS A 73 -7.94 -9.37 6.48
CA LYS A 73 -8.34 -9.05 5.09
C LYS A 73 -7.18 -9.33 4.12
N MET A 74 -7.50 -9.78 2.90
CA MET A 74 -6.56 -10.04 1.82
C MET A 74 -6.22 -8.72 1.09
N VAL A 75 -4.93 -8.43 0.92
CA VAL A 75 -4.43 -7.24 0.20
C VAL A 75 -3.44 -7.58 -0.91
N GLU A 76 -3.47 -6.77 -1.97
CA GLU A 76 -2.49 -6.80 -3.06
C GLU A 76 -1.37 -5.78 -2.81
N CYS A 77 -0.11 -6.23 -2.89
CA CYS A 77 1.09 -5.39 -2.76
C CYS A 77 1.86 -5.35 -4.07
N LYS A 78 2.15 -4.14 -4.58
CA LYS A 78 2.73 -3.89 -5.90
C LYS A 78 3.59 -2.63 -5.89
N LYS A 79 4.65 -2.57 -6.72
CA LYS A 79 5.61 -1.45 -6.73
C LYS A 79 4.93 -0.12 -7.08
N ALA A 80 5.30 0.95 -6.39
CA ALA A 80 4.68 2.27 -6.57
C ALA A 80 5.00 2.87 -7.95
N GLN A 81 3.99 3.42 -8.62
CA GLN A 81 4.09 4.11 -9.92
C GLN A 81 3.53 5.55 -9.83
N PRO A 82 4.04 6.52 -10.63
CA PRO A 82 3.68 7.93 -10.49
C PRO A 82 2.18 8.27 -10.59
N LYS A 83 1.76 9.32 -9.87
CA LYS A 83 0.39 9.88 -9.87
C LYS A 83 -0.09 10.33 -11.25
N GLU A 84 0.85 10.72 -12.11
CA GLU A 84 0.65 11.13 -13.49
C GLU A 84 0.25 9.98 -14.44
N VAL A 85 0.64 8.74 -14.12
CA VAL A 85 0.50 7.54 -14.98
C VAL A 85 -0.46 6.46 -14.46
N MET A 86 -1.14 6.74 -13.34
CA MET A 86 -2.00 5.81 -12.60
C MET A 86 -3.42 6.39 -12.48
N SER A 87 -4.36 5.72 -13.15
CA SER A 87 -5.82 5.93 -13.03
C SER A 87 -6.56 4.60 -12.78
N PRO A 88 -7.56 4.54 -11.87
CA PRO A 88 -8.34 3.33 -11.61
C PRO A 88 -9.39 3.04 -12.70
N THR A 89 -9.67 4.00 -13.59
CA THR A 89 -10.70 3.96 -14.66
C THR A 89 -12.18 3.79 -14.28
N GLY A 90 -12.47 3.26 -13.09
CA GLY A 90 -13.81 3.17 -12.49
C GLY A 90 -13.73 2.84 -10.99
N SER A 91 -14.61 3.45 -10.19
CA SER A 91 -14.60 3.34 -8.72
C SER A 91 -15.38 2.12 -8.19
N ALA A 92 -14.74 1.33 -7.32
CA ALA A 92 -15.39 0.26 -6.55
C ALA A 92 -16.20 0.79 -5.34
N ARG A 93 -15.78 1.94 -4.79
CA ARG A 93 -16.42 2.70 -3.70
C ARG A 93 -17.81 3.24 -4.07
N GLY A 94 -18.53 3.76 -3.08
CA GLY A 94 -19.85 4.40 -3.27
C GLY A 94 -21.04 3.44 -3.17
N ARG A 95 -20.90 2.35 -2.40
CA ARG A 95 -21.93 1.34 -2.10
C ARG A 95 -21.90 0.88 -0.64
N SER A 96 -22.99 0.28 -0.17
CA SER A 96 -23.22 -0.16 1.22
C SER A 96 -22.13 -1.09 1.75
#